data_7LR2
#
_entry.id   7LR2
#
_cell.length_a   105.559
_cell.length_b   143.486
_cell.length_c   155.893
_cell.angle_alpha   90.000
_cell.angle_beta   90.000
_cell.angle_gamma   90.000
#
_symmetry.space_group_name_H-M   'P 21 21 21'
#
loop_
_entity.id
_entity.type
_entity.pdbx_description
1 polymer 'Glycosyl hydrolase BlGH5_18'
2 non-polymer 1,2-ETHANEDIOL
3 non-polymer 2-acetamido-2-deoxy-beta-D-glucopyranose
4 non-polymer 'SULFATE ION'
5 water water
#
_entity_poly.entity_id   1
_entity_poly.type   'polypeptide(L)'
_entity_poly.pdbx_seq_one_letter_code
;MGSSHHHHHHSSGLVPRGSHMKFGVNYTPSHGWFHAWLDPDWDGIDNDLKQISELGMDHVRIFPIWPYLQPNRTWINKKG
VADVRRMVHIAGEHGLDAYVDVFQGHLSSFDFLPSWLVTWHAGNMFTDADAVAAERELVKTMTDELSKEPAFKGLTLGNE
VNQLSDRPHPTKMSATDRQIDAWLDALLPTAAGEGHNALYSVNDGTWFIDGHPFTPVQSATKGDMTVIHSWVFNGIAQGY
GATSEECSSYALYLAELAKAFGKDSERPVWLQEVGAPENVLETDYTPEFCRKTVERAMDCRNLWGVTWWCSHDVPASMED
FPFFEHSLGLFDEQGQLKPIGRTFGELAAQYRSALPAQPKTVAVVIDVDEAGNPVNRSALGPGGSVCDLWMKLQVAGQRP
TIITSQVAANQEALAQRGILELHADEHPYAARYYTAVSDPSFETAD
;
_entity_poly.pdbx_strand_id   A,B,C,D
#
loop_
_chem_comp.id
_chem_comp.type
_chem_comp.name
_chem_comp.formula
EDO non-polymer 1,2-ETHANEDIOL 'C2 H6 O2'
NAG D-saccharide, beta linking 2-acetamido-2-deoxy-beta-D-glucopyranose 'C8 H15 N O6'
SO4 non-polymer 'SULFATE ION' 'O4 S -2'
#
# COMPACT_ATOMS: atom_id res chain seq x y z
N HIS A 20 2.44 25.36 -3.90
CA HIS A 20 3.51 26.23 -4.36
C HIS A 20 3.19 26.83 -5.73
N MET A 21 3.02 28.15 -5.77
CA MET A 21 2.88 28.88 -7.01
C MET A 21 4.09 29.78 -7.15
N LYS A 22 4.75 29.73 -8.30
CA LYS A 22 5.99 30.46 -8.48
C LYS A 22 5.72 31.89 -8.98
N PHE A 23 6.40 32.86 -8.39
CA PHE A 23 6.26 34.25 -8.81
C PHE A 23 7.62 34.82 -9.17
N GLY A 24 7.74 35.39 -10.37
CA GLY A 24 9.02 35.87 -10.84
C GLY A 24 8.88 36.98 -11.86
N VAL A 25 10.00 37.37 -12.48
CA VAL A 25 9.97 38.42 -13.49
C VAL A 25 10.91 38.06 -14.63
N ASN A 26 10.53 38.51 -15.83
CA ASN A 26 11.47 38.63 -16.92
C ASN A 26 12.39 39.80 -16.61
N TYR A 27 13.69 39.52 -16.54
CA TYR A 27 14.66 40.50 -16.05
C TYR A 27 15.15 41.36 -17.21
N THR A 28 14.79 42.65 -17.20
CA THR A 28 15.31 43.64 -18.14
C THR A 28 16.32 44.52 -17.42
N PRO A 29 17.63 44.37 -17.66
CA PRO A 29 18.64 45.17 -16.94
C PRO A 29 18.34 46.67 -16.95
N SER A 30 18.29 47.28 -15.76
CA SER A 30 17.89 48.67 -15.65
C SER A 30 18.85 49.59 -16.40
N HIS A 31 20.14 49.24 -16.41
CA HIS A 31 21.14 50.06 -17.09
C HIS A 31 21.54 49.36 -18.37
N GLY A 32 21.10 49.91 -19.50
CA GLY A 32 21.49 49.40 -20.79
C GLY A 32 20.61 48.35 -21.42
N TRP A 33 19.55 47.88 -20.74
CA TRP A 33 18.65 46.90 -21.35
C TRP A 33 19.49 45.69 -21.76
N PHE A 34 19.13 44.99 -22.84
CA PHE A 34 19.93 43.85 -23.23
C PHE A 34 21.17 44.28 -24.04
N HIS A 35 21.38 45.57 -24.22
CA HIS A 35 22.68 46.03 -24.66
C HIS A 35 23.68 46.02 -23.52
N ALA A 36 23.24 45.71 -22.29
CA ALA A 36 24.16 45.54 -21.18
C ALA A 36 25.19 44.44 -21.45
N TRP A 37 24.83 43.41 -22.23
CA TRP A 37 25.79 42.34 -22.52
C TRP A 37 27.06 42.88 -23.18
N LEU A 38 26.94 43.95 -23.99
CA LEU A 38 28.10 44.57 -24.63
C LEU A 38 29.00 45.31 -23.65
N ASP A 39 28.47 45.70 -22.50
CA ASP A 39 29.22 46.48 -21.51
C ASP A 39 28.51 46.37 -20.16
N PRO A 40 28.65 45.23 -19.47
CA PRO A 40 27.83 44.97 -18.27
C PRO A 40 28.31 45.79 -17.09
N ASP A 41 27.37 46.50 -16.46
CA ASP A 41 27.58 47.09 -15.13
C ASP A 41 27.14 46.06 -14.11
N TRP A 42 28.10 45.28 -13.60
CA TRP A 42 27.77 44.16 -12.72
C TRP A 42 27.28 44.63 -11.36
N ASP A 43 27.70 45.80 -10.88
CA ASP A 43 27.11 46.31 -9.65
C ASP A 43 25.62 46.57 -9.81
N GLY A 44 25.24 47.30 -10.85
CA GLY A 44 23.84 47.58 -11.09
C GLY A 44 23.03 46.34 -11.41
N ILE A 45 23.64 45.36 -12.06
CA ILE A 45 22.96 44.08 -12.25
C ILE A 45 22.77 43.37 -10.89
N ASP A 46 23.76 43.48 -9.99
CA ASP A 46 23.56 42.94 -8.65
C ASP A 46 22.44 43.71 -7.93
N ASN A 47 22.41 45.04 -8.08
CA ASN A 47 21.33 45.81 -7.46
C ASN A 47 19.98 45.43 -8.02
N ASP A 48 19.91 45.25 -9.34
CA ASP A 48 18.68 44.83 -10.00
C ASP A 48 18.12 43.59 -9.36
N LEU A 49 18.93 42.53 -9.36
CA LEU A 49 18.50 41.25 -8.82
C LEU A 49 18.29 41.30 -7.30
N LYS A 50 18.91 42.26 -6.60
CA LYS A 50 18.63 42.38 -5.18
C LYS A 50 17.23 42.94 -4.95
N GLN A 51 16.90 44.04 -5.63
CA GLN A 51 15.53 44.57 -5.67
C GLN A 51 14.51 43.47 -5.92
N ILE A 52 14.70 42.72 -7.01
CA ILE A 52 13.77 41.69 -7.41
C ILE A 52 13.61 40.68 -6.28
N SER A 53 14.72 40.27 -5.66
CA SER A 53 14.65 39.32 -4.56
C SER A 53 13.94 39.90 -3.35
N GLU A 54 14.23 41.15 -3.01
CA GLU A 54 13.58 41.80 -1.88
C GLU A 54 12.06 41.97 -2.08
N LEU A 55 11.58 42.01 -3.31
CA LEU A 55 10.17 42.17 -3.60
C LEU A 55 9.37 40.89 -3.38
N GLY A 56 10.03 39.77 -3.13
CA GLY A 56 9.35 38.51 -2.92
C GLY A 56 9.34 37.57 -4.10
N MET A 57 9.94 37.95 -5.23
CA MET A 57 10.06 37.06 -6.38
C MET A 57 10.95 35.87 -6.06
N ASP A 58 10.63 34.71 -6.64
CA ASP A 58 11.42 33.51 -6.41
C ASP A 58 12.21 33.05 -7.64
N HIS A 59 12.16 33.79 -8.75
CA HIS A 59 12.89 33.39 -9.95
C HIS A 59 12.96 34.56 -10.92
N VAL A 60 13.95 34.50 -11.82
CA VAL A 60 14.06 35.46 -12.92
C VAL A 60 14.22 34.68 -14.21
N ARG A 61 13.81 35.29 -15.32
CA ARG A 61 14.06 34.80 -16.66
C ARG A 61 14.97 35.80 -17.36
N ILE A 62 16.05 35.30 -17.99
CA ILE A 62 17.09 36.18 -18.53
C ILE A 62 17.38 35.86 -19.99
N PHE A 63 17.83 36.87 -20.71
CA PHE A 63 17.86 36.84 -22.18
C PHE A 63 19.22 37.25 -22.72
N PRO A 64 20.12 36.30 -22.94
CA PRO A 64 21.32 36.57 -23.76
C PRO A 64 20.92 36.86 -25.20
N ILE A 65 21.91 37.30 -25.97
CA ILE A 65 21.71 37.71 -27.36
C ILE A 65 22.47 36.73 -28.26
N TRP A 66 21.74 36.10 -29.17
CA TRP A 66 22.28 35.01 -29.98
C TRP A 66 23.53 35.41 -30.77
N PRO A 67 23.53 36.49 -31.56
CA PRO A 67 24.77 36.82 -32.31
C PRO A 67 25.96 37.25 -31.44
N TYR A 68 25.77 37.54 -30.15
CA TYR A 68 26.92 37.73 -29.28
C TYR A 68 27.48 36.40 -28.78
N LEU A 69 26.61 35.40 -28.60
CA LEU A 69 27.06 34.09 -28.18
C LEU A 69 27.72 33.32 -29.32
N GLN A 70 27.26 33.52 -30.55
CA GLN A 70 27.63 32.66 -31.69
C GLN A 70 27.78 33.51 -32.94
N PRO A 71 28.84 34.34 -33.02
CA PRO A 71 28.98 35.25 -34.18
C PRO A 71 29.30 34.54 -35.49
N ASN A 72 29.89 33.37 -35.41
CA ASN A 72 30.14 32.50 -36.54
C ASN A 72 29.48 31.16 -36.26
N ARG A 73 29.00 30.49 -37.32
CA ARG A 73 28.26 29.24 -37.13
C ARG A 73 29.06 28.22 -36.32
N THR A 74 30.38 28.17 -36.51
CA THR A 74 31.21 27.21 -35.81
C THR A 74 32.13 27.85 -34.78
N TRP A 75 31.73 28.96 -34.19
CA TRP A 75 32.64 29.64 -33.27
C TRP A 75 31.82 30.33 -32.19
N ILE A 76 31.95 29.84 -30.97
CA ILE A 76 31.17 30.32 -29.84
C ILE A 76 32.04 31.25 -29.00
N ASN A 77 31.44 32.34 -28.53
CA ASN A 77 32.11 33.35 -27.73
C ASN A 77 32.08 32.91 -26.27
N LYS A 78 33.23 32.41 -25.76
CA LYS A 78 33.27 31.85 -24.41
C LYS A 78 33.03 32.90 -23.34
N LYS A 79 33.48 34.13 -23.56
CA LYS A 79 33.24 35.18 -22.57
C LYS A 79 31.76 35.51 -22.47
N GLY A 80 31.04 35.50 -23.60
CA GLY A 80 29.59 35.73 -23.53
C GLY A 80 28.87 34.63 -22.75
N VAL A 81 29.23 33.38 -23.01
CA VAL A 81 28.71 32.29 -22.20
C VAL A 81 29.04 32.52 -20.73
N ALA A 82 30.27 32.93 -20.46
CA ALA A 82 30.67 33.13 -19.07
C ALA A 82 29.87 34.24 -18.41
N ASP A 83 29.52 35.29 -19.16
CA ASP A 83 28.73 36.39 -18.59
C ASP A 83 27.31 35.95 -18.27
N VAL A 84 26.72 35.08 -19.11
CA VAL A 84 25.41 34.54 -18.78
C VAL A 84 25.49 33.74 -17.49
N ARG A 85 26.53 32.91 -17.36
CA ARG A 85 26.76 32.21 -16.11
C ARG A 85 26.88 33.18 -14.95
N ARG A 86 27.70 34.23 -15.12
CA ARG A 86 27.87 35.18 -14.03
C ARG A 86 26.53 35.82 -13.65
N MET A 87 25.65 36.05 -14.64
CA MET A 87 24.33 36.59 -14.31
C MET A 87 23.51 35.58 -13.51
N VAL A 88 23.47 34.34 -13.97
CA VAL A 88 22.76 33.29 -13.24
C VAL A 88 23.27 33.22 -11.81
N HIS A 89 24.59 33.14 -11.66
CA HIS A 89 25.21 33.06 -10.35
C HIS A 89 24.77 34.21 -9.45
N ILE A 90 24.70 35.43 -9.99
CA ILE A 90 24.32 36.56 -9.15
C ILE A 90 22.88 36.45 -8.71
N ALA A 91 21.98 36.00 -9.59
CA ALA A 91 20.63 35.73 -9.14
C ALA A 91 20.63 34.71 -7.99
N GLY A 92 21.47 33.68 -8.08
CA GLY A 92 21.52 32.68 -7.02
C GLY A 92 21.94 33.26 -5.68
N GLU A 93 22.87 34.22 -5.69
CA GLU A 93 23.33 34.85 -4.44
C GLU A 93 22.17 35.45 -3.66
N HIS A 94 21.12 35.88 -4.37
CA HIS A 94 19.95 36.48 -3.74
C HIS A 94 18.76 35.54 -3.71
N GLY A 95 19.01 34.23 -3.68
CA GLY A 95 17.92 33.29 -3.53
C GLY A 95 16.94 33.23 -4.69
N LEU A 96 17.34 33.66 -5.88
CA LEU A 96 16.49 33.56 -7.06
C LEU A 96 16.90 32.34 -7.88
N ASP A 97 15.90 31.64 -8.41
CA ASP A 97 16.12 30.67 -9.47
C ASP A 97 16.24 31.39 -10.81
N ALA A 98 16.94 30.75 -11.75
CA ALA A 98 17.29 31.38 -13.02
C ALA A 98 16.88 30.50 -14.19
N TYR A 99 16.05 31.06 -15.07
CA TYR A 99 15.66 30.42 -16.32
C TYR A 99 16.24 31.25 -17.48
N VAL A 100 16.84 30.56 -18.45
CA VAL A 100 17.62 31.18 -19.51
C VAL A 100 17.04 30.82 -20.88
N ASP A 101 16.74 31.83 -21.69
CA ASP A 101 16.42 31.64 -23.10
C ASP A 101 17.69 31.72 -23.93
N VAL A 102 17.76 30.98 -25.01
CA VAL A 102 18.98 31.02 -25.79
C VAL A 102 18.87 31.88 -27.05
N PHE A 103 17.89 31.61 -27.91
CA PHE A 103 17.92 32.17 -29.26
C PHE A 103 17.15 33.47 -29.33
N GLN A 104 17.77 34.54 -28.84
CA GLN A 104 17.28 35.89 -29.09
C GLN A 104 18.20 36.47 -30.14
N GLY A 105 17.74 36.53 -31.39
CA GLY A 105 16.35 36.22 -31.70
C GLY A 105 15.49 37.44 -31.44
N HIS A 106 14.20 37.24 -31.13
CA HIS A 106 13.26 38.35 -31.02
C HIS A 106 13.14 38.91 -29.59
N LEU A 107 13.27 40.23 -29.47
CA LEU A 107 13.07 40.93 -28.19
C LEU A 107 12.41 42.29 -28.43
N SER A 108 11.14 42.41 -28.03
CA SER A 108 10.44 43.71 -27.99
C SER A 108 10.49 44.42 -29.33
N SER A 109 10.15 43.69 -30.39
CA SER A 109 10.01 44.13 -31.78
C SER A 109 11.36 44.20 -32.50
N PHE A 110 12.48 43.92 -31.83
CA PHE A 110 13.77 43.83 -32.50
C PHE A 110 14.18 42.38 -32.71
N ASP A 111 14.86 42.12 -33.83
CA ASP A 111 15.47 40.83 -34.15
C ASP A 111 17.00 40.93 -34.12
N PHE A 112 17.63 40.07 -33.31
CA PHE A 112 19.09 39.96 -33.23
C PHE A 112 19.50 38.65 -33.92
N LEU A 113 19.99 38.77 -35.16
CA LEU A 113 20.22 37.58 -35.93
C LEU A 113 21.67 37.44 -36.33
N PRO A 114 22.25 36.24 -36.21
CA PRO A 114 23.64 36.02 -36.61
C PRO A 114 23.86 36.37 -38.08
N SER A 115 25.03 36.96 -38.37
CA SER A 115 25.32 37.34 -39.74
C SER A 115 25.50 36.13 -40.66
N TRP A 116 25.67 34.92 -40.13
CA TRP A 116 25.72 33.73 -40.97
C TRP A 116 24.33 33.18 -41.30
N LEU A 117 23.26 33.92 -41.00
CA LEU A 117 21.91 33.56 -41.41
C LEU A 117 21.21 34.65 -42.21
N VAL A 118 21.89 35.75 -42.56
CA VAL A 118 21.24 36.90 -43.19
C VAL A 118 21.99 37.33 -44.44
N THR A 119 21.31 38.19 -45.21
CA THR A 119 21.73 38.74 -46.50
C THR A 119 22.39 37.67 -47.34
N TRP A 120 23.70 37.81 -47.62
CA TRP A 120 24.34 36.84 -48.51
C TRP A 120 24.43 35.45 -47.89
N HIS A 121 24.19 35.33 -46.58
CA HIS A 121 24.19 34.05 -45.87
C HIS A 121 22.79 33.70 -45.39
N ALA A 122 21.77 34.24 -46.06
CA ALA A 122 20.38 33.99 -45.74
C ALA A 122 20.11 32.50 -45.64
N GLY A 123 19.68 32.06 -44.45
CA GLY A 123 19.39 30.67 -44.22
C GLY A 123 18.07 30.51 -43.49
N ASN A 124 17.64 29.26 -43.38
CA ASN A 124 16.47 28.88 -42.60
C ASN A 124 16.94 28.24 -41.30
N MET A 125 16.63 28.89 -40.17
CA MET A 125 17.11 28.41 -38.88
C MET A 125 16.36 27.19 -38.36
N PHE A 126 15.28 26.78 -39.03
CA PHE A 126 14.54 25.59 -38.63
C PHE A 126 14.86 24.37 -39.48
N THR A 127 15.22 24.57 -40.75
CA THR A 127 15.32 23.48 -41.71
C THR A 127 16.73 23.23 -42.26
N ASP A 128 17.67 24.17 -42.11
CA ASP A 128 19.04 23.94 -42.59
C ASP A 128 19.81 23.09 -41.57
N ALA A 129 20.20 21.89 -41.99
CA ALA A 129 20.92 20.97 -41.10
C ALA A 129 22.14 21.64 -40.47
N ASP A 130 22.86 22.46 -41.24
CA ASP A 130 24.00 23.17 -40.67
C ASP A 130 23.58 24.09 -39.55
N ALA A 131 22.49 24.83 -39.73
CA ALA A 131 22.06 25.76 -38.69
C ALA A 131 21.54 25.00 -37.46
N VAL A 132 20.79 23.93 -37.67
CA VAL A 132 20.28 23.15 -36.56
C VAL A 132 21.41 22.47 -35.81
N ALA A 133 22.47 22.09 -36.52
CA ALA A 133 23.62 21.55 -35.81
C ALA A 133 24.32 22.63 -34.98
N ALA A 134 24.49 23.84 -35.52
CA ALA A 134 25.09 24.90 -34.72
C ALA A 134 24.21 25.25 -33.54
N GLU A 135 22.88 25.26 -33.74
CA GLU A 135 21.95 25.52 -32.65
C GLU A 135 22.10 24.49 -31.52
N ARG A 136 22.21 23.20 -31.86
CA ARG A 136 22.38 22.18 -30.83
C ARG A 136 23.69 22.41 -30.09
N GLU A 137 24.75 22.75 -30.82
CA GLU A 137 26.04 22.94 -30.16
C GLU A 137 25.99 24.11 -29.18
N LEU A 138 25.24 25.17 -29.51
CA LEU A 138 25.10 26.27 -28.56
C LEU A 138 24.29 25.84 -27.34
N VAL A 139 23.16 25.16 -27.55
CA VAL A 139 22.34 24.70 -26.44
C VAL A 139 23.15 23.80 -25.51
N LYS A 140 23.81 22.78 -26.08
CA LYS A 140 24.69 21.91 -25.31
C LYS A 140 25.71 22.70 -24.50
N THR A 141 26.39 23.67 -25.15
CA THR A 141 27.41 24.46 -24.46
C THR A 141 26.79 25.25 -23.30
N MET A 142 25.72 25.98 -23.56
CA MET A 142 25.04 26.73 -22.52
C MET A 142 24.55 25.82 -21.41
N THR A 143 23.98 24.68 -21.76
CA THR A 143 23.44 23.80 -20.72
C THR A 143 24.56 23.26 -19.86
N ASP A 144 25.67 22.84 -20.48
CA ASP A 144 26.76 22.24 -19.71
C ASP A 144 27.37 23.26 -18.76
N GLU A 145 27.39 24.52 -19.15
CA GLU A 145 28.10 25.51 -18.36
C GLU A 145 27.19 26.11 -17.29
N LEU A 146 25.93 26.38 -17.64
CA LEU A 146 24.99 26.91 -16.66
C LEU A 146 24.63 25.84 -15.63
N SER A 147 24.64 24.57 -16.02
CA SER A 147 24.42 23.48 -15.07
C SER A 147 25.35 23.53 -13.89
N LYS A 148 26.50 24.22 -14.01
CA LYS A 148 27.44 24.37 -12.90
C LYS A 148 26.93 25.30 -11.81
N GLU A 149 25.87 26.07 -12.06
CA GLU A 149 25.26 26.91 -11.03
C GLU A 149 24.03 26.23 -10.49
N PRO A 150 23.92 26.01 -9.17
CA PRO A 150 22.67 25.46 -8.62
C PRO A 150 21.45 26.34 -8.91
N ALA A 151 21.63 27.65 -9.00
CA ALA A 151 20.53 28.55 -9.33
C ALA A 151 19.96 28.34 -10.73
N PHE A 152 20.62 27.55 -11.58
CA PHE A 152 20.13 27.31 -12.95
C PHE A 152 19.04 26.25 -12.89
N LYS A 153 17.81 26.62 -13.24
CA LYS A 153 16.67 25.73 -13.10
C LYS A 153 15.92 25.46 -14.39
N GLY A 154 16.27 26.12 -15.50
CA GLY A 154 15.60 25.80 -16.74
C GLY A 154 16.06 26.56 -17.97
N LEU A 155 15.93 25.90 -19.13
CA LEU A 155 16.40 26.42 -20.40
C LEU A 155 15.22 26.51 -21.35
N THR A 156 14.93 27.71 -21.83
CA THR A 156 14.01 27.91 -22.94
C THR A 156 14.81 28.13 -24.22
N LEU A 157 14.48 27.35 -25.26
CA LEU A 157 15.21 27.44 -26.53
C LEU A 157 15.37 28.90 -26.98
N GLY A 158 14.30 29.68 -26.89
CA GLY A 158 14.37 31.10 -27.20
C GLY A 158 13.01 31.74 -27.03
N ASN A 159 13.00 33.08 -27.07
CA ASN A 159 11.79 33.85 -26.85
C ASN A 159 10.96 33.93 -28.12
N GLU A 160 9.75 33.36 -28.07
CA GLU A 160 8.79 33.42 -29.17
C GLU A 160 9.45 33.09 -30.51
N VAL A 161 10.10 31.92 -30.54
CA VAL A 161 10.85 31.50 -31.71
C VAL A 161 9.95 31.26 -32.91
N ASN A 162 8.64 31.10 -32.70
CA ASN A 162 7.71 30.89 -33.81
C ASN A 162 7.53 32.12 -34.69
N GLN A 163 7.79 33.32 -34.17
CA GLN A 163 7.51 34.56 -34.90
C GLN A 163 8.27 34.64 -36.23
N LEU A 164 9.45 34.02 -36.29
CA LEU A 164 10.28 34.02 -37.51
C LEU A 164 9.81 33.02 -38.56
N SER A 165 8.83 32.18 -38.28
CA SER A 165 8.53 31.04 -39.15
C SER A 165 7.36 31.26 -40.10
N ASP A 166 6.74 32.44 -40.11
CA ASP A 166 5.52 32.58 -40.89
C ASP A 166 5.14 34.05 -40.94
N ARG A 167 4.23 34.38 -41.87
CA ARG A 167 3.70 35.73 -41.95
C ARG A 167 3.22 36.15 -40.56
N PRO A 168 3.30 37.44 -40.20
CA PRO A 168 3.71 38.55 -41.06
C PRO A 168 5.21 38.94 -41.01
N HIS A 169 6.12 37.99 -40.79
CA HIS A 169 7.53 38.36 -40.70
C HIS A 169 8.08 38.77 -42.07
N PRO A 170 8.72 39.93 -42.18
CA PRO A 170 9.18 40.40 -43.50
C PRO A 170 10.26 39.54 -44.15
N THR A 171 11.08 38.82 -43.35
CA THR A 171 12.10 37.89 -43.88
C THR A 171 11.88 36.51 -43.24
N LYS A 172 10.77 35.87 -43.57
CA LYS A 172 10.37 34.68 -42.82
C LYS A 172 11.19 33.47 -43.23
N MET A 173 11.49 32.61 -42.26
CA MET A 173 12.09 31.29 -42.48
C MET A 173 10.97 30.27 -42.34
N SER A 174 10.36 29.91 -43.46
CA SER A 174 9.11 29.16 -43.41
C SER A 174 9.38 27.67 -43.25
N ALA A 175 8.34 26.95 -42.82
CA ALA A 175 8.47 25.53 -42.46
C ALA A 175 7.09 24.93 -42.36
N THR A 176 7.04 23.61 -42.50
CA THR A 176 5.83 22.88 -42.18
C THR A 176 5.83 22.54 -40.70
N ASP A 177 4.63 22.23 -40.18
CA ASP A 177 4.54 21.81 -38.78
C ASP A 177 5.32 20.52 -38.54
N ARG A 178 5.42 19.67 -39.56
CA ARG A 178 6.27 18.48 -39.47
C ARG A 178 7.73 18.87 -39.26
N GLN A 179 8.24 19.82 -40.05
CA GLN A 179 9.62 20.25 -39.85
C GLN A 179 9.81 20.91 -38.51
N ILE A 180 8.76 21.56 -37.96
CA ILE A 180 8.90 22.15 -36.63
C ILE A 180 8.88 21.05 -35.57
N ASP A 181 8.13 19.97 -35.78
CA ASP A 181 8.28 18.78 -34.94
C ASP A 181 9.73 18.34 -34.93
N ALA A 182 10.33 18.26 -36.13
CA ALA A 182 11.70 17.79 -36.24
C ALA A 182 12.68 18.74 -35.58
N TRP A 183 12.45 20.05 -35.73
CA TRP A 183 13.32 21.04 -35.13
C TRP A 183 13.27 20.96 -33.61
N LEU A 184 12.07 21.01 -33.03
CA LEU A 184 11.95 20.93 -31.57
C LEU A 184 12.56 19.64 -31.05
N ASP A 185 12.34 18.53 -31.76
CA ASP A 185 12.86 17.24 -31.33
C ASP A 185 14.38 17.17 -31.44
N ALA A 186 14.97 17.89 -32.42
CA ALA A 186 16.41 17.90 -32.53
C ALA A 186 17.08 18.77 -31.46
N LEU A 187 16.34 19.72 -30.86
CA LEU A 187 16.95 20.66 -29.93
C LEU A 187 16.68 20.34 -28.45
N LEU A 188 15.47 19.95 -28.09
CA LEU A 188 15.10 19.87 -26.67
C LEU A 188 15.86 18.80 -25.88
N PRO A 189 16.15 17.61 -26.46
CA PRO A 189 17.03 16.67 -25.74
C PRO A 189 18.35 17.30 -25.32
N THR A 190 18.94 18.12 -26.19
CA THR A 190 20.22 18.72 -25.85
C THR A 190 20.10 19.67 -24.67
N ALA A 191 18.94 20.32 -24.51
CA ALA A 191 18.70 21.17 -23.34
C ALA A 191 18.41 20.39 -22.06
N ALA A 192 18.19 19.09 -22.13
CA ALA A 192 17.78 18.38 -20.94
C ALA A 192 18.97 18.16 -20.00
N GLY A 193 18.67 17.80 -18.76
CA GLY A 193 19.70 17.54 -17.79
C GLY A 193 19.21 17.60 -16.37
N GLU A 194 19.77 16.74 -15.52
CA GLU A 194 19.36 16.66 -14.12
C GLU A 194 19.45 18.04 -13.46
N GLY A 195 18.36 18.45 -12.82
CA GLY A 195 18.33 19.69 -12.07
C GLY A 195 17.78 20.91 -12.79
N HIS A 196 17.21 20.75 -13.99
CA HIS A 196 16.63 21.89 -14.70
C HIS A 196 15.63 21.38 -15.73
N ASN A 197 14.74 22.28 -16.14
CA ASN A 197 13.74 22.05 -17.17
C ASN A 197 14.29 22.34 -18.57
N ALA A 198 13.63 21.73 -19.55
CA ALA A 198 13.81 22.07 -20.95
C ALA A 198 12.47 22.54 -21.51
N LEU A 199 12.47 23.72 -22.13
CA LEU A 199 11.27 24.36 -22.64
C LEU A 199 11.57 25.08 -23.96
N TYR A 200 10.51 25.50 -24.63
CA TYR A 200 10.58 26.57 -25.63
C TYR A 200 9.39 27.49 -25.39
N SER A 201 9.26 28.51 -26.23
CA SER A 201 8.22 29.50 -26.04
C SER A 201 7.80 30.04 -27.39
N VAL A 202 6.56 30.50 -27.46
CA VAL A 202 5.93 30.97 -28.69
C VAL A 202 5.13 32.22 -28.34
N ASN A 203 4.71 32.94 -29.38
CA ASN A 203 3.74 33.98 -29.20
C ASN A 203 2.36 33.39 -29.50
N ASP A 204 1.31 34.19 -29.31
CA ASP A 204 -0.02 33.58 -29.34
C ASP A 204 -0.52 33.25 -30.76
N GLY A 205 0.27 33.52 -31.80
CA GLY A 205 -0.08 33.05 -33.13
C GLY A 205 -0.17 31.54 -33.22
N THR A 206 0.45 30.84 -32.26
CA THR A 206 0.42 29.37 -32.27
C THR A 206 -1.01 28.84 -32.12
N TRP A 207 -1.84 29.55 -31.36
CA TRP A 207 -3.24 29.16 -31.23
C TRP A 207 -4.18 29.92 -32.14
N PHE A 208 -3.81 31.10 -32.62
CA PHE A 208 -4.77 32.00 -33.25
C PHE A 208 -4.63 32.13 -34.76
N ILE A 209 -3.55 31.64 -35.36
CA ILE A 209 -3.32 31.78 -36.79
C ILE A 209 -3.47 30.42 -37.46
N ASP A 210 -4.40 30.32 -38.42
CA ASP A 210 -4.51 29.12 -39.23
C ASP A 210 -3.28 28.93 -40.12
N GLY A 211 -2.79 27.70 -40.20
CA GLY A 211 -1.67 27.36 -41.04
C GLY A 211 -0.32 27.55 -40.38
N HIS A 212 -0.27 28.28 -39.29
CA HIS A 212 0.99 28.54 -38.61
C HIS A 212 1.67 27.23 -38.23
N PRO A 213 2.97 27.07 -38.49
CA PRO A 213 3.62 25.75 -38.34
C PRO A 213 4.06 25.42 -36.92
N PHE A 214 4.05 26.37 -35.98
CA PHE A 214 4.08 26.04 -34.57
C PHE A 214 2.63 25.85 -34.12
N THR A 215 2.36 24.72 -33.47
CA THR A 215 0.99 24.24 -33.28
C THR A 215 0.64 24.11 -31.80
N PRO A 216 -0.66 24.12 -31.47
CA PRO A 216 -1.05 23.91 -30.07
C PRO A 216 -0.65 22.54 -29.53
N VAL A 217 -0.60 21.52 -30.40
CA VAL A 217 -0.20 20.20 -29.94
C VAL A 217 1.29 20.16 -29.60
N GLN A 218 2.15 20.80 -30.41
CA GLN A 218 3.55 20.89 -30.03
C GLN A 218 3.70 21.52 -28.65
N SER A 219 3.02 22.66 -28.45
CA SER A 219 3.20 23.43 -27.21
C SER A 219 2.82 22.62 -25.98
N ALA A 220 1.82 21.75 -26.09
CA ALA A 220 1.36 20.98 -24.94
C ALA A 220 1.87 19.54 -24.95
N THR A 221 2.92 19.24 -25.72
CA THR A 221 3.52 17.91 -25.74
C THR A 221 5.04 17.92 -25.65
N LYS A 222 5.70 18.97 -26.14
CA LYS A 222 7.15 18.97 -26.29
C LYS A 222 7.76 19.95 -25.31
N GLY A 223 8.87 19.54 -24.69
CA GLY A 223 9.37 20.26 -23.54
C GLY A 223 8.57 19.86 -22.31
N ASP A 224 8.89 20.51 -21.20
CA ASP A 224 8.47 20.03 -19.89
C ASP A 224 7.16 20.66 -19.39
N MET A 225 6.80 21.84 -19.89
CA MET A 225 5.57 22.51 -19.53
C MET A 225 5.04 23.24 -20.75
N THR A 226 3.76 23.59 -20.69
CA THR A 226 3.12 24.35 -21.74
C THR A 226 3.32 25.83 -21.46
N VAL A 227 4.06 26.50 -22.34
CA VAL A 227 4.52 27.87 -22.12
C VAL A 227 3.67 28.83 -22.92
N ILE A 228 3.17 29.87 -22.27
CA ILE A 228 2.30 30.85 -22.91
C ILE A 228 2.76 32.25 -22.54
N HIS A 229 2.52 33.20 -23.45
CA HIS A 229 2.75 34.63 -23.20
C HIS A 229 1.44 35.38 -23.45
N SER A 230 0.97 36.12 -22.45
CA SER A 230 -0.39 36.66 -22.41
C SER A 230 -0.36 38.18 -22.57
N TRP A 231 -0.79 38.67 -23.73
CA TRP A 231 -0.70 40.09 -24.06
C TRP A 231 -2.03 40.62 -24.57
N VAL A 232 -2.68 41.48 -23.77
CA VAL A 232 -4.03 41.90 -24.14
C VAL A 232 -4.04 42.95 -25.23
N PHE A 233 -2.87 43.39 -25.72
CA PHE A 233 -2.90 44.28 -26.88
C PHE A 233 -3.18 43.54 -28.18
N ASN A 234 -3.35 42.21 -28.16
CA ASN A 234 -3.62 41.45 -29.36
C ASN A 234 -5.05 41.59 -29.87
N GLY A 235 -5.82 42.53 -29.31
CA GLY A 235 -7.23 42.69 -29.63
C GLY A 235 -8.15 42.54 -28.44
N ILE A 236 -7.72 41.83 -27.39
CA ILE A 236 -8.57 41.58 -26.23
C ILE A 236 -8.99 42.88 -25.58
N ALA A 237 -8.01 43.76 -25.30
CA ALA A 237 -8.33 45.02 -24.65
C ALA A 237 -9.18 45.91 -25.54
N GLN A 238 -8.78 46.04 -26.81
CA GLN A 238 -9.49 46.93 -27.73
C GLN A 238 -10.92 46.45 -27.94
N GLY A 239 -11.09 45.15 -28.17
CA GLY A 239 -12.39 44.60 -28.51
C GLY A 239 -13.33 44.42 -27.34
N TYR A 240 -12.83 43.82 -26.27
CA TYR A 240 -13.68 43.55 -25.11
C TYR A 240 -13.78 44.71 -24.15
N GLY A 241 -12.76 45.58 -24.10
CA GLY A 241 -12.74 46.69 -23.14
C GLY A 241 -11.58 46.45 -22.19
N ALA A 242 -10.77 47.51 -22.01
CA ALA A 242 -9.57 47.40 -21.19
C ALA A 242 -9.93 46.93 -19.78
N THR A 243 -10.97 47.50 -19.20
CA THR A 243 -11.42 47.22 -17.84
C THR A 243 -12.40 46.05 -17.77
N SER A 244 -12.71 45.39 -18.88
CA SER A 244 -13.79 44.41 -18.90
C SER A 244 -13.38 43.12 -18.18
N GLU A 245 -14.41 42.42 -17.69
CA GLU A 245 -14.23 41.09 -17.13
C GLU A 245 -13.53 40.18 -18.13
N GLU A 246 -13.89 40.33 -19.40
CA GLU A 246 -13.24 39.59 -20.48
C GLU A 246 -11.74 39.78 -20.46
N CYS A 247 -11.30 41.04 -20.54
CA CYS A 247 -9.86 41.33 -20.63
C CYS A 247 -9.12 40.79 -19.42
N SER A 248 -9.67 41.00 -18.21
CA SER A 248 -9.05 40.50 -16.98
C SER A 248 -8.95 38.99 -16.97
N SER A 249 -9.81 38.30 -17.70
CA SER A 249 -9.84 36.85 -17.71
C SER A 249 -8.98 36.26 -18.81
N TYR A 250 -8.29 37.08 -19.59
CA TYR A 250 -7.66 36.57 -20.80
C TYR A 250 -6.54 35.59 -20.49
N ALA A 251 -5.66 35.91 -19.53
CA ALA A 251 -4.59 34.98 -19.17
C ALA A 251 -5.16 33.65 -18.68
N LEU A 252 -6.30 33.68 -17.98
CA LEU A 252 -6.97 32.43 -17.64
C LEU A 252 -7.41 31.71 -18.90
N TYR A 253 -7.97 32.44 -19.86
CA TYR A 253 -8.38 31.80 -21.11
C TYR A 253 -7.19 31.13 -21.79
N LEU A 254 -6.06 31.83 -21.88
CA LEU A 254 -4.93 31.27 -22.61
C LEU A 254 -4.36 30.04 -21.92
N ALA A 255 -4.31 30.05 -20.58
CA ALA A 255 -3.87 28.86 -19.87
C ALA A 255 -4.86 27.71 -20.05
N GLU A 256 -6.17 28.02 -20.02
CA GLU A 256 -7.13 26.94 -20.18
C GLU A 256 -7.06 26.38 -21.59
N LEU A 257 -6.87 27.27 -22.57
CA LEU A 257 -6.86 26.88 -23.98
C LEU A 257 -5.62 26.07 -24.33
N ALA A 258 -4.45 26.54 -23.90
CA ALA A 258 -3.20 25.91 -24.31
C ALA A 258 -3.10 24.48 -23.79
N LYS A 259 -3.46 24.26 -22.53
CA LYS A 259 -3.42 22.92 -21.98
C LYS A 259 -4.53 22.03 -22.53
N ALA A 260 -5.57 22.61 -23.15
CA ALA A 260 -6.62 21.78 -23.76
C ALA A 260 -6.08 20.81 -24.80
N PHE A 261 -4.94 21.11 -25.42
CA PHE A 261 -4.46 20.35 -26.57
C PHE A 261 -3.44 19.28 -26.21
N GLY A 262 -3.07 19.13 -24.93
CA GLY A 262 -2.12 18.11 -24.54
C GLY A 262 -2.74 16.74 -24.28
N LYS A 263 -1.90 15.71 -24.42
CA LYS A 263 -2.28 14.36 -24.03
C LYS A 263 -2.40 14.24 -22.52
N ASP A 264 -1.58 14.97 -21.77
CA ASP A 264 -1.51 14.88 -20.31
C ASP A 264 -2.40 15.96 -19.70
N SER A 265 -3.54 15.56 -19.15
CA SER A 265 -4.45 16.55 -18.56
C SER A 265 -3.84 17.25 -17.33
N GLU A 266 -2.76 16.71 -16.77
CA GLU A 266 -2.09 17.28 -15.61
C GLU A 266 -0.84 18.09 -15.96
N ARG A 267 -0.51 18.21 -17.24
CA ARG A 267 0.75 18.87 -17.63
C ARG A 267 0.73 20.33 -17.19
N PRO A 268 1.78 20.82 -16.54
CA PRO A 268 1.78 22.20 -16.06
C PRO A 268 1.72 23.23 -17.18
N VAL A 269 1.03 24.33 -16.89
CA VAL A 269 1.07 25.56 -17.69
C VAL A 269 1.94 26.56 -16.96
N TRP A 270 2.99 27.06 -17.64
CA TRP A 270 3.76 28.22 -17.17
C TRP A 270 3.29 29.45 -17.94
N LEU A 271 2.70 30.39 -17.21
CA LEU A 271 2.41 31.71 -17.75
C LEU A 271 3.72 32.50 -17.67
N GLN A 272 4.52 32.38 -18.73
CA GLN A 272 5.91 32.81 -18.69
C GLN A 272 6.06 34.30 -18.98
N GLU A 273 5.03 34.94 -19.56
CA GLU A 273 4.99 36.38 -19.76
C GLU A 273 3.56 36.86 -19.54
N VAL A 274 3.39 37.89 -18.72
CA VAL A 274 2.17 38.70 -18.71
C VAL A 274 2.57 40.12 -18.31
N GLY A 275 2.17 41.08 -19.12
CA GLY A 275 2.42 42.49 -18.84
C GLY A 275 1.14 43.29 -18.93
N ALA A 276 1.22 44.53 -18.45
CA ALA A 276 0.10 45.47 -18.50
C ALA A 276 0.38 46.58 -19.51
N PRO A 277 0.18 46.31 -20.80
CA PRO A 277 0.64 47.26 -21.83
C PRO A 277 -0.17 48.54 -21.84
N GLU A 278 0.52 49.67 -21.74
CA GLU A 278 -0.12 50.98 -21.65
C GLU A 278 -0.47 51.57 -23.02
N ASN A 279 -0.38 50.81 -24.10
CA ASN A 279 -1.02 51.23 -25.33
C ASN A 279 -2.51 50.90 -25.35
N VAL A 280 -2.99 50.10 -24.39
CA VAL A 280 -4.39 49.69 -24.38
C VAL A 280 -4.99 49.82 -22.99
N LEU A 281 -4.15 49.83 -21.97
CA LEU A 281 -4.60 50.06 -20.60
C LEU A 281 -4.23 51.47 -20.16
N GLU A 282 -5.08 52.06 -19.35
CA GLU A 282 -4.72 53.34 -18.77
C GLU A 282 -3.62 53.14 -17.73
N THR A 283 -2.75 54.15 -17.60
CA THR A 283 -1.60 54.01 -16.72
C THR A 283 -2.03 53.71 -15.28
N ASP A 284 -2.95 54.52 -14.74
CA ASP A 284 -3.38 54.32 -13.36
C ASP A 284 -4.24 53.07 -13.17
N TYR A 285 -4.54 52.33 -14.23
CA TYR A 285 -5.27 51.06 -14.13
C TYR A 285 -4.36 49.84 -13.99
N THR A 286 -3.09 49.94 -14.39
CA THR A 286 -2.27 48.73 -14.50
C THR A 286 -2.16 47.94 -13.19
N PRO A 287 -2.16 48.54 -11.99
CA PRO A 287 -2.16 47.69 -10.79
C PRO A 287 -3.42 46.86 -10.64
N GLU A 288 -4.59 47.46 -10.90
CA GLU A 288 -5.84 46.70 -10.85
C GLU A 288 -5.84 45.59 -11.88
N PHE A 289 -5.40 45.87 -13.11
CA PHE A 289 -5.34 44.84 -14.13
C PHE A 289 -4.43 43.69 -13.70
N CYS A 290 -3.34 44.01 -13.00
CA CYS A 290 -2.42 42.99 -12.52
C CYS A 290 -3.09 42.10 -11.47
N ARG A 291 -3.78 42.71 -10.51
N ARG A 291 -3.75 42.73 -10.49
CA ARG A 291 -4.46 41.93 -9.47
CA ARG A 291 -4.49 41.98 -9.47
C ARG A 291 -5.56 41.05 -10.08
C ARG A 291 -5.52 41.06 -10.11
N LYS A 292 -6.39 41.62 -10.95
CA LYS A 292 -7.47 40.82 -11.51
C LYS A 292 -6.95 39.71 -12.41
N THR A 293 -5.90 40.00 -13.18
CA THR A 293 -5.35 39.01 -14.10
C THR A 293 -4.76 37.82 -13.35
N VAL A 294 -4.00 38.08 -12.28
CA VAL A 294 -3.36 37.01 -11.54
C VAL A 294 -4.39 36.21 -10.72
N GLU A 295 -5.39 36.90 -10.14
CA GLU A 295 -6.37 36.19 -9.34
C GLU A 295 -7.18 35.22 -10.19
N ARG A 296 -7.48 35.61 -11.43
CA ARG A 296 -8.21 34.70 -12.31
C ARG A 296 -7.27 33.64 -12.89
N ALA A 297 -6.00 34.00 -13.15
CA ALA A 297 -5.04 33.04 -13.67
C ALA A 297 -4.88 31.86 -12.73
N MET A 298 -4.85 32.12 -11.43
CA MET A 298 -4.66 30.99 -10.52
C MET A 298 -5.92 30.14 -10.35
N ASP A 299 -7.04 30.51 -10.98
CA ASP A 299 -8.16 29.58 -11.11
C ASP A 299 -7.89 28.43 -12.07
N CYS A 300 -6.68 28.28 -12.61
CA CYS A 300 -6.34 27.16 -13.46
C CYS A 300 -5.48 26.20 -12.65
N ARG A 301 -6.05 25.04 -12.35
CA ARG A 301 -5.37 23.98 -11.61
C ARG A 301 -3.95 23.73 -12.12
N ASN A 302 -3.72 23.82 -13.44
CA ASN A 302 -2.43 23.45 -14.01
C ASN A 302 -1.37 24.56 -13.91
N LEU A 303 -1.74 25.74 -13.43
CA LEU A 303 -0.83 26.88 -13.43
C LEU A 303 0.31 26.64 -12.44
N TRP A 304 1.53 26.69 -12.95
CA TRP A 304 2.75 26.40 -12.23
C TRP A 304 3.47 27.66 -11.76
N GLY A 305 3.30 28.77 -12.47
CA GLY A 305 4.00 29.99 -12.12
C GLY A 305 3.57 31.16 -12.99
N VAL A 306 3.83 32.35 -12.48
CA VAL A 306 3.45 33.61 -13.12
C VAL A 306 4.69 34.49 -13.16
N THR A 307 5.15 34.79 -14.37
CA THR A 307 6.37 35.56 -14.57
C THR A 307 5.99 36.85 -15.28
N TRP A 308 6.07 37.97 -14.55
CA TRP A 308 5.61 39.24 -15.09
C TRP A 308 6.59 39.76 -16.12
N TRP A 309 6.07 40.52 -17.09
CA TRP A 309 6.91 41.30 -17.99
C TRP A 309 6.68 42.78 -17.70
N CYS A 310 7.71 43.50 -17.24
CA CYS A 310 9.07 43.02 -16.98
C CYS A 310 9.60 43.63 -15.68
N SER A 311 10.83 43.33 -15.30
CA SER A 311 11.35 43.81 -14.03
C SER A 311 11.60 45.33 -14.08
N HIS A 312 12.28 45.81 -15.12
CA HIS A 312 12.71 47.20 -15.11
C HIS A 312 12.30 47.91 -16.40
N ASP A 313 11.98 49.20 -16.23
CA ASP A 313 11.65 50.07 -17.35
C ASP A 313 12.75 50.05 -18.40
N VAL A 314 12.35 50.18 -19.65
CA VAL A 314 13.33 50.26 -20.75
C VAL A 314 13.88 51.69 -20.79
N PRO A 315 15.19 51.87 -20.71
CA PRO A 315 15.76 53.22 -20.63
C PRO A 315 15.21 54.15 -21.70
N ALA A 316 14.75 55.33 -21.28
CA ALA A 316 14.11 56.26 -22.20
C ALA A 316 15.05 56.75 -23.29
N SER A 317 16.37 56.67 -23.08
CA SER A 317 17.30 57.15 -24.08
C SER A 317 17.37 56.25 -25.32
N MET A 318 16.81 55.04 -25.28
CA MET A 318 16.84 54.14 -26.41
C MET A 318 15.56 54.28 -27.23
N GLU A 319 15.71 54.42 -28.54
CA GLU A 319 14.55 54.74 -29.36
C GLU A 319 14.17 53.55 -30.25
N ASP A 320 13.09 53.77 -31.00
CA ASP A 320 12.45 52.86 -31.94
C ASP A 320 11.70 51.74 -31.24
N PHE A 321 11.63 51.74 -29.91
CA PHE A 321 10.69 50.89 -29.22
C PHE A 321 9.27 51.42 -29.44
N PRO A 322 8.29 50.54 -29.61
CA PRO A 322 6.90 50.98 -29.40
C PRO A 322 6.79 51.59 -28.01
N PHE A 323 6.23 52.80 -27.96
CA PHE A 323 6.40 53.67 -26.79
C PHE A 323 6.01 52.96 -25.50
N PHE A 324 4.88 52.24 -25.49
CA PHE A 324 4.39 51.59 -24.28
C PHE A 324 5.39 50.59 -23.73
N GLU A 325 6.26 50.02 -24.57
CA GLU A 325 7.25 49.10 -24.08
C GLU A 325 8.17 49.72 -23.04
N HIS A 326 8.30 51.05 -23.05
CA HIS A 326 9.24 51.68 -22.13
C HIS A 326 8.78 51.56 -20.68
N SER A 327 7.47 51.51 -20.43
CA SER A 327 6.94 51.56 -19.07
C SER A 327 6.37 50.23 -18.59
N LEU A 328 6.81 49.12 -19.17
CA LEU A 328 6.34 47.81 -18.75
C LEU A 328 7.02 47.29 -17.48
N GLY A 329 7.93 48.07 -16.87
CA GLY A 329 8.67 47.58 -15.73
C GLY A 329 7.84 47.58 -14.44
N LEU A 330 8.25 46.72 -13.51
CA LEU A 330 7.76 46.83 -12.14
C LEU A 330 8.49 47.92 -11.37
N PHE A 331 9.71 48.24 -11.78
CA PHE A 331 10.51 49.35 -11.26
C PHE A 331 10.72 50.37 -12.37
N ASP A 332 10.81 51.65 -11.99
CA ASP A 332 11.08 52.68 -12.97
C ASP A 332 12.55 52.67 -13.36
N GLU A 333 12.93 53.56 -14.27
CA GLU A 333 14.32 53.58 -14.74
C GLU A 333 15.28 53.91 -13.61
N GLN A 334 14.89 54.83 -12.73
CA GLN A 334 15.68 55.21 -11.56
C GLN A 334 15.71 54.12 -10.49
N GLY A 335 15.13 52.96 -10.72
CA GLY A 335 15.17 51.85 -9.79
C GLY A 335 14.17 51.91 -8.65
N GLN A 336 13.07 52.65 -8.81
CA GLN A 336 12.10 52.82 -7.74
C GLN A 336 10.88 51.93 -7.99
N LEU A 337 10.43 51.24 -6.94
CA LEU A 337 9.30 50.34 -7.10
C LEU A 337 8.08 51.12 -7.55
N LYS A 338 7.40 50.62 -8.59
CA LYS A 338 6.19 51.27 -9.08
C LYS A 338 4.96 50.64 -8.42
N PRO A 339 3.82 51.34 -8.42
CA PRO A 339 2.60 50.76 -7.85
C PRO A 339 2.29 49.36 -8.36
N ILE A 340 2.41 49.10 -9.67
CA ILE A 340 2.16 47.74 -10.13
C ILE A 340 3.12 46.76 -9.50
N GLY A 341 4.36 47.18 -9.24
CA GLY A 341 5.33 46.30 -8.59
C GLY A 341 4.92 45.99 -7.15
N ARG A 342 4.57 47.03 -6.39
CA ARG A 342 4.03 46.81 -5.04
C ARG A 342 2.92 45.78 -5.06
N THR A 343 1.99 45.90 -6.03
CA THR A 343 0.88 44.98 -6.16
C THR A 343 1.36 43.54 -6.42
N PHE A 344 2.23 43.37 -7.43
CA PHE A 344 2.67 42.01 -7.77
C PHE A 344 3.41 41.35 -6.61
N GLY A 345 4.23 42.12 -5.88
CA GLY A 345 4.93 41.56 -4.73
C GLY A 345 3.98 41.01 -3.67
N GLU A 346 2.86 41.71 -3.44
CA GLU A 346 1.88 41.23 -2.47
C GLU A 346 1.07 40.07 -3.01
N LEU A 347 0.78 40.06 -4.30
CA LEU A 347 0.18 38.89 -4.92
C LEU A 347 1.02 37.65 -4.66
N ALA A 348 2.34 37.78 -4.73
CA ALA A 348 3.21 36.65 -4.45
C ALA A 348 3.06 36.21 -3.00
N ALA A 349 3.18 37.16 -2.05
CA ALA A 349 2.97 36.81 -0.65
C ALA A 349 1.61 36.16 -0.46
N GLN A 350 0.58 36.73 -1.10
CA GLN A 350 -0.78 36.22 -0.96
C GLN A 350 -0.90 34.79 -1.44
N TYR A 351 -0.30 34.46 -2.58
CA TYR A 351 -0.66 33.25 -3.28
C TYR A 351 0.42 32.19 -3.36
N ARG A 352 1.69 32.51 -3.12
CA ARG A 352 2.74 31.53 -3.36
C ARG A 352 2.55 30.24 -2.56
N SER A 353 1.58 30.20 -1.65
CA SER A 353 1.38 29.07 -0.75
C SER A 353 -0.04 28.53 -0.79
N ALA A 354 -0.81 28.88 -1.82
CA ALA A 354 -2.24 28.60 -1.84
C ALA A 354 -2.54 27.19 -2.32
N LEU A 355 -3.66 26.65 -1.85
CA LEU A 355 -4.15 25.37 -2.34
C LEU A 355 -4.60 25.50 -3.78
N PRO A 356 -4.40 24.47 -4.61
CA PRO A 356 -4.73 24.57 -6.04
C PRO A 356 -6.20 24.88 -6.24
N ALA A 357 -6.52 25.32 -7.47
CA ALA A 357 -7.88 25.69 -7.79
C ALA A 357 -8.79 24.47 -7.78
N GLN A 358 -10.08 24.69 -7.55
CA GLN A 358 -11.04 23.62 -7.62
C GLN A 358 -11.15 23.15 -9.08
N PRO A 359 -11.44 21.86 -9.31
CA PRO A 359 -11.66 21.40 -10.68
C PRO A 359 -12.91 22.04 -11.28
N LYS A 360 -13.07 21.85 -12.60
CA LYS A 360 -14.10 22.54 -13.37
C LYS A 360 -14.95 21.52 -14.11
N THR A 361 -16.28 21.54 -13.90
CA THR A 361 -17.17 20.56 -14.51
C THR A 361 -17.72 21.00 -15.86
N VAL A 362 -17.57 22.27 -16.24
CA VAL A 362 -18.17 22.83 -17.44
C VAL A 362 -17.05 23.05 -18.46
N ALA A 363 -17.24 22.54 -19.68
CA ALA A 363 -16.17 22.57 -20.68
C ALA A 363 -16.67 23.09 -22.03
N VAL A 364 -15.82 23.86 -22.68
CA VAL A 364 -16.00 24.23 -24.08
C VAL A 364 -15.23 23.24 -24.94
N VAL A 365 -15.85 22.78 -26.03
CA VAL A 365 -15.28 21.75 -26.91
C VAL A 365 -14.74 22.44 -28.15
N ILE A 366 -13.51 22.09 -28.54
CA ILE A 366 -12.89 22.57 -29.77
C ILE A 366 -12.74 21.39 -30.72
N ASP A 367 -13.25 21.53 -31.95
CA ASP A 367 -13.08 20.50 -32.97
C ASP A 367 -11.62 20.43 -33.43
N VAL A 368 -11.05 19.22 -33.44
CA VAL A 368 -9.62 19.01 -33.75
C VAL A 368 -9.45 17.95 -34.84
N ASP A 369 -8.37 18.10 -35.60
CA ASP A 369 -8.03 17.13 -36.63
C ASP A 369 -7.49 15.85 -36.01
N GLU A 370 -7.05 14.93 -36.87
CA GLU A 370 -6.65 13.60 -36.41
C GLU A 370 -5.48 13.68 -35.45
N ALA A 371 -4.58 14.66 -35.61
CA ALA A 371 -3.40 14.79 -34.78
C ALA A 371 -3.66 15.60 -33.52
N GLY A 372 -4.84 16.20 -33.37
CA GLY A 372 -5.21 16.89 -32.16
C GLY A 372 -5.19 18.39 -32.25
N ASN A 373 -4.81 18.99 -33.49
CA ASN A 373 -4.76 20.44 -33.57
C ASN A 373 -6.10 21.01 -34.03
N PRO A 374 -6.38 22.28 -33.67
CA PRO A 374 -7.70 22.85 -33.97
C PRO A 374 -7.97 22.88 -35.47
N VAL A 375 -9.21 22.53 -35.84
CA VAL A 375 -9.62 22.62 -37.23
C VAL A 375 -9.70 24.08 -37.67
N ASN A 376 -10.17 24.96 -36.78
CA ASN A 376 -10.35 26.37 -37.08
C ASN A 376 -9.62 27.18 -36.00
N ARG A 377 -8.40 27.64 -36.30
CA ARG A 377 -7.66 28.35 -35.28
C ARG A 377 -8.11 29.81 -35.15
N SER A 378 -8.61 30.42 -36.23
CA SER A 378 -9.07 31.81 -36.16
CA SER A 378 -9.05 31.80 -36.14
C SER A 378 -10.23 31.97 -35.19
N ALA A 379 -11.04 30.93 -34.99
CA ALA A 379 -12.14 31.08 -34.06
C ALA A 379 -11.66 31.16 -32.61
N LEU A 380 -10.38 30.86 -32.34
CA LEU A 380 -9.87 30.84 -30.98
C LEU A 380 -9.38 32.19 -30.47
N GLY A 381 -9.15 33.16 -31.36
CA GLY A 381 -8.53 34.41 -31.00
C GLY A 381 -9.50 35.44 -30.47
N PRO A 382 -8.99 36.62 -30.10
CA PRO A 382 -9.86 37.68 -29.56
C PRO A 382 -11.07 37.98 -30.46
N GLY A 383 -12.27 37.72 -29.94
CA GLY A 383 -13.48 38.01 -30.69
C GLY A 383 -13.88 36.97 -31.72
N GLY A 384 -13.21 35.81 -31.75
CA GLY A 384 -13.71 34.68 -32.51
C GLY A 384 -14.71 33.88 -31.69
N SER A 385 -15.36 32.93 -32.37
CA SER A 385 -16.50 32.27 -31.75
C SER A 385 -16.10 31.50 -30.50
N VAL A 386 -14.96 30.80 -30.52
CA VAL A 386 -14.62 30.00 -29.35
C VAL A 386 -14.25 30.91 -28.19
N CYS A 387 -13.43 31.94 -28.46
CA CYS A 387 -13.11 32.91 -27.41
C CYS A 387 -14.38 33.53 -26.85
N ASP A 388 -15.25 34.03 -27.72
CA ASP A 388 -16.53 34.60 -27.29
C ASP A 388 -17.31 33.62 -26.41
N LEU A 389 -17.36 32.35 -26.79
CA LEU A 389 -18.15 31.36 -26.05
C LEU A 389 -17.57 31.12 -24.66
N TRP A 390 -16.25 30.88 -24.59
CA TRP A 390 -15.58 30.74 -23.31
C TRP A 390 -15.80 31.97 -22.44
N MET A 391 -15.66 33.17 -23.02
CA MET A 391 -15.84 34.38 -22.24
C MET A 391 -17.27 34.53 -21.72
N LYS A 392 -18.27 34.17 -22.53
CA LYS A 392 -19.64 34.28 -22.06
C LYS A 392 -19.84 33.42 -20.81
N LEU A 393 -19.29 32.20 -20.81
CA LEU A 393 -19.47 31.33 -19.65
C LEU A 393 -18.61 31.80 -18.47
N GLN A 394 -17.37 32.23 -18.73
CA GLN A 394 -16.54 32.75 -17.65
C GLN A 394 -17.20 33.94 -16.99
N VAL A 395 -17.79 34.84 -17.78
CA VAL A 395 -18.34 36.06 -17.22
C VAL A 395 -19.61 35.77 -16.44
N ALA A 396 -20.39 34.78 -16.87
CA ALA A 396 -21.57 34.33 -16.14
C ALA A 396 -21.24 33.42 -14.96
N GLY A 397 -19.98 33.33 -14.53
CA GLY A 397 -19.65 32.60 -13.31
C GLY A 397 -19.61 31.10 -13.43
N GLN A 398 -19.51 30.56 -14.63
CA GLN A 398 -19.61 29.14 -14.89
C GLN A 398 -18.27 28.41 -14.92
N ARG A 399 -17.16 29.10 -14.58
CA ARG A 399 -15.78 28.62 -14.63
C ARG A 399 -15.52 27.55 -15.69
N PRO A 400 -15.60 27.90 -16.98
CA PRO A 400 -15.35 26.89 -18.04
C PRO A 400 -13.89 26.49 -18.17
N THR A 401 -13.67 25.19 -18.38
CA THR A 401 -12.42 24.67 -18.89
C THR A 401 -12.64 24.35 -20.37
N ILE A 402 -11.64 23.76 -21.01
CA ILE A 402 -11.67 23.57 -22.45
C ILE A 402 -11.11 22.19 -22.77
N ILE A 403 -11.75 21.51 -23.73
CA ILE A 403 -11.30 20.19 -24.18
C ILE A 403 -11.40 20.12 -25.70
N THR A 404 -10.73 19.12 -26.27
CA THR A 404 -10.89 18.88 -27.70
C THR A 404 -12.05 17.92 -27.95
N SER A 405 -12.45 17.86 -29.23
CA SER A 405 -13.51 16.96 -29.65
C SER A 405 -13.14 15.50 -29.44
N GLN A 406 -11.85 15.19 -29.37
CA GLN A 406 -11.44 13.81 -29.13
C GLN A 406 -11.70 13.40 -27.68
N VAL A 407 -11.49 14.30 -26.73
CA VAL A 407 -11.87 14.00 -25.35
C VAL A 407 -13.39 14.00 -25.23
N ALA A 408 -14.05 14.91 -25.96
CA ALA A 408 -15.49 15.08 -25.80
C ALA A 408 -16.26 13.88 -26.33
N ALA A 409 -15.67 13.14 -27.26
CA ALA A 409 -16.34 11.97 -27.82
C ALA A 409 -16.02 10.69 -27.05
N ASN A 410 -15.34 10.79 -25.91
CA ASN A 410 -14.88 9.64 -25.15
C ASN A 410 -15.41 9.76 -23.73
N GLN A 411 -16.51 9.03 -23.44
CA GLN A 411 -17.09 9.07 -22.10
C GLN A 411 -16.07 8.65 -21.04
N GLU A 412 -15.14 7.76 -21.39
CA GLU A 412 -14.09 7.39 -20.45
C GLU A 412 -13.17 8.57 -20.15
N ALA A 413 -12.68 9.23 -21.21
CA ALA A 413 -11.84 10.41 -21.03
C ALA A 413 -12.58 11.50 -20.25
N LEU A 414 -13.87 11.71 -20.53
CA LEU A 414 -14.64 12.75 -19.85
C LEU A 414 -14.79 12.43 -18.38
N ALA A 415 -15.22 11.22 -18.06
CA ALA A 415 -15.30 10.79 -16.67
C ALA A 415 -13.97 10.97 -15.95
N GLN A 416 -12.86 10.60 -16.61
CA GLN A 416 -11.55 10.75 -16.01
C GLN A 416 -11.27 12.20 -15.62
N ARG A 417 -11.72 13.16 -16.44
CA ARG A 417 -11.53 14.57 -16.12
C ARG A 417 -12.63 15.10 -15.20
N GLY A 418 -13.68 14.33 -14.97
CA GLY A 418 -14.79 14.80 -14.15
C GLY A 418 -15.59 15.92 -14.77
N ILE A 419 -15.74 15.91 -16.10
CA ILE A 419 -16.50 16.90 -16.85
C ILE A 419 -17.94 16.44 -16.93
N LEU A 420 -18.87 17.38 -16.78
CA LEU A 420 -20.30 17.06 -16.75
C LEU A 420 -21.13 17.79 -17.79
N GLU A 421 -20.65 18.89 -18.37
CA GLU A 421 -21.49 19.71 -19.25
C GLU A 421 -20.62 20.30 -20.35
N LEU A 422 -21.06 20.12 -21.60
CA LEU A 422 -20.28 20.41 -22.79
C LEU A 422 -20.91 21.54 -23.60
N HIS A 423 -20.08 22.39 -24.19
CA HIS A 423 -20.55 23.52 -24.99
C HIS A 423 -19.74 23.56 -26.27
N ALA A 424 -20.40 23.34 -27.39
CA ALA A 424 -19.73 23.27 -28.68
C ALA A 424 -19.93 24.56 -29.47
N ASP A 425 -19.11 24.74 -30.48
CA ASP A 425 -19.17 25.93 -31.33
C ASP A 425 -20.12 25.63 -32.49
N GLU A 426 -21.37 26.12 -32.37
CA GLU A 426 -22.38 25.73 -33.34
C GLU A 426 -22.21 26.48 -34.65
N HIS A 427 -22.04 27.80 -34.59
CA HIS A 427 -21.84 28.65 -35.77
C HIS A 427 -20.51 29.38 -35.64
N PRO A 428 -19.42 28.81 -36.14
CA PRO A 428 -18.09 29.40 -35.92
C PRO A 428 -17.83 30.63 -36.78
N TYR A 429 -16.92 31.47 -36.29
CA TYR A 429 -16.46 32.63 -37.05
C TYR A 429 -15.09 33.08 -36.57
N ALA A 430 -14.39 33.79 -37.44
CA ALA A 430 -13.01 34.21 -37.24
C ALA A 430 -12.91 35.33 -36.20
N ALA A 431 -11.72 35.52 -35.66
CA ALA A 431 -11.54 36.46 -34.56
C ALA A 431 -11.59 37.89 -35.08
N ARG A 432 -12.69 38.59 -34.78
CA ARG A 432 -12.92 39.97 -35.22
C ARG A 432 -11.97 41.00 -34.60
N TYR A 433 -11.22 40.65 -33.55
CA TYR A 433 -10.38 41.62 -32.86
C TYR A 433 -8.89 41.37 -33.03
N TYR A 434 -8.50 40.20 -33.52
CA TYR A 434 -7.11 39.78 -33.40
C TYR A 434 -6.17 40.62 -34.26
N THR A 435 -5.09 41.08 -33.65
CA THR A 435 -3.95 41.63 -34.38
C THR A 435 -2.69 40.93 -33.88
N ALA A 436 -1.86 40.48 -34.81
CA ALA A 436 -0.70 39.69 -34.45
C ALA A 436 0.53 40.54 -34.13
N VAL A 437 0.44 41.86 -34.22
CA VAL A 437 1.55 42.75 -33.93
C VAL A 437 1.23 43.64 -32.72
N SER A 438 2.29 44.20 -32.14
CA SER A 438 2.23 44.95 -30.88
C SER A 438 2.18 46.46 -31.08
N ASP A 439 2.24 46.94 -32.32
CA ASP A 439 2.23 48.36 -32.64
C ASP A 439 1.64 48.47 -34.03
N PRO A 440 0.81 49.47 -34.30
CA PRO A 440 0.29 49.65 -35.66
C PRO A 440 1.36 49.78 -36.73
N SER A 441 2.56 50.26 -36.38
CA SER A 441 3.66 50.48 -37.33
C SER A 441 4.20 49.19 -37.95
N PHE A 442 3.75 48.01 -37.54
CA PHE A 442 4.30 46.74 -38.01
C PHE A 442 3.34 45.97 -38.92
N SER B 19 -36.08 11.18 -16.89
CA SER B 19 -36.45 10.14 -17.87
C SER B 19 -36.16 8.74 -17.32
N HIS B 20 -35.16 8.06 -17.89
CA HIS B 20 -34.83 6.70 -17.47
C HIS B 20 -34.34 6.66 -16.01
N MET B 21 -33.38 7.51 -15.66
CA MET B 21 -32.95 7.69 -14.28
C MET B 21 -33.58 8.96 -13.71
N LYS B 22 -34.19 8.85 -12.53
CA LYS B 22 -34.90 9.98 -11.93
C LYS B 22 -33.98 10.87 -11.11
N PHE B 23 -34.22 12.19 -11.19
CA PHE B 23 -33.45 13.16 -10.43
C PHE B 23 -34.40 14.16 -9.78
N GLY B 24 -34.34 14.29 -8.47
CA GLY B 24 -35.25 15.18 -7.78
C GLY B 24 -34.67 15.66 -6.46
N VAL B 25 -35.51 16.35 -5.70
CA VAL B 25 -35.07 16.90 -4.42
C VAL B 25 -36.11 16.64 -3.34
N ASN B 26 -35.63 16.41 -2.14
CA ASN B 26 -36.48 16.56 -0.97
C ASN B 26 -36.75 18.05 -0.79
N TYR B 27 -38.02 18.43 -0.88
CA TYR B 27 -38.41 19.84 -0.90
C TYR B 27 -38.55 20.38 0.53
N THR B 28 -37.59 21.21 0.96
CA THR B 28 -37.71 22.01 2.18
C THR B 28 -38.14 23.43 1.80
N PRO B 29 -39.36 23.87 2.16
CA PRO B 29 -39.80 25.23 1.80
C PRO B 29 -38.85 26.31 2.31
N SER B 30 -38.45 27.21 1.41
CA SER B 30 -37.44 28.20 1.77
C SER B 30 -37.96 29.18 2.82
N HIS B 31 -39.25 29.49 2.80
CA HIS B 31 -39.85 30.38 3.79
C HIS B 31 -40.56 29.50 4.81
N GLY B 32 -40.00 29.43 6.02
CA GLY B 32 -40.64 28.72 7.11
C GLY B 32 -40.35 27.24 7.23
N TRP B 33 -39.59 26.65 6.32
CA TRP B 33 -39.28 25.20 6.45
C TRP B 33 -40.61 24.45 6.44
N PHE B 34 -40.74 23.40 7.26
CA PHE B 34 -41.99 22.66 7.40
C PHE B 34 -42.91 23.29 8.44
N HIS B 35 -42.47 24.38 9.05
CA HIS B 35 -43.41 25.23 9.75
C HIS B 35 -44.20 26.10 8.78
N ALA B 36 -43.85 26.08 7.50
CA ALA B 36 -44.65 26.78 6.50
C ALA B 36 -46.08 26.25 6.43
N TRP B 37 -46.30 25.00 6.87
CA TRP B 37 -47.63 24.41 6.85
C TRP B 37 -48.61 25.19 7.74
N LEU B 38 -48.11 25.86 8.78
CA LEU B 38 -48.94 26.63 9.68
C LEU B 38 -49.27 28.02 9.16
N ASP B 39 -48.64 28.45 8.05
CA ASP B 39 -48.77 29.79 7.51
C ASP B 39 -48.14 29.84 6.12
N PRO B 40 -48.72 29.15 5.15
CA PRO B 40 -48.04 28.96 3.85
C PRO B 40 -47.94 30.27 3.08
N ASP B 41 -46.73 30.55 2.59
CA ASP B 41 -46.51 31.61 1.60
C ASP B 41 -46.53 30.94 0.22
N TRP B 42 -47.69 30.96 -0.43
CA TRP B 42 -47.91 30.21 -1.68
C TRP B 42 -47.17 30.80 -2.87
N ASP B 43 -46.96 32.12 -2.89
CA ASP B 43 -46.06 32.68 -3.89
C ASP B 43 -44.64 32.15 -3.71
N GLY B 44 -44.18 32.04 -2.47
CA GLY B 44 -42.82 31.59 -2.24
C GLY B 44 -42.66 30.12 -2.55
N ILE B 45 -43.63 29.32 -2.13
CA ILE B 45 -43.66 27.90 -2.45
C ILE B 45 -43.64 27.69 -3.97
N ASP B 46 -44.27 28.60 -4.73
CA ASP B 46 -44.29 28.45 -6.18
C ASP B 46 -42.93 28.79 -6.77
N ASN B 47 -42.27 29.83 -6.25
CA ASN B 47 -40.90 30.15 -6.63
C ASN B 47 -39.95 29.02 -6.27
N ASP B 48 -40.15 28.38 -5.11
CA ASP B 48 -39.35 27.23 -4.74
C ASP B 48 -39.40 26.14 -5.81
N LEU B 49 -40.62 25.84 -6.28
CA LEU B 49 -40.82 24.73 -7.18
C LEU B 49 -40.51 25.09 -8.65
N LYS B 50 -40.68 26.36 -9.02
CA LYS B 50 -40.18 26.81 -10.33
C LYS B 50 -38.66 26.66 -10.41
N GLN B 51 -37.94 27.14 -9.39
CA GLN B 51 -36.48 26.99 -9.32
C GLN B 51 -36.07 25.54 -9.48
N ILE B 52 -36.67 24.67 -8.67
CA ILE B 52 -36.35 23.25 -8.68
C ILE B 52 -36.59 22.68 -10.07
N SER B 53 -37.71 23.03 -10.68
CA SER B 53 -37.96 22.60 -12.05
C SER B 53 -36.90 23.14 -13.01
N GLU B 54 -36.55 24.42 -12.88
CA GLU B 54 -35.60 25.04 -13.80
C GLU B 54 -34.19 24.50 -13.62
N LEU B 55 -33.88 23.89 -12.47
CA LEU B 55 -32.61 23.20 -12.33
C LEU B 55 -32.60 21.87 -13.09
N GLY B 56 -33.73 21.45 -13.69
CA GLY B 56 -33.78 20.18 -14.38
C GLY B 56 -34.17 18.99 -13.51
N MET B 57 -34.69 19.24 -12.30
CA MET B 57 -35.26 18.15 -11.50
C MET B 57 -36.55 17.66 -12.15
N ASP B 58 -36.81 16.35 -12.01
CA ASP B 58 -38.05 15.78 -12.53
C ASP B 58 -39.03 15.37 -11.44
N HIS B 59 -38.68 15.54 -10.16
CA HIS B 59 -39.60 15.17 -9.08
C HIS B 59 -39.21 15.86 -7.79
N VAL B 60 -40.16 15.89 -6.83
CA VAL B 60 -39.91 16.39 -5.49
C VAL B 60 -40.53 15.42 -4.50
N ARG B 61 -40.00 15.46 -3.29
CA ARG B 61 -40.54 14.74 -2.15
C ARG B 61 -41.04 15.77 -1.15
N ILE B 62 -42.34 15.72 -0.85
CA ILE B 62 -43.06 16.67 0.01
C ILE B 62 -43.30 16.04 1.39
N PHE B 63 -43.19 16.85 2.45
CA PHE B 63 -43.27 16.36 3.84
C PHE B 63 -44.31 17.11 4.66
N PRO B 64 -45.58 16.64 4.69
CA PRO B 64 -46.54 17.19 5.65
C PRO B 64 -46.22 16.81 7.09
N ILE B 65 -47.05 17.31 8.00
CA ILE B 65 -46.89 17.12 9.43
C ILE B 65 -48.08 16.30 9.95
N TRP B 66 -47.77 15.17 10.59
CA TRP B 66 -48.83 14.25 11.03
C TRP B 66 -49.76 14.87 12.07
N PRO B 67 -49.29 15.53 13.12
CA PRO B 67 -50.25 16.13 14.06
C PRO B 67 -51.08 17.24 13.45
N TYR B 68 -50.65 17.86 12.35
CA TYR B 68 -51.52 18.86 11.72
C TYR B 68 -52.57 18.19 10.85
N LEU B 69 -52.24 17.05 10.26
CA LEU B 69 -53.24 16.35 9.46
C LEU B 69 -54.26 15.63 10.32
N GLN B 70 -53.89 15.18 11.52
CA GLN B 70 -54.72 14.28 12.31
C GLN B 70 -54.56 14.60 13.80
N PRO B 71 -55.02 15.78 14.23
CA PRO B 71 -54.83 16.17 15.63
C PRO B 71 -55.56 15.30 16.63
N ASN B 72 -56.63 14.63 16.21
CA ASN B 72 -57.36 13.68 17.03
C ASN B 72 -57.37 12.35 16.29
N ARG B 73 -57.42 11.25 17.04
CA ARG B 73 -57.34 9.94 16.40
C ARG B 73 -58.46 9.74 15.36
N THR B 74 -59.64 10.32 15.58
CA THR B 74 -60.77 10.11 14.68
C THR B 74 -61.27 11.43 14.08
N TRP B 75 -60.37 12.38 13.85
CA TRP B 75 -60.76 13.66 13.26
C TRP B 75 -59.58 14.18 12.45
N ILE B 76 -59.75 14.21 11.12
CA ILE B 76 -58.74 14.63 10.18
C ILE B 76 -58.97 16.09 9.82
N ASN B 77 -57.88 16.82 9.64
CA ASN B 77 -57.94 18.23 9.27
C ASN B 77 -58.06 18.35 7.75
N LYS B 78 -59.25 18.67 7.27
CA LYS B 78 -59.52 18.70 5.83
C LYS B 78 -58.73 19.80 5.13
N LYS B 79 -58.58 20.96 5.76
CA LYS B 79 -57.80 22.04 5.18
C LYS B 79 -56.33 21.64 5.03
N GLY B 80 -55.80 20.92 6.02
CA GLY B 80 -54.42 20.47 5.93
C GLY B 80 -54.21 19.48 4.79
N VAL B 81 -55.16 18.56 4.62
CA VAL B 81 -55.11 17.67 3.45
C VAL B 81 -55.14 18.49 2.16
N ALA B 82 -56.00 19.51 2.12
CA ALA B 82 -56.10 20.33 0.91
C ALA B 82 -54.80 21.06 0.65
N ASP B 83 -54.15 21.55 1.69
CA ASP B 83 -52.87 22.23 1.50
C ASP B 83 -51.80 21.29 0.94
N VAL B 84 -51.79 20.04 1.37
CA VAL B 84 -50.85 19.11 0.74
C VAL B 84 -51.17 18.98 -0.74
N ARG B 85 -52.47 18.87 -1.07
CA ARG B 85 -52.86 18.74 -2.47
C ARG B 85 -52.47 19.96 -3.28
N ARG B 86 -52.61 21.15 -2.69
CA ARG B 86 -52.20 22.37 -3.36
C ARG B 86 -50.71 22.35 -3.69
N MET B 87 -49.88 21.91 -2.74
CA MET B 87 -48.45 21.85 -3.00
C MET B 87 -48.14 20.87 -4.12
N VAL B 88 -48.83 19.73 -4.13
CA VAL B 88 -48.63 18.75 -5.20
C VAL B 88 -49.02 19.34 -6.54
N HIS B 89 -50.18 20.01 -6.57
CA HIS B 89 -50.64 20.66 -7.80
C HIS B 89 -49.65 21.71 -8.29
N ILE B 90 -49.12 22.55 -7.38
CA ILE B 90 -48.13 23.54 -7.78
C ILE B 90 -46.91 22.87 -8.38
N ALA B 91 -46.44 21.78 -7.77
CA ALA B 91 -45.29 21.09 -8.34
C ALA B 91 -45.58 20.59 -9.74
N GLY B 92 -46.82 20.17 -9.99
CA GLY B 92 -47.18 19.69 -11.31
C GLY B 92 -47.24 20.79 -12.35
N GLU B 93 -47.66 22.00 -11.93
CA GLU B 93 -47.66 23.12 -12.88
C GLU B 93 -46.29 23.30 -13.50
N HIS B 94 -45.23 23.09 -12.73
CA HIS B 94 -43.86 23.25 -13.18
C HIS B 94 -43.23 21.94 -13.66
N GLY B 95 -44.05 20.96 -14.06
CA GLY B 95 -43.51 19.76 -14.64
C GLY B 95 -42.89 18.79 -13.67
N LEU B 96 -43.16 18.91 -12.37
CA LEU B 96 -42.58 18.02 -11.37
C LEU B 96 -43.59 16.96 -10.97
N ASP B 97 -43.15 15.70 -10.93
CA ASP B 97 -43.88 14.68 -10.20
C ASP B 97 -43.66 14.87 -8.72
N ALA B 98 -44.67 14.48 -7.93
CA ALA B 98 -44.64 14.69 -6.49
C ALA B 98 -44.79 13.37 -5.76
N TYR B 99 -43.88 13.09 -4.82
CA TYR B 99 -44.00 11.97 -3.89
C TYR B 99 -44.22 12.55 -2.50
N VAL B 100 -45.20 12.00 -1.77
CA VAL B 100 -45.63 12.57 -0.50
C VAL B 100 -45.40 11.55 0.61
N ASP B 101 -44.76 11.99 1.70
CA ASP B 101 -44.67 11.19 2.92
C ASP B 101 -45.80 11.58 3.86
N VAL B 102 -46.27 10.63 4.67
CA VAL B 102 -47.40 10.93 5.55
C VAL B 102 -47.00 11.12 7.01
N PHE B 103 -46.28 10.15 7.61
CA PHE B 103 -46.18 10.10 9.08
C PHE B 103 -44.91 10.79 9.56
N GLN B 104 -44.97 12.12 9.59
CA GLN B 104 -43.93 12.95 10.19
C GLN B 104 -44.54 13.52 11.47
N GLY B 105 -44.18 12.94 12.61
CA GLY B 105 -43.12 11.94 12.63
C GLY B 105 -41.77 12.62 12.72
N HIS B 106 -40.73 11.98 12.18
CA HIS B 106 -39.36 12.47 12.34
C HIS B 106 -38.93 13.37 11.18
N LEU B 107 -38.36 14.55 11.50
CA LEU B 107 -37.73 15.42 10.50
C LEU B 107 -36.56 16.17 11.13
N SER B 108 -35.33 15.81 10.72
CA SER B 108 -34.11 16.58 11.02
C SER B 108 -33.93 16.85 12.52
N SER B 109 -34.02 15.77 13.29
CA SER B 109 -33.83 15.65 14.74
C SER B 109 -35.11 15.96 15.49
N PHE B 110 -36.19 16.36 14.82
CA PHE B 110 -37.42 16.72 15.51
C PHE B 110 -38.50 15.65 15.30
N ASP B 111 -39.22 15.33 16.37
CA ASP B 111 -40.41 14.48 16.32
C ASP B 111 -41.69 15.29 16.48
N PHE B 112 -42.59 15.13 15.52
CA PHE B 112 -43.93 15.76 15.54
C PHE B 112 -44.96 14.65 15.77
N LEU B 113 -45.32 14.45 17.02
CA LEU B 113 -46.25 13.39 17.34
C LEU B 113 -47.62 13.95 17.74
N PRO B 114 -48.70 13.28 17.34
CA PRO B 114 -50.04 13.68 17.76
C PRO B 114 -50.22 13.52 19.26
N SER B 115 -51.06 14.39 19.83
CA SER B 115 -51.24 14.36 21.27
C SER B 115 -51.93 13.09 21.75
N TRP B 116 -52.68 12.42 20.88
CA TRP B 116 -53.35 11.19 21.27
C TRP B 116 -52.42 9.99 21.34
N LEU B 117 -51.11 10.19 21.11
CA LEU B 117 -50.11 9.13 21.25
C LEU B 117 -49.03 9.45 22.28
N VAL B 118 -49.10 10.59 22.99
CA VAL B 118 -48.03 11.01 23.89
C VAL B 118 -48.59 11.21 25.29
N THR B 119 -47.66 11.27 26.24
CA THR B 119 -47.87 11.51 27.67
C THR B 119 -49.07 10.76 28.23
N TRP B 120 -50.13 11.46 28.62
CA TRP B 120 -51.30 10.80 29.21
C TRP B 120 -51.95 9.81 28.24
N HIS B 121 -51.79 10.01 26.93
CA HIS B 121 -52.29 9.09 25.91
C HIS B 121 -51.15 8.35 25.23
N ALA B 122 -50.07 8.11 25.96
CA ALA B 122 -48.90 7.42 25.42
C ALA B 122 -49.31 6.10 24.80
N GLY B 123 -48.99 5.90 23.52
CA GLY B 123 -49.35 4.67 22.83
C GLY B 123 -48.24 4.18 21.92
N ASN B 124 -48.49 3.04 21.29
CA ASN B 124 -47.53 2.43 20.35
C ASN B 124 -48.14 2.47 18.96
N MET B 125 -47.61 3.36 18.09
CA MET B 125 -48.15 3.54 16.74
C MET B 125 -47.96 2.31 15.85
N PHE B 126 -47.16 1.33 16.29
CA PHE B 126 -46.96 0.13 15.48
C PHE B 126 -47.85 -1.03 15.90
N THR B 127 -48.29 -1.09 17.15
CA THR B 127 -49.00 -2.28 17.65
C THR B 127 -50.36 -1.99 18.30
N ASP B 128 -50.72 -0.74 18.56
CA ASP B 128 -52.06 -0.42 19.03
C ASP B 128 -53.03 -0.51 17.86
N ALA B 129 -53.97 -1.45 17.95
CA ALA B 129 -54.96 -1.64 16.89
C ALA B 129 -55.71 -0.35 16.59
N ASP B 130 -56.06 0.43 17.62
N ASP B 130 -56.07 0.42 17.62
CA ASP B 130 -56.79 1.67 17.38
CA ASP B 130 -56.79 1.66 17.36
C ASP B 130 -55.92 2.68 16.65
C ASP B 130 -55.91 2.66 16.62
N ALA B 131 -54.61 2.70 16.94
CA ALA B 131 -53.71 3.63 16.24
C ALA B 131 -53.49 3.24 14.78
N VAL B 132 -53.24 1.95 14.53
CA VAL B 132 -53.03 1.46 13.17
C VAL B 132 -54.23 1.78 12.31
N ALA B 133 -55.44 1.50 12.84
CA ALA B 133 -56.66 1.79 12.09
C ALA B 133 -56.72 3.26 11.71
N ALA B 134 -56.40 4.14 12.67
CA ALA B 134 -56.42 5.57 12.38
C ALA B 134 -55.37 5.96 11.35
N GLU B 135 -54.16 5.37 11.45
CA GLU B 135 -53.16 5.56 10.41
C GLU B 135 -53.70 5.12 9.05
N ARG B 136 -54.29 3.92 8.98
CA ARG B 136 -54.85 3.42 7.72
C ARG B 136 -55.89 4.38 7.14
N GLU B 137 -56.73 4.95 8.01
CA GLU B 137 -57.71 5.95 7.58
C GLU B 137 -57.03 7.20 7.03
N LEU B 138 -55.94 7.65 7.66
CA LEU B 138 -55.25 8.83 7.14
C LEU B 138 -54.65 8.56 5.77
N VAL B 139 -53.96 7.41 5.63
CA VAL B 139 -53.33 7.04 4.38
C VAL B 139 -54.38 6.99 3.27
N LYS B 140 -55.51 6.33 3.54
CA LYS B 140 -56.62 6.26 2.59
C LYS B 140 -57.09 7.65 2.19
N THR B 141 -57.22 8.55 3.16
CA THR B 141 -57.74 9.89 2.87
C THR B 141 -56.78 10.65 1.96
N MET B 142 -55.49 10.65 2.33
CA MET B 142 -54.45 11.29 1.52
C MET B 142 -54.41 10.71 0.11
N THR B 143 -54.33 9.38 0.02
CA THR B 143 -54.26 8.74 -1.29
C THR B 143 -55.47 9.10 -2.14
N ASP B 144 -56.66 9.07 -1.56
CA ASP B 144 -57.87 9.35 -2.32
C ASP B 144 -57.89 10.78 -2.84
N GLU B 145 -57.45 11.74 -2.03
CA GLU B 145 -57.46 13.12 -2.46
C GLU B 145 -56.29 13.42 -3.40
N LEU B 146 -55.07 13.00 -3.05
CA LEU B 146 -53.91 13.31 -3.87
C LEU B 146 -54.03 12.70 -5.27
N SER B 147 -54.66 11.54 -5.39
CA SER B 147 -54.88 10.89 -6.67
C SER B 147 -55.61 11.78 -7.67
N LYS B 148 -56.32 12.80 -7.19
CA LYS B 148 -57.00 13.72 -8.07
C LYS B 148 -56.02 14.61 -8.84
N GLU B 149 -54.74 14.64 -8.45
CA GLU B 149 -53.69 15.41 -9.11
C GLU B 149 -52.83 14.49 -9.94
N PRO B 150 -52.72 14.69 -11.25
CA PRO B 150 -51.86 13.81 -12.07
C PRO B 150 -50.40 13.82 -11.67
N ALA B 151 -49.91 14.90 -11.04
CA ALA B 151 -48.51 14.94 -10.62
C ALA B 151 -48.21 14.01 -9.44
N PHE B 152 -49.24 13.55 -8.73
CA PHE B 152 -49.07 12.64 -7.59
C PHE B 152 -48.60 11.26 -8.10
N LYS B 153 -47.39 10.85 -7.72
CA LYS B 153 -46.81 9.61 -8.22
C LYS B 153 -46.41 8.62 -7.15
N GLY B 154 -46.39 9.02 -5.88
CA GLY B 154 -46.13 8.02 -4.86
C GLY B 154 -46.41 8.52 -3.47
N LEU B 155 -46.71 7.58 -2.59
CA LEU B 155 -46.90 7.81 -1.17
C LEU B 155 -45.87 7.00 -0.41
N THR B 156 -45.10 7.65 0.46
CA THR B 156 -44.27 6.95 1.43
C THR B 156 -44.94 7.07 2.78
N LEU B 157 -45.09 5.94 3.48
CA LEU B 157 -45.80 5.96 4.76
C LEU B 157 -45.27 7.06 5.68
N GLY B 158 -43.96 7.21 5.77
CA GLY B 158 -43.40 8.31 6.51
C GLY B 158 -41.90 8.31 6.40
N ASN B 159 -41.29 9.36 6.96
CA ASN B 159 -39.85 9.52 6.85
C ASN B 159 -39.15 8.72 7.95
N GLU B 160 -38.33 7.74 7.55
CA GLU B 160 -37.53 6.93 8.48
C GLU B 160 -38.37 6.49 9.69
N VAL B 161 -39.53 5.89 9.40
CA VAL B 161 -40.50 5.59 10.46
C VAL B 161 -40.00 4.57 11.46
N ASN B 162 -38.88 3.91 11.17
CA ASN B 162 -38.27 2.95 12.09
C ASN B 162 -37.53 3.60 13.25
N GLN B 163 -37.25 4.90 13.21
CA GLN B 163 -36.48 5.49 14.31
C GLN B 163 -37.26 5.50 15.62
N LEU B 164 -38.59 5.45 15.56
CA LEU B 164 -39.39 5.43 16.78
C LEU B 164 -39.47 4.04 17.42
N SER B 165 -39.06 2.99 16.73
CA SER B 165 -39.35 1.62 17.14
C SER B 165 -38.31 0.98 18.05
N ASP B 166 -37.19 1.63 18.31
CA ASP B 166 -36.07 0.92 18.92
C ASP B 166 -35.15 1.93 19.59
N ARG B 167 -34.23 1.42 20.42
CA ARG B 167 -33.16 2.26 20.93
C ARG B 167 -32.36 2.81 19.76
N PRO B 168 -31.75 4.00 19.90
CA PRO B 168 -31.68 4.85 21.09
C PRO B 168 -32.79 5.88 21.25
N HIS B 169 -33.95 5.69 20.60
CA HIS B 169 -35.03 6.65 20.76
C HIS B 169 -35.45 6.72 22.22
N PRO B 170 -35.52 7.91 22.82
CA PRO B 170 -35.80 8.01 24.27
C PRO B 170 -37.24 7.70 24.64
N THR B 171 -38.19 7.77 23.72
CA THR B 171 -39.53 7.29 24.01
C THR B 171 -39.96 6.21 23.02
N LYS B 172 -39.23 5.10 22.97
CA LYS B 172 -39.44 4.11 21.92
C LYS B 172 -40.81 3.43 22.03
N MET B 173 -41.35 3.04 20.88
CA MET B 173 -42.53 2.18 20.76
C MET B 173 -42.03 0.83 20.22
N SER B 174 -41.72 -0.08 21.15
CA SER B 174 -41.10 -1.35 20.81
C SER B 174 -42.02 -2.26 19.98
N ALA B 175 -41.40 -3.15 19.22
CA ALA B 175 -42.12 -4.09 18.39
C ALA B 175 -41.17 -5.21 17.99
N THR B 176 -41.73 -6.37 17.73
CA THR B 176 -40.98 -7.42 17.07
C THR B 176 -40.98 -7.19 15.57
N ASP B 177 -40.13 -7.95 14.87
CA ASP B 177 -40.11 -7.86 13.42
C ASP B 177 -41.40 -8.42 12.85
N ARG B 178 -41.94 -9.48 13.46
CA ARG B 178 -43.26 -9.98 13.09
C ARG B 178 -44.31 -8.88 13.21
N GLN B 179 -44.28 -8.11 14.29
CA GLN B 179 -45.25 -7.02 14.46
C GLN B 179 -45.04 -5.92 13.43
N ILE B 180 -43.78 -5.64 13.08
CA ILE B 180 -43.50 -4.66 12.03
C ILE B 180 -43.97 -5.19 10.68
N ASP B 181 -43.76 -6.48 10.43
CA ASP B 181 -44.36 -7.14 9.27
C ASP B 181 -45.85 -6.86 9.19
N ALA B 182 -46.57 -7.14 10.27
CA ALA B 182 -48.02 -6.95 10.27
C ALA B 182 -48.40 -5.48 10.14
N TRP B 183 -47.60 -4.59 10.73
CA TRP B 183 -47.86 -3.15 10.58
C TRP B 183 -47.76 -2.72 9.12
N LEU B 184 -46.67 -3.13 8.45
CA LEU B 184 -46.47 -2.74 7.07
C LEU B 184 -47.57 -3.29 6.17
N ASP B 185 -47.99 -4.54 6.42
CA ASP B 185 -49.07 -5.16 5.64
C ASP B 185 -50.43 -4.51 5.91
N ALA B 186 -50.61 -3.83 7.04
CA ALA B 186 -51.87 -3.16 7.27
C ALA B 186 -51.99 -1.84 6.53
N LEU B 187 -50.87 -1.21 6.16
CA LEU B 187 -50.95 0.15 5.67
C LEU B 187 -50.56 0.30 4.20
N LEU B 188 -49.56 -0.43 3.73
CA LEU B 188 -49.15 -0.31 2.33
C LEU B 188 -50.29 -0.63 1.36
N PRO B 189 -51.10 -1.68 1.54
CA PRO B 189 -52.17 -1.92 0.56
C PRO B 189 -53.15 -0.76 0.47
N THR B 190 -53.35 -0.01 1.56
CA THR B 190 -54.24 1.14 1.50
C THR B 190 -53.62 2.32 0.77
N ALA B 191 -52.29 2.39 0.72
CA ALA B 191 -51.61 3.42 -0.04
C ALA B 191 -51.51 3.08 -1.53
N ALA B 192 -51.75 1.84 -1.93
CA ALA B 192 -51.71 1.47 -3.34
C ALA B 192 -52.83 2.17 -4.09
N GLY B 193 -52.76 2.08 -5.42
CA GLY B 193 -53.70 2.74 -6.28
C GLY B 193 -53.07 3.04 -7.63
N GLU B 194 -53.84 2.87 -8.70
CA GLU B 194 -53.25 2.94 -10.03
C GLU B 194 -52.76 4.35 -10.33
N GLY B 195 -51.55 4.44 -10.88
CA GLY B 195 -50.95 5.72 -11.16
C GLY B 195 -50.00 6.25 -10.11
N HIS B 196 -49.71 5.48 -9.06
CA HIS B 196 -48.72 5.90 -8.07
C HIS B 196 -48.20 4.69 -7.31
N ASN B 197 -46.98 4.82 -6.80
CA ASN B 197 -46.26 3.86 -5.98
C ASN B 197 -46.76 3.87 -4.54
N ALA B 198 -46.40 2.81 -3.82
CA ALA B 198 -46.60 2.71 -2.38
C ALA B 198 -45.26 2.31 -1.75
N LEU B 199 -44.77 3.16 -0.85
CA LEU B 199 -43.42 3.01 -0.32
C LEU B 199 -43.43 3.22 1.19
N TYR B 200 -42.29 2.92 1.82
CA TYR B 200 -41.97 3.39 3.16
C TYR B 200 -40.46 3.59 3.21
N SER B 201 -39.99 4.40 4.17
CA SER B 201 -38.55 4.68 4.33
C SER B 201 -38.07 4.33 5.73
N VAL B 202 -36.77 4.10 5.84
CA VAL B 202 -36.10 3.73 7.09
C VAL B 202 -34.75 4.42 7.12
N ASN B 203 -34.26 4.71 8.33
CA ASN B 203 -32.89 5.15 8.42
C ASN B 203 -31.96 3.93 8.40
N ASP B 204 -30.65 4.18 8.38
CA ASP B 204 -29.73 3.08 8.06
C ASP B 204 -29.59 2.06 9.19
N GLY B 205 -30.24 2.28 10.35
CA GLY B 205 -30.23 1.26 11.39
C GLY B 205 -30.88 -0.03 11.00
N THR B 206 -31.67 -0.02 9.91
CA THR B 206 -32.33 -1.22 9.39
C THR B 206 -31.34 -2.27 8.94
N TRP B 207 -30.18 -1.85 8.42
CA TRP B 207 -29.14 -2.78 8.01
C TRP B 207 -28.01 -2.92 9.02
N PHE B 208 -27.90 -2.01 10.00
CA PHE B 208 -26.67 -1.88 10.79
C PHE B 208 -26.84 -2.21 12.27
N ILE B 209 -28.06 -2.40 12.76
CA ILE B 209 -28.32 -2.64 14.18
C ILE B 209 -28.92 -4.04 14.32
N ASP B 210 -28.25 -4.88 15.09
CA ASP B 210 -28.77 -6.21 15.37
C ASP B 210 -30.01 -6.12 16.27
N GLY B 211 -31.01 -6.93 15.96
CA GLY B 211 -32.21 -6.91 16.75
C GLY B 211 -33.17 -5.79 16.42
N HIS B 212 -32.82 -4.91 15.49
CA HIS B 212 -33.74 -3.84 15.09
C HIS B 212 -34.95 -4.47 14.40
N PRO B 213 -36.17 -4.06 14.74
CA PRO B 213 -37.34 -4.79 14.24
C PRO B 213 -37.76 -4.42 12.81
N PHE B 214 -37.24 -3.35 12.24
CA PHE B 214 -37.32 -3.15 10.79
C PHE B 214 -36.12 -3.85 10.17
N THR B 215 -36.35 -4.66 9.14
CA THR B 215 -35.31 -5.55 8.69
C THR B 215 -34.99 -5.34 7.22
N PRO B 216 -33.82 -5.81 6.77
CA PRO B 216 -33.51 -5.73 5.34
C PRO B 216 -34.53 -6.44 4.46
N VAL B 217 -35.05 -7.59 4.89
CA VAL B 217 -35.99 -8.34 4.05
C VAL B 217 -37.26 -7.52 3.83
N GLN B 218 -37.79 -6.92 4.88
CA GLN B 218 -38.93 -6.01 4.73
C GLN B 218 -38.63 -4.93 3.71
N SER B 219 -37.46 -4.28 3.84
CA SER B 219 -37.12 -3.17 2.97
C SER B 219 -37.07 -3.57 1.51
N ALA B 220 -36.77 -4.83 1.22
CA ALA B 220 -36.61 -5.25 -0.17
C ALA B 220 -37.73 -6.19 -0.64
N THR B 221 -38.85 -6.27 0.10
CA THR B 221 -39.99 -7.08 -0.33
C THR B 221 -41.32 -6.34 -0.22
N LYS B 222 -41.43 -5.41 0.71
CA LYS B 222 -42.68 -4.70 0.96
C LYS B 222 -42.60 -3.29 0.41
N GLY B 223 -43.72 -2.80 -0.07
CA GLY B 223 -43.71 -1.60 -0.90
C GLY B 223 -43.26 -1.94 -2.31
N ASP B 224 -43.14 -0.92 -3.15
CA ASP B 224 -42.87 -1.14 -4.56
C ASP B 224 -41.38 -1.09 -4.90
N MET B 225 -40.56 -0.46 -4.06
CA MET B 225 -39.14 -0.29 -4.30
C MET B 225 -38.36 -0.38 -2.99
N THR B 226 -37.09 -0.71 -3.11
CA THR B 226 -36.16 -0.70 -1.97
C THR B 226 -35.69 0.72 -1.76
N VAL B 227 -36.05 1.33 -0.61
CA VAL B 227 -35.89 2.75 -0.36
C VAL B 227 -34.75 2.95 0.62
N ILE B 228 -33.76 3.76 0.24
CA ILE B 228 -32.62 3.98 1.13
C ILE B 228 -32.36 5.47 1.29
N HIS B 229 -31.81 5.83 2.45
CA HIS B 229 -31.32 7.17 2.73
C HIS B 229 -29.85 7.04 3.11
N SER B 230 -28.98 7.84 2.46
CA SER B 230 -27.53 7.59 2.49
C SER B 230 -26.77 8.77 3.10
N TRP B 231 -26.34 8.62 4.34
CA TRP B 231 -25.77 9.73 5.12
C TRP B 231 -24.38 9.35 5.63
N VAL B 232 -23.35 10.03 5.12
CA VAL B 232 -21.98 9.65 5.48
C VAL B 232 -21.55 10.21 6.82
N PHE B 233 -22.39 10.99 7.50
CA PHE B 233 -22.03 11.35 8.88
C PHE B 233 -22.25 10.19 9.86
N ASN B 234 -22.61 9.00 9.38
CA ASN B 234 -22.89 7.86 10.24
C ASN B 234 -21.64 7.07 10.61
N GLY B 235 -20.45 7.63 10.38
CA GLY B 235 -19.18 6.97 10.58
C GLY B 235 -18.38 6.73 9.32
N ILE B 236 -18.99 6.89 8.14
CA ILE B 236 -18.28 6.64 6.88
C ILE B 236 -17.18 7.68 6.68
N ALA B 237 -17.56 8.97 6.67
CA ALA B 237 -16.56 10.02 6.44
C ALA B 237 -15.54 10.06 7.58
N GLN B 238 -15.99 9.93 8.82
CA GLN B 238 -15.07 9.99 9.96
C GLN B 238 -14.01 8.89 9.88
N GLY B 239 -14.43 7.64 9.77
CA GLY B 239 -13.50 6.51 9.79
C GLY B 239 -12.68 6.32 8.53
N TYR B 240 -13.34 6.42 7.36
CA TYR B 240 -12.64 6.19 6.10
C TYR B 240 -11.92 7.43 5.61
N GLY B 241 -12.41 8.61 5.96
CA GLY B 241 -11.86 9.86 5.46
C GLY B 241 -12.84 10.55 4.55
N ALA B 242 -13.12 11.83 4.82
CA ALA B 242 -14.15 12.57 4.09
C ALA B 242 -13.95 12.47 2.57
N THR B 243 -12.71 12.60 2.12
CA THR B 243 -12.40 12.69 0.71
C THR B 243 -12.05 11.35 0.10
N SER B 244 -12.07 10.28 0.89
CA SER B 244 -11.61 8.98 0.42
C SER B 244 -12.59 8.43 -0.61
N GLU B 245 -12.11 7.49 -1.42
CA GLU B 245 -12.98 6.83 -2.37
C GLU B 245 -14.03 5.99 -1.65
N GLU B 246 -13.67 5.39 -0.51
CA GLU B 246 -14.67 4.68 0.30
C GLU B 246 -15.85 5.59 0.64
N CYS B 247 -15.56 6.82 1.09
CA CYS B 247 -16.64 7.70 1.53
C CYS B 247 -17.57 8.05 0.38
N SER B 248 -17.03 8.24 -0.81
CA SER B 248 -17.86 8.64 -1.94
C SER B 248 -18.45 7.47 -2.71
N SER B 249 -18.02 6.25 -2.42
CA SER B 249 -18.67 5.06 -2.93
C SER B 249 -19.75 4.54 -1.99
N TYR B 250 -20.07 5.29 -0.93
CA TYR B 250 -20.88 4.71 0.14
C TYR B 250 -22.33 4.52 -0.30
N ALA B 251 -22.89 5.51 -1.02
CA ALA B 251 -24.27 5.37 -1.49
C ALA B 251 -24.41 4.16 -2.41
N LEU B 252 -23.40 3.89 -3.23
CA LEU B 252 -23.43 2.67 -4.04
C LEU B 252 -23.43 1.43 -3.17
N TYR B 253 -22.59 1.41 -2.13
CA TYR B 253 -22.59 0.26 -1.23
C TYR B 253 -23.97 0.03 -0.64
N LEU B 254 -24.64 1.11 -0.23
CA LEU B 254 -25.94 0.96 0.39
C LEU B 254 -26.95 0.40 -0.61
N ALA B 255 -26.86 0.84 -1.87
CA ALA B 255 -27.78 0.32 -2.89
C ALA B 255 -27.48 -1.15 -3.18
N GLU B 256 -26.21 -1.50 -3.32
CA GLU B 256 -25.89 -2.92 -3.48
C GLU B 256 -26.27 -3.72 -2.24
N LEU B 257 -26.08 -3.15 -1.04
CA LEU B 257 -26.42 -3.86 0.19
C LEU B 257 -27.93 -4.10 0.29
N ALA B 258 -28.72 -3.04 0.09
CA ALA B 258 -30.15 -3.14 0.35
C ALA B 258 -30.82 -4.12 -0.61
N LYS B 259 -30.52 -4.01 -1.91
CA LYS B 259 -31.19 -4.88 -2.85
C LYS B 259 -30.81 -6.34 -2.66
N ALA B 260 -29.67 -6.62 -2.01
CA ALA B 260 -29.23 -7.99 -1.84
C ALA B 260 -30.25 -8.86 -1.09
N PHE B 261 -31.14 -8.27 -0.30
CA PHE B 261 -32.00 -9.06 0.58
C PHE B 261 -33.41 -9.26 0.04
N GLY B 262 -33.72 -8.75 -1.16
CA GLY B 262 -35.00 -9.07 -1.80
C GLY B 262 -34.97 -10.39 -2.55
N LYS B 263 -36.13 -11.03 -2.65
CA LYS B 263 -36.25 -12.20 -3.50
C LYS B 263 -36.09 -11.82 -4.98
N ASP B 264 -36.47 -10.60 -5.35
CA ASP B 264 -36.52 -10.14 -6.73
C ASP B 264 -35.22 -9.40 -7.02
N SER B 265 -34.31 -10.07 -7.70
CA SER B 265 -33.03 -9.49 -8.09
C SER B 265 -33.18 -8.25 -8.98
N GLU B 266 -34.36 -8.02 -9.56
CA GLU B 266 -34.60 -6.87 -10.44
C GLU B 266 -35.32 -5.72 -9.75
N ARG B 267 -35.67 -5.86 -8.47
CA ARG B 267 -36.47 -4.84 -7.79
C ARG B 267 -35.71 -3.51 -7.76
N PRO B 268 -36.33 -2.40 -8.18
CA PRO B 268 -35.63 -1.10 -8.17
C PRO B 268 -35.21 -0.66 -6.78
N VAL B 269 -34.13 0.12 -6.74
CA VAL B 269 -33.69 0.81 -5.54
C VAL B 269 -33.89 2.31 -5.77
N TRP B 270 -34.51 2.98 -4.81
CA TRP B 270 -34.63 4.43 -4.83
C TRP B 270 -33.70 5.02 -3.79
N LEU B 271 -32.72 5.80 -4.24
CA LEU B 271 -31.84 6.56 -3.35
C LEU B 271 -32.63 7.81 -2.96
N GLN B 272 -33.58 7.61 -2.05
CA GLN B 272 -34.57 8.64 -1.75
C GLN B 272 -33.98 9.81 -0.96
N GLU B 273 -32.77 9.66 -0.40
CA GLU B 273 -32.08 10.76 0.25
C GLU B 273 -30.59 10.57 0.08
N VAL B 274 -29.88 11.67 -0.20
CA VAL B 274 -28.42 11.72 -0.16
C VAL B 274 -27.99 13.18 -0.02
N GLY B 275 -27.20 13.48 1.01
CA GLY B 275 -26.77 14.83 1.27
C GLY B 275 -25.26 14.91 1.43
N ALA B 276 -24.77 16.15 1.47
CA ALA B 276 -23.35 16.43 1.70
C ALA B 276 -23.19 17.14 3.05
N PRO B 277 -23.25 16.41 4.16
CA PRO B 277 -23.31 17.06 5.47
C PRO B 277 -21.98 17.69 5.84
N GLU B 278 -22.01 18.99 6.12
CA GLU B 278 -20.81 19.76 6.37
C GLU B 278 -20.36 19.68 7.82
N ASN B 279 -20.90 18.75 8.61
CA ASN B 279 -20.26 18.41 9.86
C ASN B 279 -19.19 17.32 9.70
N VAL B 280 -19.13 16.65 8.54
CA VAL B 280 -18.03 15.73 8.29
C VAL B 280 -17.34 16.04 6.95
N LEU B 281 -17.96 16.86 6.10
CA LEU B 281 -17.37 17.24 4.82
C LEU B 281 -17.03 18.72 4.84
N GLU B 282 -15.91 19.05 4.19
CA GLU B 282 -15.52 20.43 4.00
C GLU B 282 -16.44 21.12 2.99
N THR B 283 -16.81 22.36 3.30
CA THR B 283 -17.76 23.11 2.49
C THR B 283 -17.41 23.09 1.00
N ASP B 284 -16.17 23.45 0.67
CA ASP B 284 -15.66 23.52 -0.71
C ASP B 284 -15.61 22.16 -1.39
N TYR B 285 -15.81 21.08 -0.66
CA TYR B 285 -15.69 19.75 -1.24
C TYR B 285 -17.04 19.18 -1.64
N THR B 286 -18.14 19.75 -1.15
CA THR B 286 -19.43 19.12 -1.36
C THR B 286 -19.79 18.97 -2.84
N PRO B 287 -19.46 19.91 -3.74
CA PRO B 287 -19.76 19.65 -5.15
C PRO B 287 -19.11 18.38 -5.65
N GLU B 288 -17.80 18.23 -5.42
CA GLU B 288 -17.11 17.01 -5.81
C GLU B 288 -17.70 15.78 -5.13
N PHE B 289 -18.03 15.90 -3.83
CA PHE B 289 -18.69 14.79 -3.15
C PHE B 289 -19.98 14.42 -3.86
N CYS B 290 -20.70 15.43 -4.33
CA CYS B 290 -21.94 15.19 -5.06
C CYS B 290 -21.65 14.46 -6.37
N ARG B 291 -20.75 15.01 -7.18
CA ARG B 291 -20.45 14.41 -8.48
C ARG B 291 -19.97 12.97 -8.33
N LYS B 292 -19.08 12.69 -7.38
CA LYS B 292 -18.55 11.35 -7.29
C LYS B 292 -19.55 10.37 -6.68
N THR B 293 -20.36 10.83 -5.71
CA THR B 293 -21.30 9.93 -5.03
C THR B 293 -22.41 9.47 -5.96
N VAL B 294 -22.98 10.40 -6.74
CA VAL B 294 -24.01 10.04 -7.71
C VAL B 294 -23.42 9.17 -8.83
N GLU B 295 -22.25 9.52 -9.35
CA GLU B 295 -21.70 8.75 -10.46
C GLU B 295 -21.44 7.31 -10.05
N ARG B 296 -20.93 7.10 -8.83
CA ARG B 296 -20.74 5.73 -8.36
C ARG B 296 -22.06 5.07 -8.02
N ALA B 297 -23.02 5.81 -7.43
CA ALA B 297 -24.34 5.25 -7.20
C ALA B 297 -24.99 4.73 -8.48
N MET B 298 -24.64 5.26 -9.65
CA MET B 298 -25.28 4.76 -10.84
C MET B 298 -24.61 3.53 -11.43
N ASP B 299 -23.57 3.00 -10.79
CA ASP B 299 -23.01 1.70 -11.15
C ASP B 299 -23.87 0.55 -10.68
N CYS B 300 -24.94 0.83 -9.95
CA CYS B 300 -25.91 -0.18 -9.52
C CYS B 300 -27.07 -0.18 -10.50
N ARG B 301 -27.19 -1.25 -11.31
CA ARG B 301 -28.18 -1.25 -12.38
C ARG B 301 -29.62 -1.15 -11.88
N ASN B 302 -29.89 -1.52 -10.62
CA ASN B 302 -31.23 -1.47 -10.05
C ASN B 302 -31.65 -0.06 -9.65
N LEU B 303 -30.78 0.94 -9.79
CA LEU B 303 -31.07 2.26 -9.26
C LEU B 303 -32.12 2.96 -10.10
N TRP B 304 -33.17 3.45 -9.45
CA TRP B 304 -34.31 4.04 -10.13
C TRP B 304 -34.29 5.57 -10.11
N GLY B 305 -33.67 6.17 -9.10
CA GLY B 305 -33.57 7.62 -9.03
C GLY B 305 -32.75 8.07 -7.83
N VAL B 306 -32.38 9.34 -7.88
CA VAL B 306 -31.54 9.99 -6.87
C VAL B 306 -32.25 11.28 -6.48
N THR B 307 -32.54 11.42 -5.19
CA THR B 307 -33.30 12.56 -4.67
C THR B 307 -32.45 13.25 -3.62
N TRP B 308 -31.89 14.40 -3.96
CA TRP B 308 -30.94 15.06 -3.07
C TRP B 308 -31.62 15.60 -1.82
N TRP B 309 -30.94 15.51 -0.66
CA TRP B 309 -31.36 16.23 0.55
C TRP B 309 -30.46 17.43 0.81
N CYS B 310 -30.96 18.65 0.60
CA CYS B 310 -32.35 18.99 0.27
C CYS B 310 -32.39 20.20 -0.70
N SER B 311 -33.60 20.66 -1.07
CA SER B 311 -33.69 21.72 -2.06
C SER B 311 -33.18 23.06 -1.52
N HIS B 312 -33.57 23.42 -0.29
CA HIS B 312 -33.33 24.76 0.24
C HIS B 312 -32.79 24.72 1.68
N ASP B 313 -31.91 25.66 1.98
CA ASP B 313 -31.34 25.79 3.31
C ASP B 313 -32.41 26.02 4.36
N VAL B 314 -32.26 25.38 5.51
CA VAL B 314 -33.15 25.65 6.65
C VAL B 314 -32.93 27.08 7.13
N PRO B 315 -33.97 27.90 7.26
CA PRO B 315 -33.78 29.28 7.71
C PRO B 315 -32.86 29.38 8.92
N ALA B 316 -32.00 30.40 8.92
CA ALA B 316 -31.00 30.52 9.96
C ALA B 316 -31.57 31.01 11.28
N SER B 317 -32.70 31.71 11.27
CA SER B 317 -33.34 32.09 12.53
C SER B 317 -33.94 30.91 13.28
N MET B 318 -34.02 29.73 12.69
CA MET B 318 -34.56 28.58 13.39
C MET B 318 -33.45 27.86 14.11
N GLU B 319 -33.63 27.61 15.40
CA GLU B 319 -32.57 27.11 16.24
C GLU B 319 -32.84 25.65 16.62
N ASP B 320 -31.91 25.10 17.39
CA ASP B 320 -31.90 23.73 17.92
C ASP B 320 -31.72 22.68 16.84
N PHE B 321 -31.52 23.08 15.58
CA PHE B 321 -31.02 22.14 14.59
C PHE B 321 -29.56 21.84 14.89
N PRO B 322 -29.10 20.60 14.69
CA PRO B 322 -27.67 20.37 14.48
C PRO B 322 -27.21 21.30 13.36
N PHE B 323 -26.08 22.00 13.59
CA PHE B 323 -25.80 23.19 12.81
C PHE B 323 -25.63 22.91 11.33
N PHE B 324 -25.09 21.75 10.96
CA PHE B 324 -24.85 21.44 9.55
C PHE B 324 -26.14 21.33 8.74
N GLU B 325 -27.29 21.14 9.40
CA GLU B 325 -28.55 21.02 8.69
C GLU B 325 -28.95 22.31 7.99
N HIS B 326 -28.56 23.45 8.53
CA HIS B 326 -28.96 24.70 7.89
C HIS B 326 -28.44 24.82 6.47
N SER B 327 -27.33 24.14 6.13
CA SER B 327 -26.64 24.38 4.88
C SER B 327 -26.72 23.19 3.92
N LEU B 328 -27.65 22.27 4.13
CA LEU B 328 -27.78 21.10 3.26
C LEU B 328 -28.45 21.41 1.92
N GLY B 329 -28.83 22.67 1.66
CA GLY B 329 -29.60 22.99 0.47
C GLY B 329 -28.78 23.01 -0.81
N LEU B 330 -29.50 22.85 -1.93
CA LEU B 330 -28.96 23.15 -3.26
C LEU B 330 -29.04 24.65 -3.55
N PHE B 331 -30.10 25.32 -3.06
CA PHE B 331 -30.24 26.77 -3.02
C PHE B 331 -30.00 27.27 -1.61
N ASP B 332 -29.52 28.52 -1.50
CA ASP B 332 -29.24 29.10 -0.19
C ASP B 332 -30.52 29.73 0.37
N GLU B 333 -30.38 30.54 1.43
CA GLU B 333 -31.57 31.11 2.05
C GLU B 333 -32.20 32.17 1.15
N GLN B 334 -31.38 32.94 0.45
CA GLN B 334 -31.88 33.93 -0.49
C GLN B 334 -32.29 33.31 -1.81
N GLY B 335 -32.46 32.00 -1.86
CA GLY B 335 -32.86 31.37 -3.11
C GLY B 335 -31.82 31.38 -4.22
N GLN B 336 -30.54 31.64 -3.89
CA GLN B 336 -29.48 31.60 -4.89
C GLN B 336 -29.00 30.16 -5.08
N LEU B 337 -28.87 29.74 -6.34
CA LEU B 337 -28.33 28.41 -6.60
C LEU B 337 -26.92 28.31 -6.06
N LYS B 338 -26.61 27.19 -5.43
CA LYS B 338 -25.31 26.96 -4.83
C LYS B 338 -24.46 26.06 -5.72
N PRO B 339 -23.14 26.10 -5.58
CA PRO B 339 -22.28 25.21 -6.38
C PRO B 339 -22.73 23.76 -6.39
N ILE B 340 -23.06 23.18 -5.23
CA ILE B 340 -23.57 21.81 -5.22
C ILE B 340 -24.83 21.71 -6.07
N GLY B 341 -25.66 22.75 -6.06
CA GLY B 341 -26.91 22.69 -6.80
C GLY B 341 -26.69 22.71 -8.30
N ARG B 342 -25.78 23.57 -8.76
CA ARG B 342 -25.39 23.54 -10.15
C ARG B 342 -24.85 22.16 -10.52
N THR B 343 -24.02 21.58 -9.65
CA THR B 343 -23.45 20.27 -9.95
C THR B 343 -24.53 19.22 -10.12
N PHE B 344 -25.48 19.16 -9.18
CA PHE B 344 -26.55 18.19 -9.26
C PHE B 344 -27.39 18.41 -10.50
N GLY B 345 -27.66 19.68 -10.85
CA GLY B 345 -28.34 19.98 -12.10
C GLY B 345 -27.59 19.42 -13.30
N GLU B 346 -26.27 19.54 -13.30
CA GLU B 346 -25.48 19.03 -14.43
C GLU B 346 -25.49 17.50 -14.48
N LEU B 347 -25.45 16.85 -13.32
CA LEU B 347 -25.60 15.40 -13.26
C LEU B 347 -26.91 14.96 -13.90
N ALA B 348 -28.01 15.60 -13.53
CA ALA B 348 -29.30 15.19 -14.06
C ALA B 348 -29.36 15.31 -15.59
N ALA B 349 -28.77 16.38 -16.16
CA ALA B 349 -28.83 16.54 -17.62
C ALA B 349 -27.94 15.52 -18.31
N GLN B 350 -26.91 15.04 -17.62
CA GLN B 350 -25.96 14.11 -18.21
C GLN B 350 -26.50 12.68 -18.20
N TYR B 351 -27.08 12.26 -17.08
CA TYR B 351 -27.37 10.85 -16.85
C TYR B 351 -28.85 10.50 -16.91
N ARG B 352 -29.76 11.48 -16.94
CA ARG B 352 -31.18 11.12 -16.96
C ARG B 352 -31.54 10.28 -18.18
N SER B 353 -30.69 10.30 -19.22
CA SER B 353 -30.91 9.51 -20.43
C SER B 353 -29.97 8.33 -20.53
N ALA B 354 -29.20 8.05 -19.49
CA ALA B 354 -28.11 7.08 -19.60
C ALA B 354 -28.64 5.65 -19.59
N LEU B 355 -27.89 4.77 -20.24
CA LEU B 355 -28.25 3.37 -20.22
C LEU B 355 -27.75 2.73 -18.91
N PRO B 356 -28.46 1.71 -18.43
CA PRO B 356 -28.15 1.15 -17.11
C PRO B 356 -26.76 0.52 -17.07
N ALA B 357 -26.26 0.36 -15.84
CA ALA B 357 -24.90 -0.11 -15.62
C ALA B 357 -24.75 -1.59 -16.00
N GLN B 358 -23.55 -1.94 -16.44
CA GLN B 358 -23.22 -3.33 -16.73
C GLN B 358 -23.39 -4.20 -15.48
N PRO B 359 -23.76 -5.46 -15.64
CA PRO B 359 -23.87 -6.36 -14.47
C PRO B 359 -22.50 -6.59 -13.83
N LYS B 360 -22.53 -7.19 -12.65
CA LYS B 360 -21.32 -7.42 -11.86
C LYS B 360 -21.08 -8.91 -11.69
N THR B 361 -19.82 -9.32 -11.86
CA THR B 361 -19.44 -10.72 -11.78
C THR B 361 -18.73 -11.09 -10.49
N VAL B 362 -18.49 -10.12 -9.60
CA VAL B 362 -17.82 -10.35 -8.32
C VAL B 362 -18.80 -9.97 -7.22
N ALA B 363 -18.92 -10.82 -6.19
CA ALA B 363 -19.91 -10.58 -5.16
C ALA B 363 -19.37 -10.88 -3.77
N VAL B 364 -19.85 -10.09 -2.80
CA VAL B 364 -19.61 -10.32 -1.40
C VAL B 364 -20.81 -11.09 -0.85
N VAL B 365 -20.54 -12.16 -0.11
CA VAL B 365 -21.59 -13.04 0.41
C VAL B 365 -21.87 -12.65 1.84
N ILE B 366 -23.15 -12.53 2.20
CA ILE B 366 -23.60 -12.22 3.55
C ILE B 366 -24.43 -13.38 4.09
N ASP B 367 -24.01 -13.92 5.23
CA ASP B 367 -24.74 -15.03 5.85
C ASP B 367 -26.09 -14.56 6.40
N VAL B 368 -27.18 -15.23 6.01
CA VAL B 368 -28.52 -14.86 6.47
C VAL B 368 -29.18 -16.02 7.21
N ASP B 369 -30.17 -15.67 8.04
CA ASP B 369 -31.02 -16.65 8.70
C ASP B 369 -32.01 -17.23 7.70
N GLU B 370 -32.92 -18.09 8.20
CA GLU B 370 -33.89 -18.72 7.32
C GLU B 370 -34.79 -17.66 6.66
N ALA B 371 -35.12 -16.61 7.40
CA ALA B 371 -36.03 -15.61 6.85
C ALA B 371 -35.37 -14.78 5.74
N GLY B 372 -34.04 -14.81 5.65
CA GLY B 372 -33.31 -14.03 4.66
C GLY B 372 -32.58 -12.83 5.21
N ASN B 373 -32.60 -12.60 6.56
CA ASN B 373 -32.03 -11.45 7.21
C ASN B 373 -30.61 -11.72 7.68
N PRO B 374 -29.76 -10.69 7.72
CA PRO B 374 -28.36 -10.92 8.13
C PRO B 374 -28.30 -11.54 9.51
N VAL B 375 -27.40 -12.50 9.65
CA VAL B 375 -27.09 -13.02 10.97
C VAL B 375 -26.48 -11.92 11.83
N ASN B 376 -25.54 -11.17 11.26
CA ASN B 376 -24.71 -10.21 11.99
C ASN B 376 -24.83 -8.85 11.32
N ARG B 377 -25.92 -8.14 11.61
CA ARG B 377 -26.12 -6.84 10.98
C ARG B 377 -25.03 -5.83 11.36
N SER B 378 -24.39 -6.01 12.52
CA SER B 378 -23.35 -5.07 12.96
CA SER B 378 -23.37 -5.05 12.94
C SER B 378 -22.14 -5.10 12.05
N ALA B 379 -21.89 -6.22 11.38
CA ALA B 379 -20.77 -6.29 10.46
C ALA B 379 -21.01 -5.46 9.18
N LEU B 380 -22.26 -5.10 8.89
CA LEU B 380 -22.57 -4.38 7.64
C LEU B 380 -22.25 -2.90 7.71
N GLY B 381 -22.05 -2.33 8.91
CA GLY B 381 -21.96 -0.90 9.08
C GLY B 381 -20.58 -0.36 8.80
N PRO B 382 -20.44 0.96 8.91
CA PRO B 382 -19.14 1.62 8.64
C PRO B 382 -18.04 1.07 9.54
N GLY B 383 -16.98 0.56 8.92
CA GLY B 383 -15.90 -0.06 9.65
C GLY B 383 -16.16 -1.46 10.17
N GLY B 384 -17.28 -2.08 9.79
CA GLY B 384 -17.48 -3.49 10.05
C GLY B 384 -16.81 -4.35 8.99
N SER B 385 -16.74 -5.65 9.27
CA SER B 385 -16.00 -6.56 8.40
C SER B 385 -16.59 -6.59 6.99
N VAL B 386 -17.92 -6.59 6.87
CA VAL B 386 -18.55 -6.73 5.57
C VAL B 386 -18.36 -5.44 4.74
N CYS B 387 -18.60 -4.30 5.36
CA CYS B 387 -18.36 -3.01 4.71
C CYS B 387 -16.91 -2.90 4.26
N ASP B 388 -15.96 -3.19 5.16
CA ASP B 388 -14.56 -3.10 4.81
C ASP B 388 -14.24 -4.01 3.63
N LEU B 389 -14.84 -5.20 3.60
CA LEU B 389 -14.56 -6.13 2.51
C LEU B 389 -15.08 -5.60 1.19
N TRP B 390 -16.30 -5.07 1.19
CA TRP B 390 -16.85 -4.51 -0.02
C TRP B 390 -16.02 -3.32 -0.49
N MET B 391 -15.57 -2.49 0.46
CA MET B 391 -14.85 -1.28 0.12
C MET B 391 -13.50 -1.59 -0.55
N LYS B 392 -12.72 -2.51 0.04
CA LYS B 392 -11.43 -2.86 -0.53
C LYS B 392 -11.59 -3.40 -1.95
N LEU B 393 -12.55 -4.32 -2.15
CA LEU B 393 -12.89 -4.81 -3.48
C LEU B 393 -13.30 -3.67 -4.41
N GLN B 394 -14.13 -2.74 -3.93
CA GLN B 394 -14.57 -1.64 -4.78
C GLN B 394 -13.42 -0.69 -5.10
N VAL B 395 -12.53 -0.44 -4.13
CA VAL B 395 -11.38 0.43 -4.32
C VAL B 395 -10.36 -0.21 -5.26
N ALA B 396 -10.25 -1.54 -5.24
CA ALA B 396 -9.35 -2.22 -6.15
C ALA B 396 -9.97 -2.45 -7.54
N GLY B 397 -11.06 -1.77 -7.86
CA GLY B 397 -11.63 -1.83 -9.20
C GLY B 397 -12.37 -3.09 -9.56
N GLN B 398 -12.83 -3.84 -8.58
CA GLN B 398 -13.49 -5.11 -8.83
C GLN B 398 -14.99 -5.00 -9.02
N ARG B 399 -15.56 -3.81 -8.83
CA ARG B 399 -16.99 -3.59 -9.00
C ARG B 399 -17.82 -4.67 -8.30
N PRO B 400 -17.69 -4.82 -6.98
CA PRO B 400 -18.39 -5.92 -6.32
C PRO B 400 -19.87 -5.63 -6.14
N THR B 401 -20.69 -6.67 -6.31
CA THR B 401 -22.07 -6.68 -5.87
C THR B 401 -22.17 -7.46 -4.56
N ILE B 402 -23.38 -7.62 -4.04
CA ILE B 402 -23.59 -8.26 -2.74
C ILE B 402 -24.71 -9.29 -2.90
N ILE B 403 -24.55 -10.47 -2.29
CA ILE B 403 -25.57 -11.50 -2.29
C ILE B 403 -25.61 -12.18 -0.91
N THR B 404 -26.71 -12.89 -0.66
CA THR B 404 -26.88 -13.65 0.59
C THR B 404 -26.30 -15.05 0.46
N SER B 405 -26.02 -15.66 1.61
CA SER B 405 -25.68 -17.08 1.63
C SER B 405 -26.71 -17.93 0.90
N GLN B 406 -27.96 -17.48 0.80
CA GLN B 406 -28.98 -18.30 0.16
C GLN B 406 -28.77 -18.34 -1.35
N VAL B 407 -28.49 -17.18 -1.96
CA VAL B 407 -28.11 -17.16 -3.38
C VAL B 407 -26.75 -17.84 -3.59
N ALA B 408 -25.79 -17.61 -2.68
CA ALA B 408 -24.45 -18.16 -2.85
C ALA B 408 -24.44 -19.68 -2.87
N ALA B 409 -25.46 -20.31 -2.32
CA ALA B 409 -25.49 -21.77 -2.26
C ALA B 409 -26.27 -22.37 -3.43
N ASN B 410 -26.89 -21.54 -4.26
CA ASN B 410 -27.64 -21.98 -5.42
C ASN B 410 -26.77 -21.74 -6.65
N GLN B 411 -26.19 -22.82 -7.19
CA GLN B 411 -25.31 -22.68 -8.35
C GLN B 411 -26.07 -22.25 -9.60
N GLU B 412 -27.34 -22.64 -9.71
CA GLU B 412 -28.17 -22.15 -10.80
C GLU B 412 -28.37 -20.64 -10.69
N ALA B 413 -28.62 -20.15 -9.48
CA ALA B 413 -28.78 -18.71 -9.27
C ALA B 413 -27.53 -17.97 -9.69
N LEU B 414 -26.36 -18.45 -9.25
CA LEU B 414 -25.12 -17.75 -9.54
C LEU B 414 -24.89 -17.63 -11.05
N ALA B 415 -25.21 -18.69 -11.80
CA ALA B 415 -25.05 -18.63 -13.24
C ALA B 415 -26.15 -17.80 -13.90
N GLN B 416 -27.36 -17.82 -13.34
CA GLN B 416 -28.42 -16.96 -13.87
C GLN B 416 -28.04 -15.49 -13.73
N ARG B 417 -27.36 -15.13 -12.65
CA ARG B 417 -26.93 -13.76 -12.38
C ARG B 417 -25.55 -13.44 -12.95
N GLY B 418 -24.88 -14.42 -13.57
CA GLY B 418 -23.58 -14.18 -14.16
C GLY B 418 -22.43 -14.02 -13.19
N ILE B 419 -22.54 -14.51 -11.98
CA ILE B 419 -21.53 -14.26 -10.96
C ILE B 419 -20.45 -15.33 -11.01
N LEU B 420 -19.19 -14.90 -10.88
CA LEU B 420 -18.05 -15.79 -11.00
C LEU B 420 -17.19 -15.89 -9.74
N GLU B 421 -16.97 -14.80 -9.04
CA GLU B 421 -16.02 -14.76 -7.93
C GLU B 421 -16.77 -14.38 -6.67
N LEU B 422 -16.56 -15.16 -5.60
CA LEU B 422 -17.24 -14.99 -4.33
C LEU B 422 -16.22 -14.68 -3.24
N HIS B 423 -16.56 -13.72 -2.38
CA HIS B 423 -15.74 -13.34 -1.23
C HIS B 423 -16.62 -13.31 -0.01
N ALA B 424 -16.29 -14.13 1.00
CA ALA B 424 -17.09 -14.21 2.21
C ALA B 424 -16.41 -13.51 3.36
N ASP B 425 -17.23 -13.05 4.31
CA ASP B 425 -16.72 -12.49 5.55
C ASP B 425 -16.17 -13.63 6.41
N GLU B 426 -14.87 -13.86 6.33
CA GLU B 426 -14.30 -15.02 6.99
C GLU B 426 -14.33 -14.86 8.50
N HIS B 427 -13.90 -13.71 9.00
CA HIS B 427 -13.81 -13.47 10.44
C HIS B 427 -14.48 -12.14 10.76
N PRO B 428 -15.78 -12.15 11.04
CA PRO B 428 -16.53 -10.90 11.14
C PRO B 428 -16.12 -10.10 12.38
N TYR B 429 -16.35 -8.79 12.30
CA TYR B 429 -16.19 -7.92 13.45
C TYR B 429 -17.20 -6.79 13.31
N ALA B 430 -17.54 -6.17 14.44
CA ALA B 430 -18.63 -5.21 14.44
C ALA B 430 -18.20 -3.91 13.77
N ALA B 431 -19.20 -3.07 13.45
CA ALA B 431 -18.93 -1.82 12.75
C ALA B 431 -18.07 -0.87 13.60
N ARG B 432 -16.81 -0.66 13.20
CA ARG B 432 -15.88 0.10 14.04
C ARG B 432 -16.20 1.59 14.07
N TYR B 433 -16.79 2.14 13.02
CA TYR B 433 -16.96 3.59 12.92
C TYR B 433 -18.39 4.05 13.16
N TYR B 434 -19.35 3.11 13.26
CA TYR B 434 -20.75 3.44 13.09
C TYR B 434 -21.28 4.31 14.23
N THR B 435 -22.03 5.36 13.88
CA THR B 435 -22.80 6.14 14.83
C THR B 435 -24.23 6.25 14.33
N ALA B 436 -25.19 6.09 15.24
CA ALA B 436 -26.59 6.06 14.86
C ALA B 436 -27.28 7.42 14.95
N VAL B 437 -26.67 8.41 15.59
CA VAL B 437 -27.25 9.75 15.68
C VAL B 437 -26.47 10.71 14.75
N SER B 438 -27.11 11.84 14.42
CA SER B 438 -26.56 12.83 13.51
C SER B 438 -25.76 13.92 14.21
N ASP B 439 -25.75 13.94 15.54
CA ASP B 439 -25.07 14.95 16.33
C ASP B 439 -24.64 14.31 17.65
N PRO B 440 -23.44 14.64 18.15
CA PRO B 440 -23.05 14.20 19.50
C PRO B 440 -24.09 14.49 20.58
N SER B 441 -24.89 15.56 20.43
CA SER B 441 -25.91 15.90 21.42
C SER B 441 -26.96 14.81 21.61
N PHE B 442 -27.18 13.96 20.59
CA PHE B 442 -28.22 12.92 20.66
C PHE B 442 -27.63 11.55 20.99
N HIS C 20 3.16 -18.54 5.29
CA HIS C 20 3.22 -19.55 6.34
C HIS C 20 2.44 -20.84 6.02
N MET C 21 3.17 -21.86 5.61
CA MET C 21 2.65 -23.17 5.24
C MET C 21 2.66 -24.10 6.45
N LYS C 22 1.68 -24.99 6.50
CA LYS C 22 1.56 -25.93 7.61
C LYS C 22 2.04 -27.32 7.22
N PHE C 23 2.71 -28.01 8.17
CA PHE C 23 3.22 -29.36 7.96
C PHE C 23 2.80 -30.23 9.13
N GLY C 24 2.24 -31.39 8.81
CA GLY C 24 1.78 -32.29 9.85
C GLY C 24 1.72 -33.71 9.32
N VAL C 25 1.12 -34.59 10.12
CA VAL C 25 1.02 -36.00 9.77
C VAL C 25 -0.35 -36.53 10.18
N ASN C 26 -0.80 -37.54 9.44
CA ASN C 26 -1.90 -38.37 9.88
C ASN C 26 -1.37 -39.32 10.95
N TYR C 27 -1.94 -39.24 12.16
CA TYR C 27 -1.37 -39.92 13.32
C TYR C 27 -1.86 -41.36 13.39
N THR C 28 -0.98 -42.30 13.09
CA THR C 28 -1.25 -43.71 13.31
C THR C 28 -0.53 -44.18 14.58
N PRO C 29 -1.25 -44.47 15.66
CA PRO C 29 -0.58 -44.82 16.92
C PRO C 29 0.36 -46.00 16.73
N SER C 30 1.63 -45.81 17.13
CA SER C 30 2.65 -46.83 16.88
C SER C 30 2.28 -48.17 17.51
N HIS C 31 1.72 -48.14 18.72
CA HIS C 31 1.30 -49.35 19.42
C HIS C 31 -0.20 -49.55 19.21
N GLY C 32 -0.58 -50.61 18.49
CA GLY C 32 -1.98 -50.95 18.29
C GLY C 32 -2.69 -50.29 17.10
N TRP C 33 -2.09 -49.30 16.45
CA TRP C 33 -2.75 -48.67 15.30
C TRP C 33 -4.05 -48.07 15.82
N PHE C 34 -5.11 -48.03 15.00
CA PHE C 34 -6.41 -47.52 15.45
C PHE C 34 -7.18 -48.53 16.29
N HIS C 35 -6.62 -49.72 16.53
CA HIS C 35 -7.11 -50.56 17.60
C HIS C 35 -6.65 -50.07 18.97
N ALA C 36 -5.83 -49.01 19.01
CA ALA C 36 -5.39 -48.47 20.29
C ALA C 36 -6.57 -47.99 21.12
N TRP C 37 -7.65 -47.59 20.45
CA TRP C 37 -8.80 -47.04 21.15
C TRP C 37 -9.47 -48.04 22.08
N LEU C 38 -9.29 -49.34 21.87
CA LEU C 38 -9.89 -50.31 22.76
C LEU C 38 -9.15 -50.43 24.09
N ASP C 39 -7.91 -49.95 24.17
CA ASP C 39 -7.09 -49.96 25.39
C ASP C 39 -5.94 -48.97 25.23
N PRO C 40 -6.21 -47.67 25.35
CA PRO C 40 -5.18 -46.68 25.02
C PRO C 40 -3.96 -46.80 25.92
N ASP C 41 -2.79 -47.00 25.30
CA ASP C 41 -1.50 -46.86 25.95
C ASP C 41 -1.15 -45.38 25.96
N TRP C 42 -1.54 -44.68 27.04
CA TRP C 42 -1.39 -43.22 27.06
C TRP C 42 0.08 -42.80 27.17
N ASP C 43 0.91 -43.57 27.84
CA ASP C 43 2.34 -43.24 27.83
C ASP C 43 2.93 -43.38 26.43
N GLY C 44 2.44 -44.37 25.67
CA GLY C 44 2.95 -44.56 24.32
C GLY C 44 2.44 -43.52 23.36
N ILE C 45 1.14 -43.20 23.45
CA ILE C 45 0.57 -42.14 22.62
C ILE C 45 1.26 -40.82 22.91
N ASP C 46 1.62 -40.59 24.18
CA ASP C 46 2.26 -39.33 24.51
C ASP C 46 3.63 -39.26 23.86
N ASN C 47 4.33 -40.40 23.87
CA ASN C 47 5.67 -40.46 23.27
C ASN C 47 5.59 -40.33 21.75
N ASP C 48 4.64 -41.03 21.13
CA ASP C 48 4.37 -40.84 19.71
C ASP C 48 4.33 -39.35 19.38
N LEU C 49 3.37 -38.64 19.99
CA LEU C 49 3.13 -37.25 19.66
C LEU C 49 4.31 -36.38 20.00
N LYS C 50 5.17 -36.83 20.92
CA LYS C 50 6.37 -36.06 21.25
C LYS C 50 7.40 -36.13 20.12
N GLN C 51 7.60 -37.32 19.53
CA GLN C 51 8.52 -37.43 18.41
C GLN C 51 8.00 -36.63 17.21
N ILE C 52 6.70 -36.70 16.96
CA ILE C 52 6.09 -35.94 15.88
C ILE C 52 6.36 -34.45 16.05
N SER C 53 6.24 -33.95 17.28
CA SER C 53 6.55 -32.55 17.53
C SER C 53 8.03 -32.25 17.28
N GLU C 54 8.89 -33.18 17.65
CA GLU C 54 10.32 -32.92 17.56
C GLU C 54 10.83 -33.02 16.14
N LEU C 55 10.06 -33.67 15.26
CA LEU C 55 10.33 -33.66 13.83
C LEU C 55 10.08 -32.30 13.21
N GLY C 56 9.40 -31.39 13.91
CA GLY C 56 9.07 -30.10 13.37
C GLY C 56 7.67 -29.98 12.84
N MET C 57 6.83 -30.99 13.05
CA MET C 57 5.44 -30.92 12.63
C MET C 57 4.65 -29.93 13.49
N ASP C 58 3.66 -29.29 12.87
CA ASP C 58 2.79 -28.38 13.62
C ASP C 58 1.38 -28.90 13.82
N HIS C 59 1.02 -30.06 13.26
CA HIS C 59 -0.33 -30.56 13.52
C HIS C 59 -0.39 -32.06 13.28
N VAL C 60 -1.43 -32.66 13.82
CA VAL C 60 -1.76 -34.06 13.60
C VAL C 60 -3.23 -34.14 13.22
N ARG C 61 -3.57 -35.20 12.48
CA ARG C 61 -4.95 -35.56 12.20
C ARG C 61 -5.20 -36.91 12.85
N ILE C 62 -6.31 -37.04 13.57
CA ILE C 62 -6.55 -38.22 14.39
C ILE C 62 -7.89 -38.85 14.02
N PHE C 63 -7.99 -40.15 14.30
CA PHE C 63 -9.02 -41.00 13.70
C PHE C 63 -9.66 -41.89 14.75
N PRO C 64 -10.75 -41.44 15.38
CA PRO C 64 -11.57 -42.35 16.18
C PRO C 64 -12.38 -43.30 15.30
N ILE C 65 -12.95 -44.29 15.95
CA ILE C 65 -13.71 -45.36 15.31
C ILE C 65 -15.20 -45.13 15.61
N TRP C 66 -15.97 -44.92 14.55
CA TRP C 66 -17.39 -44.57 14.68
C TRP C 66 -18.17 -45.59 15.51
N PRO C 67 -18.17 -46.89 15.21
CA PRO C 67 -18.99 -47.81 16.03
C PRO C 67 -18.56 -47.95 17.48
N TYR C 68 -17.35 -47.47 17.86
CA TYR C 68 -17.01 -47.39 19.27
C TYR C 68 -17.56 -46.12 19.90
N LEU C 69 -17.72 -45.06 19.13
CA LEU C 69 -18.33 -43.84 19.67
C LEU C 69 -19.84 -44.00 19.79
N GLN C 70 -20.47 -44.63 18.81
CA GLN C 70 -21.93 -44.65 18.67
C GLN C 70 -22.36 -46.08 18.39
N PRO C 71 -22.23 -46.97 19.37
CA PRO C 71 -22.52 -48.38 19.10
C PRO C 71 -23.99 -48.67 18.88
N ASN C 72 -24.88 -47.78 19.34
CA ASN C 72 -26.31 -47.82 19.08
C ASN C 72 -26.71 -46.42 18.62
N ARG C 73 -27.78 -46.34 17.82
CA ARG C 73 -28.10 -45.07 17.18
C ARG C 73 -28.36 -43.95 18.19
N THR C 74 -28.94 -44.27 19.36
CA THR C 74 -29.28 -43.26 20.36
C THR C 74 -28.49 -43.45 21.66
N TRP C 75 -27.26 -43.92 21.56
CA TRP C 75 -26.43 -44.14 22.74
C TRP C 75 -24.98 -43.88 22.36
N ILE C 76 -24.43 -42.77 22.84
CA ILE C 76 -23.05 -42.36 22.56
C ILE C 76 -22.17 -42.75 23.75
N ASN C 77 -21.03 -43.40 23.46
CA ASN C 77 -20.08 -43.88 24.46
C ASN C 77 -19.30 -42.70 25.03
N LYS C 78 -19.65 -42.26 26.23
CA LYS C 78 -19.03 -41.06 26.78
C LYS C 78 -17.53 -41.24 27.02
N LYS C 79 -17.10 -42.44 27.41
CA LYS C 79 -15.69 -42.71 27.65
C LYS C 79 -14.88 -42.54 26.37
N GLY C 80 -15.40 -43.08 25.26
CA GLY C 80 -14.71 -42.95 24.00
C GLY C 80 -14.53 -41.50 23.58
N VAL C 81 -15.58 -40.69 23.75
CA VAL C 81 -15.44 -39.25 23.53
C VAL C 81 -14.34 -38.68 24.42
N ALA C 82 -14.37 -39.03 25.71
CA ALA C 82 -13.34 -38.58 26.63
C ALA C 82 -11.95 -39.02 26.17
N ASP C 83 -11.84 -40.23 25.62
CA ASP C 83 -10.55 -40.66 25.07
C ASP C 83 -10.11 -39.78 23.90
N VAL C 84 -11.03 -39.41 22.99
CA VAL C 84 -10.62 -38.56 21.88
C VAL C 84 -10.17 -37.20 22.40
N ARG C 85 -10.85 -36.68 23.42
CA ARG C 85 -10.47 -35.37 23.96
C ARG C 85 -9.10 -35.44 24.63
N ARG C 86 -8.77 -36.58 25.24
CA ARG C 86 -7.46 -36.73 25.88
C ARG C 86 -6.33 -36.77 24.85
N MET C 87 -6.54 -37.46 23.73
CA MET C 87 -5.51 -37.50 22.69
C MET C 87 -5.26 -36.10 22.15
N VAL C 88 -6.32 -35.31 21.93
CA VAL C 88 -6.16 -33.94 21.45
C VAL C 88 -5.36 -33.12 22.46
N HIS C 89 -5.69 -33.27 23.75
CA HIS C 89 -5.00 -32.55 24.81
C HIS C 89 -3.52 -32.90 24.88
N ILE C 90 -3.20 -34.18 24.74
CA ILE C 90 -1.79 -34.59 24.72
C ILE C 90 -1.07 -33.96 23.53
N ALA C 91 -1.72 -33.96 22.37
CA ALA C 91 -1.15 -33.28 21.21
C ALA C 91 -0.85 -31.82 21.53
N GLY C 92 -1.84 -31.10 22.05
CA GLY C 92 -1.60 -29.71 22.43
C GLY C 92 -0.49 -29.56 23.47
N GLU C 93 -0.29 -30.58 24.30
CA GLU C 93 0.79 -30.48 25.28
C GLU C 93 2.17 -30.56 24.61
N HIS C 94 2.27 -31.08 23.39
CA HIS C 94 3.51 -31.02 22.64
C HIS C 94 3.47 -29.96 21.54
N GLY C 95 2.55 -29.00 21.66
CA GLY C 95 2.56 -27.86 20.77
C GLY C 95 2.00 -28.14 19.41
N LEU C 96 1.21 -29.20 19.27
CA LEU C 96 0.59 -29.58 18.01
C LEU C 96 -0.87 -29.14 17.98
N ASP C 97 -1.30 -28.66 16.82
CA ASP C 97 -2.73 -28.49 16.58
C ASP C 97 -3.34 -29.82 16.16
N ALA C 98 -4.57 -30.07 16.59
CA ALA C 98 -5.23 -31.34 16.33
C ALA C 98 -6.42 -31.15 15.41
N TYR C 99 -6.57 -32.06 14.46
CA TYR C 99 -7.73 -32.13 13.59
C TYR C 99 -8.36 -33.51 13.73
N VAL C 100 -9.66 -33.56 14.01
CA VAL C 100 -10.34 -34.81 14.35
C VAL C 100 -11.31 -35.17 13.24
N ASP C 101 -11.23 -36.42 12.77
CA ASP C 101 -12.20 -36.99 11.83
C ASP C 101 -13.18 -37.85 12.61
N VAL C 102 -14.47 -37.80 12.24
CA VAL C 102 -15.46 -38.50 13.06
C VAL C 102 -15.86 -39.86 12.49
N PHE C 103 -16.41 -39.89 11.27
CA PHE C 103 -17.06 -41.10 10.76
C PHE C 103 -16.06 -42.03 10.06
N GLN C 104 -15.37 -42.81 10.87
CA GLN C 104 -14.58 -43.94 10.40
C GLN C 104 -15.27 -45.19 10.94
N GLY C 105 -16.01 -45.87 10.06
CA GLY C 105 -15.97 -45.56 8.66
C GLY C 105 -14.76 -46.21 8.00
N HIS C 106 -14.15 -45.53 7.03
CA HIS C 106 -13.13 -46.17 6.18
C HIS C 106 -11.72 -45.78 6.58
N LEU C 107 -10.88 -46.80 6.83
CA LEU C 107 -9.44 -46.64 7.13
C LEU C 107 -8.65 -47.76 6.47
N SER C 108 -7.83 -47.42 5.48
CA SER C 108 -6.76 -48.29 4.97
C SER C 108 -7.28 -49.67 4.55
N SER C 109 -8.43 -49.67 3.87
CA SER C 109 -9.12 -50.80 3.24
C SER C 109 -10.19 -51.42 4.16
N PHE C 110 -10.21 -51.07 5.44
CA PHE C 110 -11.20 -51.59 6.38
C PHE C 110 -12.34 -50.59 6.60
N ASP C 111 -13.56 -51.10 6.74
CA ASP C 111 -14.74 -50.30 7.08
C ASP C 111 -15.18 -50.60 8.51
N PHE C 112 -15.37 -49.56 9.30
CA PHE C 112 -15.88 -49.72 10.66
C PHE C 112 -17.30 -49.16 10.70
N LEU C 113 -18.29 -50.07 10.62
CA LEU C 113 -19.67 -49.59 10.58
C LEU C 113 -20.42 -49.99 11.84
N PRO C 114 -21.31 -49.12 12.34
CA PRO C 114 -22.15 -49.50 13.48
C PRO C 114 -23.11 -50.62 13.12
N SER C 115 -23.39 -51.48 14.11
CA SER C 115 -24.30 -52.60 13.87
C SER C 115 -25.70 -52.12 13.50
N TRP C 116 -26.07 -50.90 13.87
CA TRP C 116 -27.39 -50.42 13.51
C TRP C 116 -27.44 -49.85 12.10
N LEU C 117 -26.41 -50.05 11.27
CA LEU C 117 -26.48 -49.73 9.86
C LEU C 117 -26.26 -50.93 8.94
N VAL C 118 -26.07 -52.15 9.50
CA VAL C 118 -25.65 -53.30 8.71
C VAL C 118 -26.59 -54.47 8.91
N THR C 119 -26.48 -55.43 7.98
CA THR C 119 -27.27 -56.66 7.86
C THR C 119 -28.75 -56.44 8.16
N TRP C 120 -29.25 -57.01 9.26
CA TRP C 120 -30.67 -56.87 9.59
C TRP C 120 -31.09 -55.42 9.71
N HIS C 121 -30.14 -54.54 10.07
CA HIS C 121 -30.40 -53.11 10.23
C HIS C 121 -29.76 -52.30 9.12
N ALA C 122 -29.51 -52.91 7.97
CA ALA C 122 -28.92 -52.21 6.84
C ALA C 122 -29.69 -50.94 6.53
N GLY C 123 -28.97 -49.81 6.47
CA GLY C 123 -29.57 -48.55 6.13
C GLY C 123 -28.59 -47.68 5.38
N ASN C 124 -29.08 -46.53 4.92
CA ASN C 124 -28.30 -45.59 4.13
C ASN C 124 -27.87 -44.43 5.01
N MET C 125 -26.55 -44.29 5.23
CA MET C 125 -26.11 -43.23 6.12
C MET C 125 -26.23 -41.85 5.48
N PHE C 126 -26.50 -41.76 4.18
CA PHE C 126 -26.66 -40.46 3.55
C PHE C 126 -28.12 -40.02 3.43
N THR C 127 -29.07 -40.96 3.29
CA THR C 127 -30.44 -40.58 3.03
C THR C 127 -31.45 -41.02 4.07
N ASP C 128 -31.09 -41.85 5.03
CA ASP C 128 -32.02 -42.22 6.09
C ASP C 128 -32.05 -41.09 7.11
N ALA C 129 -33.23 -40.51 7.34
CA ALA C 129 -33.35 -39.38 8.25
C ALA C 129 -32.90 -39.74 9.66
N ASP C 130 -33.28 -40.94 10.14
CA ASP C 130 -32.84 -41.36 11.48
C ASP C 130 -31.33 -41.42 11.57
N ALA C 131 -30.69 -42.00 10.55
CA ALA C 131 -29.23 -42.10 10.58
C ALA C 131 -28.60 -40.72 10.54
N VAL C 132 -29.11 -39.83 9.68
CA VAL C 132 -28.52 -38.51 9.57
C VAL C 132 -28.72 -37.73 10.87
N ALA C 133 -29.89 -37.86 11.50
CA ALA C 133 -30.12 -37.20 12.78
C ALA C 133 -29.18 -37.73 13.86
N ALA C 134 -28.90 -39.04 13.82
CA ALA C 134 -27.91 -39.59 14.76
C ALA C 134 -26.52 -39.08 14.44
N GLU C 135 -26.20 -38.91 13.16
CA GLU C 135 -24.87 -38.45 12.81
C GLU C 135 -24.67 -37.01 13.25
N ARG C 136 -25.73 -36.19 13.13
CA ARG C 136 -25.65 -34.81 13.61
C ARG C 136 -25.43 -34.78 15.13
N GLU C 137 -26.09 -35.67 15.87
CA GLU C 137 -25.93 -35.68 17.32
C GLU C 137 -24.51 -36.06 17.72
N LEU C 138 -23.91 -37.01 17.01
CA LEU C 138 -22.53 -37.38 17.32
C LEU C 138 -21.57 -36.25 16.98
N VAL C 139 -21.76 -35.60 15.83
CA VAL C 139 -20.91 -34.46 15.45
C VAL C 139 -21.08 -33.33 16.45
N LYS C 140 -22.31 -33.08 16.89
CA LYS C 140 -22.51 -32.00 17.86
C LYS C 140 -21.86 -32.33 19.20
N THR C 141 -21.99 -33.58 19.66
CA THR C 141 -21.34 -33.98 20.91
C THR C 141 -19.82 -33.87 20.81
N MET C 142 -19.25 -34.39 19.71
CA MET C 142 -17.82 -34.27 19.44
C MET C 142 -17.39 -32.80 19.45
N THR C 143 -18.00 -31.99 18.58
CA THR C 143 -17.62 -30.59 18.47
C THR C 143 -17.67 -29.89 19.82
N ASP C 144 -18.69 -30.18 20.62
CA ASP C 144 -18.85 -29.47 21.89
C ASP C 144 -17.73 -29.83 22.86
N GLU C 145 -17.34 -31.10 22.94
CA GLU C 145 -16.32 -31.51 23.91
C GLU C 145 -14.93 -31.06 23.50
N LEU C 146 -14.58 -31.27 22.22
CA LEU C 146 -13.24 -30.91 21.76
C LEU C 146 -13.03 -29.41 21.71
N SER C 147 -14.11 -28.63 21.59
CA SER C 147 -13.97 -27.17 21.64
C SER C 147 -13.39 -26.71 22.96
N LYS C 148 -13.58 -27.50 24.03
CA LYS C 148 -12.95 -27.18 25.31
C LYS C 148 -11.42 -27.28 25.26
N GLU C 149 -10.86 -27.91 24.24
CA GLU C 149 -9.41 -28.01 24.10
C GLU C 149 -8.88 -26.88 23.21
N PRO C 150 -7.87 -26.15 23.65
CA PRO C 150 -7.27 -25.14 22.76
C PRO C 150 -6.60 -25.72 21.52
N ALA C 151 -6.05 -26.93 21.59
CA ALA C 151 -5.41 -27.51 20.42
C ALA C 151 -6.39 -27.95 19.34
N PHE C 152 -7.68 -28.07 19.66
CA PHE C 152 -8.68 -28.48 18.66
C PHE C 152 -8.86 -27.38 17.62
N LYS C 153 -8.41 -27.62 16.38
CA LYS C 153 -8.51 -26.63 15.32
C LYS C 153 -9.40 -27.07 14.15
N GLY C 154 -9.84 -28.32 14.11
CA GLY C 154 -10.72 -28.72 13.02
C GLY C 154 -11.41 -30.07 13.15
N LEU C 155 -12.60 -30.14 12.54
CA LEU C 155 -13.44 -31.33 12.51
C LEU C 155 -13.70 -31.67 11.05
N THR C 156 -13.28 -32.85 10.63
CA THR C 156 -13.61 -33.40 9.32
C THR C 156 -14.68 -34.47 9.51
N LEU C 157 -15.80 -34.35 8.80
CA LEU C 157 -16.93 -35.27 9.00
C LEU C 157 -16.47 -36.72 9.10
N GLY C 158 -15.56 -37.12 8.21
CA GLY C 158 -15.07 -38.48 8.17
C GLY C 158 -14.07 -38.60 7.04
N ASN C 159 -13.32 -39.70 7.08
CA ASN C 159 -12.24 -39.94 6.13
C ASN C 159 -12.79 -40.60 4.87
N GLU C 160 -12.72 -39.87 3.75
CA GLU C 160 -13.15 -40.35 2.43
C GLU C 160 -14.59 -40.90 2.49
N VAL C 161 -15.48 -40.08 3.06
CA VAL C 161 -16.85 -40.52 3.26
C VAL C 161 -17.53 -40.90 1.97
N ASN C 162 -17.03 -40.40 0.82
CA ASN C 162 -17.68 -40.69 -0.45
C ASN C 162 -17.51 -42.14 -0.88
N GLN C 163 -16.56 -42.88 -0.32
CA GLN C 163 -16.29 -44.20 -0.84
C GLN C 163 -17.47 -45.16 -0.62
N LEU C 164 -18.35 -44.86 0.32
CA LEU C 164 -19.49 -45.71 0.61
C LEU C 164 -20.69 -45.44 -0.30
N SER C 165 -20.64 -44.39 -1.12
CA SER C 165 -21.85 -43.93 -1.79
C SER C 165 -22.01 -44.49 -3.20
N ASP C 166 -21.05 -45.25 -3.69
CA ASP C 166 -21.03 -45.56 -5.11
C ASP C 166 -20.35 -46.91 -5.33
N ARG C 167 -20.41 -47.37 -6.57
CA ARG C 167 -19.49 -48.38 -7.04
C ARG C 167 -18.06 -47.82 -6.95
N PRO C 168 -17.04 -48.69 -6.77
CA PRO C 168 -17.14 -50.15 -6.66
C PRO C 168 -17.50 -50.73 -5.28
N HIS C 169 -17.94 -49.92 -4.30
CA HIS C 169 -18.12 -50.45 -2.94
C HIS C 169 -19.09 -51.63 -2.93
N PRO C 170 -18.79 -52.73 -2.22
CA PRO C 170 -19.61 -53.94 -2.32
C PRO C 170 -20.90 -53.93 -1.48
N THR C 171 -21.14 -52.92 -0.65
CA THR C 171 -22.42 -52.74 0.03
C THR C 171 -22.77 -51.25 -0.04
N LYS C 172 -22.81 -50.71 -1.25
CA LYS C 172 -22.90 -49.27 -1.43
C LYS C 172 -24.21 -48.73 -0.86
N MET C 173 -24.17 -47.49 -0.37
CA MET C 173 -25.31 -46.75 0.13
C MET C 173 -25.58 -45.65 -0.91
N SER C 174 -26.50 -45.91 -1.83
CA SER C 174 -26.63 -45.11 -3.04
C SER C 174 -27.21 -43.74 -2.76
N ALA C 175 -26.79 -42.75 -3.55
CA ALA C 175 -27.35 -41.42 -3.38
C ALA C 175 -27.13 -40.57 -4.63
N THR C 176 -28.05 -39.64 -4.86
CA THR C 176 -27.88 -38.61 -5.88
C THR C 176 -26.99 -37.49 -5.35
N ASP C 177 -26.54 -36.62 -6.27
CA ASP C 177 -25.71 -35.52 -5.81
C ASP C 177 -26.52 -34.52 -4.99
N ARG C 178 -27.82 -34.35 -5.28
CA ARG C 178 -28.64 -33.46 -4.48
C ARG C 178 -28.87 -34.03 -3.09
N GLN C 179 -28.98 -35.36 -2.97
CA GLN C 179 -29.07 -35.97 -1.66
C GLN C 179 -27.78 -35.75 -0.88
N ILE C 180 -26.63 -35.78 -1.58
CA ILE C 180 -25.34 -35.55 -0.92
C ILE C 180 -25.19 -34.07 -0.56
N ASP C 181 -25.59 -33.16 -1.47
CA ASP C 181 -25.75 -31.75 -1.09
C ASP C 181 -26.46 -31.62 0.26
N ALA C 182 -27.59 -32.32 0.40
CA ALA C 182 -28.42 -32.17 1.59
C ALA C 182 -27.75 -32.83 2.80
N TRP C 183 -27.03 -33.93 2.57
CA TRP C 183 -26.29 -34.58 3.65
C TRP C 183 -25.22 -33.65 4.21
N LEU C 184 -24.42 -33.04 3.31
CA LEU C 184 -23.40 -32.09 3.73
C LEU C 184 -24.02 -30.88 4.44
N ASP C 185 -25.07 -30.30 3.84
CA ASP C 185 -25.71 -29.15 4.47
C ASP C 185 -26.32 -29.49 5.83
N ALA C 186 -26.65 -30.76 6.08
CA ALA C 186 -27.27 -31.13 7.35
C ALA C 186 -26.23 -31.34 8.45
N LEU C 187 -25.04 -31.79 8.10
CA LEU C 187 -23.98 -32.12 9.03
C LEU C 187 -22.96 -31.01 9.25
N LEU C 188 -22.51 -30.34 8.20
CA LEU C 188 -21.46 -29.35 8.36
C LEU C 188 -21.83 -28.21 9.33
N PRO C 189 -23.05 -27.67 9.36
CA PRO C 189 -23.30 -26.59 10.33
C PRO C 189 -23.14 -27.05 11.76
N THR C 190 -23.38 -28.34 12.03
CA THR C 190 -23.18 -28.88 13.36
C THR C 190 -21.71 -28.97 13.75
N ALA C 191 -20.82 -29.16 12.77
CA ALA C 191 -19.39 -29.20 13.06
C ALA C 191 -18.76 -27.82 13.17
N ALA C 192 -19.51 -26.75 12.94
CA ALA C 192 -18.95 -25.41 12.97
C ALA C 192 -18.92 -24.86 14.40
N GLY C 193 -18.05 -23.88 14.60
CA GLY C 193 -17.96 -23.14 15.85
C GLY C 193 -16.74 -22.24 15.88
N GLU C 194 -16.74 -21.23 16.75
CA GLU C 194 -15.58 -20.35 16.89
C GLU C 194 -14.36 -21.19 17.27
N GLY C 195 -13.26 -20.97 16.55
CA GLY C 195 -11.99 -21.56 16.93
C GLY C 195 -11.56 -22.80 16.15
N HIS C 196 -12.37 -23.29 15.21
CA HIS C 196 -12.01 -24.51 14.48
C HIS C 196 -12.74 -24.55 13.15
N ASN C 197 -12.11 -25.19 12.16
CA ASN C 197 -12.73 -25.37 10.85
C ASN C 197 -13.80 -26.47 10.88
N ALA C 198 -14.67 -26.46 9.86
CA ALA C 198 -15.55 -27.58 9.55
C ALA C 198 -15.24 -28.05 8.14
N LEU C 199 -15.02 -29.36 7.99
CA LEU C 199 -14.57 -29.91 6.72
C LEU C 199 -15.17 -31.29 6.53
N TYR C 200 -14.97 -31.84 5.33
CA TYR C 200 -15.11 -33.28 5.06
C TYR C 200 -14.02 -33.70 4.06
N SER C 201 -13.83 -35.01 3.89
CA SER C 201 -12.85 -35.49 2.94
C SER C 201 -13.47 -36.53 2.01
N VAL C 202 -12.86 -36.66 0.83
CA VAL C 202 -13.29 -37.61 -0.20
C VAL C 202 -12.05 -38.24 -0.80
N ASN C 203 -12.23 -39.40 -1.43
CA ASN C 203 -11.17 -39.96 -2.26
C ASN C 203 -11.27 -39.40 -3.70
N ASP C 204 -10.27 -39.69 -4.53
CA ASP C 204 -10.20 -38.90 -5.76
C ASP C 204 -11.27 -39.29 -6.80
N GLY C 205 -12.11 -40.30 -6.58
CA GLY C 205 -13.28 -40.54 -7.41
C GLY C 205 -14.19 -39.32 -7.59
N THR C 206 -14.13 -38.39 -6.63
CA THR C 206 -14.87 -37.13 -6.73
C THR C 206 -14.52 -36.37 -8.01
N TRP C 207 -13.26 -36.40 -8.44
CA TRP C 207 -12.88 -35.70 -9.66
C TRP C 207 -12.76 -36.61 -10.87
N PHE C 208 -12.67 -37.92 -10.70
CA PHE C 208 -12.27 -38.77 -11.80
C PHE C 208 -13.37 -39.70 -12.29
N ILE C 209 -14.52 -39.74 -11.63
CA ILE C 209 -15.56 -40.73 -11.91
C ILE C 209 -16.84 -39.99 -12.28
N ASP C 210 -17.29 -40.18 -13.52
CA ASP C 210 -18.54 -39.57 -13.97
C ASP C 210 -19.73 -40.18 -13.25
N GLY C 211 -20.67 -39.32 -12.87
CA GLY C 211 -21.84 -39.76 -12.17
C GLY C 211 -21.66 -39.99 -10.68
N HIS C 212 -20.45 -39.87 -10.16
CA HIS C 212 -20.23 -39.97 -8.72
C HIS C 212 -20.99 -38.86 -8.00
N PRO C 213 -21.72 -39.17 -6.92
CA PRO C 213 -22.58 -38.15 -6.30
C PRO C 213 -21.85 -37.17 -5.39
N PHE C 214 -20.58 -37.43 -5.08
CA PHE C 214 -19.74 -36.41 -4.46
C PHE C 214 -19.04 -35.69 -5.60
N THR C 215 -19.23 -34.38 -5.68
CA THR C 215 -18.81 -33.63 -6.85
C THR C 215 -17.67 -32.67 -6.53
N PRO C 216 -16.94 -32.23 -7.55
CA PRO C 216 -15.91 -31.20 -7.33
C PRO C 216 -16.48 -29.88 -6.85
N VAL C 217 -17.68 -29.50 -7.28
CA VAL C 217 -18.26 -28.25 -6.82
C VAL C 217 -18.54 -28.32 -5.33
N GLN C 218 -19.05 -29.47 -4.87
CA GLN C 218 -19.20 -29.68 -3.43
C GLN C 218 -17.88 -29.50 -2.72
N SER C 219 -16.84 -30.24 -3.16
CA SER C 219 -15.55 -30.22 -2.48
C SER C 219 -14.98 -28.80 -2.41
N ALA C 220 -15.23 -27.98 -3.42
CA ALA C 220 -14.62 -26.67 -3.49
C ALA C 220 -15.53 -25.57 -2.99
N THR C 221 -16.71 -25.89 -2.44
CA THR C 221 -17.61 -24.88 -1.89
C THR C 221 -18.20 -25.21 -0.53
N LYS C 222 -18.18 -26.45 -0.08
CA LYS C 222 -18.78 -26.81 1.20
C LYS C 222 -17.67 -27.15 2.17
N GLY C 223 -17.84 -26.69 3.41
CA GLY C 223 -16.76 -26.70 4.38
C GLY C 223 -15.85 -25.50 4.16
N ASP C 224 -14.84 -25.40 5.01
CA ASP C 224 -14.00 -24.20 5.01
C ASP C 224 -12.85 -24.23 4.01
N MET C 225 -12.44 -25.41 3.55
CA MET C 225 -11.32 -25.54 2.61
C MET C 225 -11.60 -26.69 1.65
N THR C 226 -10.95 -26.64 0.50
CA THR C 226 -10.98 -27.74 -0.46
C THR C 226 -9.97 -28.80 -0.04
N VAL C 227 -10.46 -30.00 0.28
CA VAL C 227 -9.69 -31.06 0.93
C VAL C 227 -9.40 -32.18 -0.07
N ILE C 228 -8.14 -32.56 -0.20
CA ILE C 228 -7.73 -33.54 -1.20
C ILE C 228 -6.74 -34.55 -0.62
N HIS C 229 -6.77 -35.77 -1.17
CA HIS C 229 -5.88 -36.86 -0.80
C HIS C 229 -5.13 -37.31 -2.06
N SER C 230 -3.80 -37.18 -2.06
CA SER C 230 -2.98 -37.43 -3.26
C SER C 230 -2.30 -38.80 -3.16
N TRP C 231 -2.76 -39.77 -3.96
CA TRP C 231 -2.27 -41.14 -3.88
C TRP C 231 -1.92 -41.63 -5.28
N VAL C 232 -0.62 -41.82 -5.54
CA VAL C 232 -0.19 -42.09 -6.91
C VAL C 232 -0.32 -43.55 -7.30
N PHE C 233 -0.83 -44.42 -6.43
CA PHE C 233 -1.15 -45.77 -6.88
C PHE C 233 -2.48 -45.84 -7.65
N ASN C 234 -3.10 -44.69 -7.91
CA ASN C 234 -4.36 -44.63 -8.64
C ASN C 234 -4.15 -44.70 -10.14
N GLY C 235 -2.97 -45.10 -10.59
CA GLY C 235 -2.64 -45.09 -12.01
C GLY C 235 -1.57 -44.08 -12.39
N ILE C 236 -1.36 -43.04 -11.58
CA ILE C 236 -0.37 -42.01 -11.92
C ILE C 236 1.02 -42.63 -12.05
N ALA C 237 1.44 -43.37 -11.02
CA ALA C 237 2.75 -44.02 -11.04
C ALA C 237 2.81 -45.11 -12.10
N GLN C 238 1.80 -45.98 -12.14
CA GLN C 238 1.82 -47.09 -13.10
C GLN C 238 1.76 -46.56 -14.54
N GLY C 239 1.08 -45.44 -14.73
CA GLY C 239 0.84 -44.92 -16.06
C GLY C 239 1.98 -44.08 -16.58
N TYR C 240 2.32 -43.00 -15.86
CA TYR C 240 3.39 -42.12 -16.30
C TYR C 240 4.77 -42.66 -15.96
N GLY C 241 4.89 -43.51 -14.96
CA GLY C 241 6.19 -44.03 -14.52
C GLY C 241 6.51 -43.55 -13.11
N ALA C 242 7.03 -44.47 -12.30
CA ALA C 242 7.20 -44.21 -10.88
C ALA C 242 8.12 -43.02 -10.63
N THR C 243 9.23 -42.95 -11.37
CA THR C 243 10.19 -41.88 -11.13
C THR C 243 9.96 -40.70 -12.06
N SER C 244 8.93 -40.76 -12.89
CA SER C 244 8.66 -39.71 -13.88
C SER C 244 8.33 -38.38 -13.20
N GLU C 245 8.57 -37.31 -13.95
CA GLU C 245 8.22 -35.96 -13.49
C GLU C 245 6.71 -35.78 -13.38
N GLU C 246 5.94 -36.44 -14.25
CA GLU C 246 4.49 -36.37 -14.15
C GLU C 246 4.02 -36.94 -12.82
N CYS C 247 4.58 -38.09 -12.42
CA CYS C 247 4.23 -38.69 -11.14
C CYS C 247 4.53 -37.77 -9.97
N SER C 248 5.74 -37.21 -9.93
CA SER C 248 6.04 -36.33 -8.80
C SER C 248 5.30 -35.00 -8.86
N SER C 249 4.63 -34.69 -9.98
CA SER C 249 3.84 -33.48 -10.09
C SER C 249 2.36 -33.70 -9.78
N TYR C 250 1.98 -34.93 -9.42
CA TYR C 250 0.56 -35.28 -9.28
C TYR C 250 -0.12 -34.53 -8.14
N ALA C 251 0.53 -34.39 -6.99
CA ALA C 251 -0.09 -33.63 -5.92
C ALA C 251 -0.37 -32.20 -6.37
N LEU C 252 0.59 -31.58 -7.04
CA LEU C 252 0.36 -30.24 -7.58
C LEU C 252 -0.82 -30.23 -8.55
N TYR C 253 -0.88 -31.21 -9.45
CA TYR C 253 -2.02 -31.32 -10.37
C TYR C 253 -3.35 -31.35 -9.62
N LEU C 254 -3.46 -32.23 -8.62
CA LEU C 254 -4.71 -32.41 -7.90
C LEU C 254 -5.12 -31.13 -7.17
N ALA C 255 -4.14 -30.39 -6.64
CA ALA C 255 -4.44 -29.15 -5.94
C ALA C 255 -4.96 -28.09 -6.91
N GLU C 256 -4.28 -27.93 -8.05
CA GLU C 256 -4.75 -26.97 -9.04
C GLU C 256 -6.11 -27.36 -9.57
N LEU C 257 -6.35 -28.66 -9.75
CA LEU C 257 -7.61 -29.14 -10.32
C LEU C 257 -8.78 -28.89 -9.38
N ALA C 258 -8.64 -29.30 -8.12
CA ALA C 258 -9.74 -29.17 -7.17
C ALA C 258 -10.14 -27.72 -6.96
N LYS C 259 -9.16 -26.81 -6.82
CA LYS C 259 -9.53 -25.44 -6.57
C LYS C 259 -10.16 -24.78 -7.77
N ALA C 260 -10.05 -25.39 -8.95
CA ALA C 260 -10.58 -24.80 -10.16
C ALA C 260 -12.09 -24.72 -10.16
N PHE C 261 -12.77 -25.55 -9.38
CA PHE C 261 -14.23 -25.59 -9.41
C PHE C 261 -14.89 -24.80 -8.29
N GLY C 262 -14.11 -24.11 -7.46
CA GLY C 262 -14.70 -23.25 -6.46
C GLY C 262 -15.08 -21.89 -7.03
N LYS C 263 -16.11 -21.30 -6.44
CA LYS C 263 -16.50 -19.94 -6.78
C LYS C 263 -15.63 -18.89 -6.07
N ASP C 264 -14.96 -19.26 -5.00
CA ASP C 264 -13.97 -18.41 -4.36
C ASP C 264 -12.61 -18.89 -4.85
N SER C 265 -11.98 -18.09 -5.72
CA SER C 265 -10.66 -18.46 -6.23
C SER C 265 -9.55 -18.28 -5.19
N GLU C 266 -9.84 -17.61 -4.07
CA GLU C 266 -8.91 -17.46 -2.97
C GLU C 266 -8.96 -18.61 -1.97
N ARG C 267 -9.84 -19.60 -2.19
CA ARG C 267 -10.15 -20.56 -1.14
C ARG C 267 -9.02 -21.57 -0.98
N PRO C 268 -8.58 -21.84 0.25
CA PRO C 268 -7.44 -22.73 0.45
C PRO C 268 -7.74 -24.15 0.05
N VAL C 269 -6.67 -24.84 -0.39
CA VAL C 269 -6.67 -26.29 -0.58
C VAL C 269 -5.79 -26.90 0.51
N TRP C 270 -6.25 -27.99 1.09
CA TRP C 270 -5.50 -28.73 2.10
C TRP C 270 -5.14 -30.09 1.52
N LEU C 271 -3.84 -30.29 1.29
CA LEU C 271 -3.32 -31.61 0.95
C LEU C 271 -3.32 -32.42 2.24
N GLN C 272 -4.50 -32.95 2.58
CA GLN C 272 -4.70 -33.62 3.87
C GLN C 272 -4.08 -35.02 3.94
N GLU C 273 -3.85 -35.68 2.81
CA GLU C 273 -3.09 -36.91 2.76
C GLU C 273 -2.20 -36.87 1.53
N VAL C 274 -0.93 -37.20 1.72
CA VAL C 274 -0.04 -37.58 0.64
C VAL C 274 0.95 -38.58 1.22
N GLY C 275 1.14 -39.70 0.52
CA GLY C 275 2.06 -40.73 0.97
C GLY C 275 2.95 -41.20 -0.17
N ALA C 276 3.93 -42.02 0.19
CA ALA C 276 4.81 -42.64 -0.79
C ALA C 276 4.53 -44.14 -0.88
N PRO C 277 3.47 -44.56 -1.57
CA PRO C 277 3.09 -45.98 -1.54
C PRO C 277 4.15 -46.87 -2.17
N GLU C 278 4.62 -47.84 -1.39
CA GLU C 278 5.63 -48.78 -1.87
C GLU C 278 5.06 -49.93 -2.68
N ASN C 279 3.79 -49.91 -3.05
CA ASN C 279 3.36 -50.86 -4.05
C ASN C 279 3.71 -50.39 -5.47
N VAL C 280 3.87 -49.07 -5.65
CA VAL C 280 4.23 -48.52 -6.96
C VAL C 280 5.56 -47.79 -6.95
N LEU C 281 6.10 -47.45 -5.80
CA LEU C 281 7.42 -46.82 -5.69
C LEU C 281 8.37 -47.83 -5.05
N GLU C 282 9.60 -47.83 -5.51
CA GLU C 282 10.62 -48.63 -4.86
C GLU C 282 11.06 -47.96 -3.56
N THR C 283 11.41 -48.79 -2.57
CA THR C 283 11.64 -48.32 -1.21
C THR C 283 12.65 -47.19 -1.15
N ASP C 284 13.83 -47.36 -1.79
CA ASP C 284 14.88 -46.36 -1.69
C ASP C 284 14.56 -45.06 -2.44
N TYR C 285 13.53 -45.06 -3.29
CA TYR C 285 13.14 -43.82 -3.94
C TYR C 285 12.21 -42.96 -3.10
N THR C 286 11.72 -43.44 -1.98
CA THR C 286 10.64 -42.67 -1.38
C THR C 286 11.08 -41.33 -0.76
N PRO C 287 12.30 -41.17 -0.23
CA PRO C 287 12.68 -39.81 0.19
C PRO C 287 12.73 -38.82 -0.97
N GLU C 288 13.26 -39.25 -2.11
CA GLU C 288 13.26 -38.39 -3.29
C GLU C 288 11.83 -38.08 -3.77
N PHE C 289 10.94 -39.10 -3.79
CA PHE C 289 9.54 -38.85 -4.15
C PHE C 289 8.91 -37.84 -3.23
N CYS C 290 9.24 -37.89 -1.95
CA CYS C 290 8.66 -36.97 -0.99
C CYS C 290 9.13 -35.54 -1.25
N ARG C 291 10.43 -35.37 -1.45
CA ARG C 291 10.99 -34.04 -1.72
C ARG C 291 10.37 -33.41 -2.98
N LYS C 292 10.42 -34.13 -4.11
CA LYS C 292 9.93 -33.54 -5.34
C LYS C 292 8.43 -33.26 -5.28
N THR C 293 7.66 -34.20 -4.71
CA THR C 293 6.21 -34.02 -4.61
C THR C 293 5.87 -32.79 -3.78
N VAL C 294 6.51 -32.65 -2.60
CA VAL C 294 6.22 -31.51 -1.73
C VAL C 294 6.70 -30.22 -2.39
N GLU C 295 7.90 -30.24 -2.98
CA GLU C 295 8.39 -29.02 -3.63
C GLU C 295 7.47 -28.56 -4.75
N ARG C 296 6.94 -29.50 -5.53
CA ARG C 296 6.04 -29.09 -6.61
C ARG C 296 4.69 -28.65 -6.04
N ALA C 297 4.20 -29.32 -4.99
CA ALA C 297 2.89 -28.97 -4.47
C ALA C 297 2.84 -27.52 -4.02
N MET C 298 3.95 -26.99 -3.54
CA MET C 298 3.92 -25.63 -3.04
C MET C 298 3.97 -24.59 -4.12
N ASP C 299 4.05 -24.99 -5.37
CA ASP C 299 3.86 -24.05 -6.44
C ASP C 299 2.37 -23.72 -6.68
N CYS C 300 1.48 -24.16 -5.77
CA CYS C 300 0.06 -23.83 -5.81
C CYS C 300 -0.22 -22.73 -4.80
N ARG C 301 -0.60 -21.55 -5.30
CA ARG C 301 -0.83 -20.37 -4.46
C ARG C 301 -1.75 -20.64 -3.29
N ASN C 302 -2.79 -21.45 -3.51
CA ASN C 302 -3.83 -21.62 -2.50
C ASN C 302 -3.49 -22.68 -1.47
N LEU C 303 -2.35 -23.37 -1.62
CA LEU C 303 -2.03 -24.48 -0.72
C LEU C 303 -1.85 -23.97 0.68
N TRP C 304 -2.51 -24.62 1.62
CA TRP C 304 -2.55 -24.24 3.02
C TRP C 304 -1.78 -25.19 3.91
N GLY C 305 -1.64 -26.45 3.51
CA GLY C 305 -0.99 -27.42 4.35
C GLY C 305 -0.67 -28.73 3.67
N VAL C 306 0.35 -29.41 4.19
CA VAL C 306 0.71 -30.75 3.74
C VAL C 306 0.69 -31.66 4.96
N THR C 307 -0.05 -32.73 4.87
CA THR C 307 -0.22 -33.66 5.98
C THR C 307 0.19 -35.03 5.47
N TRP C 308 1.38 -35.48 5.87
CA TRP C 308 1.90 -36.73 5.34
C TRP C 308 1.12 -37.91 5.93
N TRP C 309 0.82 -38.88 5.07
CA TRP C 309 0.28 -40.17 5.49
C TRP C 309 1.45 -41.16 5.41
N CYS C 310 1.94 -41.64 6.56
CA CYS C 310 1.40 -41.41 7.89
C CYS C 310 2.55 -41.36 8.88
N SER C 311 2.24 -41.14 10.17
CA SER C 311 3.32 -40.92 11.13
C SER C 311 4.09 -42.21 11.41
N HIS C 312 3.39 -43.31 11.64
CA HIS C 312 4.04 -44.52 12.11
C HIS C 312 3.62 -45.73 11.29
N ASP C 313 4.58 -46.62 11.06
CA ASP C 313 4.30 -47.91 10.43
C ASP C 313 3.16 -48.64 11.13
N VAL C 314 2.40 -49.37 10.34
CA VAL C 314 1.34 -50.22 10.88
C VAL C 314 2.00 -51.50 11.39
N PRO C 315 1.71 -51.92 12.61
CA PRO C 315 2.46 -53.04 13.19
C PRO C 315 2.40 -54.29 12.32
N ALA C 316 3.58 -54.85 12.07
CA ALA C 316 3.70 -56.06 11.24
C ALA C 316 2.79 -57.18 11.69
N SER C 317 2.42 -57.23 12.98
CA SER C 317 1.64 -58.37 13.43
C SER C 317 0.18 -58.30 13.01
N MET C 318 -0.27 -57.19 12.41
CA MET C 318 -1.65 -57.06 11.95
C MET C 318 -1.73 -57.37 10.46
N GLU C 319 -2.64 -58.26 10.09
CA GLU C 319 -2.64 -58.76 8.73
C GLU C 319 -3.91 -58.32 7.99
N ASP C 320 -3.96 -58.72 6.72
CA ASP C 320 -4.97 -58.34 5.72
C ASP C 320 -4.86 -56.88 5.29
N PHE C 321 -3.89 -56.11 5.77
CA PHE C 321 -3.61 -54.85 5.09
C PHE C 321 -2.95 -55.14 3.75
N PRO C 322 -3.27 -54.40 2.69
CA PRO C 322 -2.37 -54.37 1.54
C PRO C 322 -0.95 -54.14 2.05
N PHE C 323 0.00 -54.97 1.57
CA PHE C 323 1.31 -55.07 2.21
C PHE C 323 1.94 -53.70 2.43
N PHE C 324 1.89 -52.84 1.40
CA PHE C 324 2.61 -51.57 1.46
C PHE C 324 2.11 -50.66 2.57
N GLU C 325 0.94 -50.92 3.13
CA GLU C 325 0.40 -50.02 4.16
C GLU C 325 1.28 -50.03 5.39
N HIS C 326 2.00 -51.12 5.63
CA HIS C 326 2.81 -51.23 6.84
C HIS C 326 4.00 -50.27 6.85
N SER C 327 4.51 -49.88 5.68
CA SER C 327 5.70 -49.05 5.62
C SER C 327 5.42 -47.61 5.22
N LEU C 328 4.17 -47.17 5.29
CA LEU C 328 3.84 -45.79 4.93
C LEU C 328 4.23 -44.78 6.01
N GLY C 329 4.86 -45.21 7.11
CA GLY C 329 5.17 -44.29 8.18
C GLY C 329 6.45 -43.48 7.94
N LEU C 330 6.51 -42.35 8.64
CA LEU C 330 7.76 -41.62 8.77
C LEU C 330 8.65 -42.20 9.87
N PHE C 331 8.05 -42.92 10.81
CA PHE C 331 8.76 -43.67 11.83
C PHE C 331 8.52 -45.16 11.62
N ASP C 332 9.53 -45.98 11.92
CA ASP C 332 9.37 -47.40 11.64
C ASP C 332 8.72 -48.11 12.83
N GLU C 333 8.63 -49.44 12.74
CA GLU C 333 7.96 -50.24 13.77
C GLU C 333 8.59 -50.09 15.16
N GLN C 334 9.85 -49.67 15.24
CA GLN C 334 10.51 -49.43 16.51
C GLN C 334 10.32 -48.00 17.00
N GLY C 335 9.58 -47.18 16.26
CA GLY C 335 9.51 -45.78 16.58
C GLY C 335 10.72 -44.96 16.18
N GLN C 336 11.60 -45.51 15.35
CA GLN C 336 12.77 -44.78 14.87
C GLN C 336 12.43 -43.96 13.62
N LEU C 337 12.96 -42.74 13.56
CA LEU C 337 12.74 -41.90 12.39
C LEU C 337 13.37 -42.53 11.14
N LYS C 338 12.60 -42.57 10.07
CA LYS C 338 13.04 -43.13 8.80
C LYS C 338 13.59 -42.03 7.89
N PRO C 339 14.36 -42.40 6.86
CA PRO C 339 14.85 -41.37 5.91
C PRO C 339 13.77 -40.46 5.37
N ILE C 340 12.63 -41.01 4.95
CA ILE C 340 11.56 -40.14 4.46
C ILE C 340 11.07 -39.22 5.56
N GLY C 341 11.09 -39.67 6.81
CA GLY C 341 10.75 -38.77 7.90
C GLY C 341 11.74 -37.63 8.06
N ARG C 342 13.03 -37.94 7.95
CA ARG C 342 14.05 -36.90 7.96
C ARG C 342 13.82 -35.88 6.84
N THR C 343 13.44 -36.36 5.65
CA THR C 343 13.20 -35.48 4.51
C THR C 343 11.99 -34.59 4.75
N PHE C 344 10.90 -35.15 5.26
CA PHE C 344 9.71 -34.35 5.51
C PHE C 344 9.96 -33.32 6.61
N GLY C 345 10.67 -33.71 7.67
CA GLY C 345 11.08 -32.71 8.65
C GLY C 345 11.90 -31.59 8.03
N GLU C 346 12.84 -31.95 7.15
CA GLU C 346 13.67 -30.93 6.52
C GLU C 346 12.84 -30.05 5.60
N LEU C 347 11.81 -30.60 4.96
CA LEU C 347 10.95 -29.78 4.10
C LEU C 347 10.18 -28.77 4.93
N ALA C 348 9.69 -29.19 6.09
CA ALA C 348 8.98 -28.27 6.96
C ALA C 348 9.86 -27.12 7.41
N ALA C 349 11.10 -27.42 7.81
CA ALA C 349 11.99 -26.34 8.24
C ALA C 349 12.31 -25.40 7.09
N GLN C 350 12.23 -25.87 5.86
CA GLN C 350 12.56 -25.02 4.73
C GLN C 350 11.37 -24.19 4.25
N TYR C 351 10.18 -24.78 4.19
CA TYR C 351 9.08 -24.12 3.52
C TYR C 351 8.04 -23.47 4.43
N ARG C 352 8.04 -23.79 5.73
CA ARG C 352 6.93 -23.32 6.57
C ARG C 352 6.88 -21.80 6.66
N SER C 353 7.96 -21.12 6.26
CA SER C 353 8.03 -19.66 6.28
C SER C 353 8.30 -19.05 4.91
N ALA C 354 8.18 -19.83 3.85
CA ALA C 354 8.39 -19.32 2.51
C ALA C 354 7.26 -18.37 2.11
N LEU C 355 7.52 -17.61 1.06
CA LEU C 355 6.48 -16.77 0.49
C LEU C 355 5.57 -17.61 -0.40
N PRO C 356 4.30 -17.23 -0.52
CA PRO C 356 3.38 -18.00 -1.38
C PRO C 356 3.81 -17.96 -2.84
N ALA C 357 3.31 -18.92 -3.60
CA ALA C 357 3.77 -19.14 -4.96
C ALA C 357 3.42 -17.96 -5.87
N GLN C 358 4.21 -17.79 -6.91
CA GLN C 358 3.93 -16.76 -7.91
C GLN C 358 2.67 -17.10 -8.71
N PRO C 359 1.94 -16.09 -9.17
CA PRO C 359 0.75 -16.36 -9.97
C PRO C 359 1.11 -17.06 -11.27
N LYS C 360 0.11 -17.69 -11.86
CA LYS C 360 0.28 -18.47 -13.08
C LYS C 360 -0.53 -17.84 -14.21
N THR C 361 0.11 -17.71 -15.38
CA THR C 361 -0.45 -17.06 -16.56
C THR C 361 -0.96 -18.04 -17.61
N VAL C 362 -0.59 -19.32 -17.51
CA VAL C 362 -1.01 -20.34 -18.47
C VAL C 362 -2.08 -21.19 -17.81
N ALA C 363 -3.17 -21.43 -18.52
CA ALA C 363 -4.32 -22.10 -17.92
C ALA C 363 -4.88 -23.16 -18.86
N VAL C 364 -5.16 -24.32 -18.29
CA VAL C 364 -5.93 -25.36 -18.95
C VAL C 364 -7.40 -25.10 -18.65
N VAL C 365 -8.25 -25.23 -19.68
CA VAL C 365 -9.67 -24.92 -19.54
C VAL C 365 -10.46 -26.22 -19.52
N ILE C 366 -11.33 -26.37 -18.52
CA ILE C 366 -12.20 -27.53 -18.38
C ILE C 366 -13.66 -27.09 -18.58
N ASP C 367 -14.32 -27.70 -19.57
CA ASP C 367 -15.74 -27.43 -19.80
C ASP C 367 -16.58 -27.94 -18.64
N VAL C 368 -17.52 -27.11 -18.18
CA VAL C 368 -18.42 -27.45 -17.09
C VAL C 368 -19.85 -27.21 -17.52
N ASP C 369 -20.78 -27.80 -16.74
CA ASP C 369 -22.21 -27.61 -16.89
C ASP C 369 -22.67 -26.40 -16.08
N GLU C 370 -23.98 -26.15 -16.05
CA GLU C 370 -24.48 -24.95 -15.39
C GLU C 370 -24.27 -25.00 -13.88
N ALA C 371 -24.32 -26.19 -13.28
CA ALA C 371 -23.99 -26.32 -11.87
C ALA C 371 -22.51 -26.05 -11.59
N GLY C 372 -21.67 -26.03 -12.63
CA GLY C 372 -20.25 -25.74 -12.49
C GLY C 372 -19.33 -26.92 -12.30
N ASN C 373 -19.83 -28.16 -12.45
CA ASN C 373 -19.19 -29.47 -12.43
C ASN C 373 -18.74 -29.85 -13.84
N PRO C 374 -17.67 -30.63 -13.95
CA PRO C 374 -17.16 -31.03 -15.27
C PRO C 374 -18.16 -31.86 -16.06
N VAL C 375 -18.27 -31.54 -17.36
CA VAL C 375 -19.02 -32.38 -18.31
C VAL C 375 -18.39 -33.76 -18.40
N ASN C 376 -17.06 -33.83 -18.40
CA ASN C 376 -16.35 -35.09 -18.60
C ASN C 376 -15.31 -35.24 -17.49
N ARG C 377 -15.68 -35.93 -16.43
CA ARG C 377 -14.76 -36.16 -15.31
C ARG C 377 -13.73 -37.22 -15.64
N SER C 378 -14.08 -38.24 -16.43
CA SER C 378 -13.14 -39.30 -16.74
CA SER C 378 -13.12 -39.30 -16.70
C SER C 378 -11.88 -38.76 -17.39
N ALA C 379 -12.00 -37.67 -18.15
CA ALA C 379 -10.85 -37.04 -18.79
C ALA C 379 -9.92 -36.39 -17.78
N LEU C 380 -10.38 -36.18 -16.56
CA LEU C 380 -9.54 -35.57 -15.54
C LEU C 380 -8.58 -36.59 -14.94
N GLY C 381 -8.93 -37.87 -14.99
CA GLY C 381 -8.17 -38.93 -14.35
C GLY C 381 -6.81 -39.18 -14.97
N PRO C 382 -5.95 -39.92 -14.26
CA PRO C 382 -4.62 -40.24 -14.78
C PRO C 382 -4.68 -40.88 -16.16
N GLY C 383 -3.94 -40.27 -17.10
CA GLY C 383 -3.98 -40.69 -18.49
C GLY C 383 -5.21 -40.25 -19.24
N GLY C 384 -5.98 -39.28 -18.70
CA GLY C 384 -7.05 -38.67 -19.45
C GLY C 384 -6.55 -37.50 -20.27
N SER C 385 -7.38 -37.04 -21.21
CA SER C 385 -6.96 -35.94 -22.05
C SER C 385 -6.60 -34.72 -21.22
N VAL C 386 -7.42 -34.39 -20.21
CA VAL C 386 -7.15 -33.19 -19.43
C VAL C 386 -5.89 -33.36 -18.59
N CYS C 387 -5.72 -34.54 -18.01
CA CYS C 387 -4.52 -34.79 -17.21
C CYS C 387 -3.26 -34.76 -18.08
N ASP C 388 -3.30 -35.43 -19.24
CA ASP C 388 -2.14 -35.43 -20.12
C ASP C 388 -1.79 -34.01 -20.58
N LEU C 389 -2.81 -33.21 -20.92
CA LEU C 389 -2.59 -31.85 -21.39
C LEU C 389 -1.88 -31.03 -20.33
N TRP C 390 -2.37 -31.10 -19.10
CA TRP C 390 -1.73 -30.36 -18.01
C TRP C 390 -0.33 -30.90 -17.74
N MET C 391 -0.19 -32.22 -17.62
CA MET C 391 1.12 -32.80 -17.41
C MET C 391 2.11 -32.35 -18.48
N LYS C 392 1.68 -32.36 -19.74
CA LYS C 392 2.56 -31.96 -20.82
C LYS C 392 3.04 -30.51 -20.64
N LEU C 393 2.14 -29.62 -20.23
CA LEU C 393 2.50 -28.21 -20.09
C LEU C 393 3.36 -28.01 -18.85
N GLN C 394 3.06 -28.75 -17.77
CA GLN C 394 3.88 -28.70 -16.57
C GLN C 394 5.29 -29.19 -16.86
N VAL C 395 5.41 -30.33 -17.54
CA VAL C 395 6.72 -30.89 -17.84
C VAL C 395 7.53 -29.94 -18.72
N ALA C 396 6.85 -29.14 -19.54
CA ALA C 396 7.51 -28.21 -20.43
C ALA C 396 7.90 -26.89 -19.76
N GLY C 397 7.55 -26.67 -18.50
CA GLY C 397 7.94 -25.45 -17.83
C GLY C 397 6.91 -24.35 -17.83
N GLN C 398 5.68 -24.63 -18.24
CA GLN C 398 4.67 -23.59 -18.43
C GLN C 398 3.89 -23.26 -17.17
N ARG C 399 4.15 -23.94 -16.05
CA ARG C 399 3.44 -23.72 -14.79
C ARG C 399 1.94 -23.53 -15.03
N PRO C 400 1.27 -24.46 -15.70
CA PRO C 400 -0.15 -24.26 -16.00
C PRO C 400 -1.01 -24.33 -14.74
N THR C 401 -2.01 -23.46 -14.69
CA THR C 401 -3.10 -23.56 -13.73
C THR C 401 -4.34 -24.06 -14.48
N ILE C 402 -5.48 -24.13 -13.79
CA ILE C 402 -6.69 -24.74 -14.34
C ILE C 402 -7.88 -23.83 -14.03
N ILE C 403 -8.72 -23.57 -15.02
CA ILE C 403 -9.96 -22.81 -14.84
C ILE C 403 -11.06 -23.53 -15.59
N THR C 404 -12.30 -23.25 -15.20
CA THR C 404 -13.45 -23.81 -15.90
C THR C 404 -13.77 -22.97 -17.14
N SER C 405 -14.63 -23.53 -17.99
CA SER C 405 -15.09 -22.80 -19.17
C SER C 405 -15.84 -21.53 -18.80
N GLN C 406 -16.33 -21.44 -17.57
CA GLN C 406 -17.08 -20.25 -17.17
C GLN C 406 -16.15 -19.08 -16.91
N VAL C 407 -15.03 -19.32 -16.25
CA VAL C 407 -14.04 -18.26 -16.10
C VAL C 407 -13.48 -17.87 -17.46
N ALA C 408 -13.31 -18.86 -18.35
CA ALA C 408 -12.61 -18.63 -19.62
C ALA C 408 -13.39 -17.71 -20.54
N ALA C 409 -14.72 -17.68 -20.40
CA ALA C 409 -15.60 -16.92 -21.27
C ALA C 409 -15.69 -15.43 -20.92
N ASN C 410 -15.21 -15.03 -19.75
CA ASN C 410 -15.25 -13.64 -19.32
C ASN C 410 -13.84 -13.07 -19.45
N GLN C 411 -13.67 -12.12 -20.39
CA GLN C 411 -12.34 -11.57 -20.60
C GLN C 411 -11.90 -10.62 -19.48
N GLU C 412 -12.84 -9.98 -18.78
CA GLU C 412 -12.46 -9.15 -17.63
C GLU C 412 -11.92 -10.00 -16.48
N ALA C 413 -12.59 -11.12 -16.17
CA ALA C 413 -12.09 -12.01 -15.14
C ALA C 413 -10.74 -12.58 -15.53
N LEU C 414 -10.57 -12.97 -16.80
CA LEU C 414 -9.28 -13.46 -17.25
C LEU C 414 -8.18 -12.43 -17.01
N ALA C 415 -8.47 -11.15 -17.29
CA ALA C 415 -7.46 -10.12 -17.07
C ALA C 415 -7.21 -9.90 -15.59
N GLN C 416 -8.25 -9.94 -14.76
CA GLN C 416 -8.06 -9.79 -13.32
C GLN C 416 -7.15 -10.88 -12.76
N ARG C 417 -7.32 -12.12 -13.22
CA ARG C 417 -6.48 -13.23 -12.76
C ARG C 417 -5.13 -13.28 -13.48
N GLY C 418 -4.86 -12.35 -14.38
CA GLY C 418 -3.60 -12.33 -15.09
C GLY C 418 -3.36 -13.48 -16.05
N ILE C 419 -4.39 -14.24 -16.43
CA ILE C 419 -4.19 -15.38 -17.31
C ILE C 419 -4.06 -14.90 -18.74
N LEU C 420 -3.01 -15.35 -19.43
CA LEU C 420 -2.68 -14.84 -20.77
C LEU C 420 -2.80 -15.88 -21.87
N GLU C 421 -2.92 -17.17 -21.55
CA GLU C 421 -2.83 -18.20 -22.56
C GLU C 421 -3.72 -19.36 -22.15
N LEU C 422 -4.68 -19.70 -23.00
CA LEU C 422 -5.64 -20.75 -22.71
C LEU C 422 -5.34 -21.99 -23.53
N HIS C 423 -5.59 -23.15 -22.94
CA HIS C 423 -5.42 -24.44 -23.59
C HIS C 423 -6.67 -25.26 -23.30
N ALA C 424 -7.44 -25.50 -24.33
CA ALA C 424 -8.66 -26.29 -24.24
C ALA C 424 -8.37 -27.76 -24.54
N ASP C 425 -9.30 -28.62 -24.13
CA ASP C 425 -9.19 -30.04 -24.42
C ASP C 425 -9.93 -30.30 -25.73
N GLU C 426 -9.18 -30.26 -26.83
CA GLU C 426 -9.78 -30.24 -28.16
C GLU C 426 -10.38 -31.59 -28.57
N HIS C 427 -9.78 -32.70 -28.10
CA HIS C 427 -10.25 -34.05 -28.40
C HIS C 427 -10.19 -34.84 -27.09
N PRO C 428 -11.24 -34.79 -26.28
CA PRO C 428 -11.18 -35.44 -24.97
C PRO C 428 -11.17 -36.95 -25.10
N TYR C 429 -10.64 -37.60 -24.07
CA TYR C 429 -10.72 -39.05 -23.95
C TYR C 429 -10.58 -39.42 -22.49
N ALA C 430 -11.07 -40.61 -22.16
CA ALA C 430 -11.18 -41.03 -20.78
C ALA C 430 -9.83 -41.50 -20.24
N ALA C 431 -9.67 -41.43 -18.92
CA ALA C 431 -8.40 -41.79 -18.27
C ALA C 431 -7.97 -43.19 -18.66
N ARG C 432 -6.80 -43.31 -19.27
CA ARG C 432 -6.29 -44.63 -19.63
C ARG C 432 -5.79 -45.39 -18.41
N TYR C 433 -5.36 -44.70 -17.34
CA TYR C 433 -4.56 -45.30 -16.28
C TYR C 433 -5.32 -45.56 -14.98
N TYR C 434 -6.45 -44.89 -14.79
CA TYR C 434 -7.12 -44.84 -13.50
C TYR C 434 -7.56 -46.21 -13.02
N THR C 435 -7.36 -46.45 -11.72
CA THR C 435 -7.98 -47.56 -11.00
C THR C 435 -8.46 -47.03 -9.64
N ALA C 436 -9.75 -47.21 -9.36
CA ALA C 436 -10.36 -46.61 -8.17
C ALA C 436 -9.94 -47.28 -6.86
N VAL C 437 -9.19 -48.39 -6.91
CA VAL C 437 -8.90 -49.14 -5.70
C VAL C 437 -7.38 -49.23 -5.49
N SER C 438 -6.99 -49.38 -4.22
CA SER C 438 -5.60 -49.27 -3.78
C SER C 438 -4.79 -50.56 -3.89
N ASP C 439 -5.43 -51.68 -4.21
CA ASP C 439 -4.75 -52.96 -4.28
C ASP C 439 -5.51 -53.80 -5.30
N PRO C 440 -4.80 -54.56 -6.16
CA PRO C 440 -5.52 -55.41 -7.12
C PRO C 440 -6.41 -56.45 -6.46
N SER C 441 -6.11 -56.89 -5.24
CA SER C 441 -6.91 -57.91 -4.55
C SER C 441 -8.29 -57.41 -4.14
N PHE C 442 -8.67 -56.18 -4.48
CA PHE C 442 -10.01 -55.69 -4.23
C PHE C 442 -10.83 -55.70 -5.51
N HIS D 20 19.31 -15.20 22.83
CA HIS D 20 20.33 -14.85 23.81
C HIS D 20 21.32 -13.83 23.23
N MET D 21 21.24 -12.60 23.74
CA MET D 21 22.16 -11.53 23.41
C MET D 21 23.06 -11.28 24.60
N LYS D 22 24.38 -11.28 24.38
CA LYS D 22 25.33 -11.16 25.48
C LYS D 22 25.58 -9.70 25.82
N PHE D 23 25.75 -9.41 27.10
CA PHE D 23 26.09 -8.08 27.56
C PHE D 23 27.23 -8.16 28.57
N GLY D 24 28.30 -7.40 28.33
CA GLY D 24 29.50 -7.45 29.14
C GLY D 24 30.26 -6.13 29.09
N VAL D 25 31.40 -6.10 29.78
CA VAL D 25 32.26 -4.94 29.75
C VAL D 25 33.70 -5.36 29.48
N ASN D 26 34.44 -4.48 28.83
CA ASN D 26 35.89 -4.53 28.87
C ASN D 26 36.34 -4.13 30.27
N TYR D 27 37.07 -5.01 30.96
CA TYR D 27 37.33 -4.82 32.38
C TYR D 27 38.64 -4.03 32.56
N THR D 28 38.52 -2.82 33.10
CA THR D 28 39.64 -1.98 33.50
C THR D 28 39.75 -2.01 35.01
N PRO D 29 40.81 -2.55 35.59
CA PRO D 29 40.85 -2.63 37.06
C PRO D 29 40.77 -1.23 37.66
N SER D 30 39.88 -1.08 38.66
CA SER D 30 39.61 0.24 39.20
C SER D 30 40.80 0.78 39.97
N HIS D 31 41.50 -0.11 40.68
CA HIS D 31 42.72 0.25 41.39
C HIS D 31 43.88 -0.21 40.51
N GLY D 32 44.59 0.77 39.92
CA GLY D 32 45.79 0.51 39.16
C GLY D 32 45.64 0.41 37.65
N TRP D 33 44.43 0.26 37.13
CA TRP D 33 44.27 0.10 35.66
C TRP D 33 44.96 -1.21 35.25
N PHE D 34 45.51 -1.28 34.04
CA PHE D 34 46.33 -2.41 33.61
C PHE D 34 47.73 -2.38 34.19
N HIS D 35 48.08 -1.35 34.96
CA HIS D 35 49.26 -1.48 35.79
C HIS D 35 49.00 -2.33 37.03
N ALA D 36 47.75 -2.74 37.25
CA ALA D 36 47.42 -3.64 38.34
C ALA D 36 48.19 -4.94 38.26
N TRP D 37 48.53 -5.38 37.04
CA TRP D 37 49.26 -6.63 36.86
C TRP D 37 50.60 -6.64 37.58
N LEU D 38 51.17 -5.47 37.85
CA LEU D 38 52.48 -5.44 38.50
C LEU D 38 52.38 -5.78 39.97
N ASP D 39 51.21 -5.57 40.55
CA ASP D 39 50.98 -5.82 41.97
C ASP D 39 49.48 -5.94 42.21
N PRO D 40 48.91 -7.09 41.89
CA PRO D 40 47.44 -7.21 41.86
C PRO D 40 46.84 -7.14 43.25
N ASP D 41 45.93 -6.19 43.43
CA ASP D 41 45.12 -6.07 44.65
C ASP D 41 43.92 -6.98 44.45
N TRP D 42 44.03 -8.22 44.93
CA TRP D 42 43.04 -9.24 44.56
C TRP D 42 41.68 -8.99 45.23
N ASP D 43 41.65 -8.34 46.39
CA ASP D 43 40.37 -8.00 47.00
C ASP D 43 39.64 -6.94 46.19
N GLY D 44 40.40 -5.99 45.61
CA GLY D 44 39.77 -4.96 44.80
C GLY D 44 39.33 -5.49 43.43
N ILE D 45 40.16 -6.35 42.83
CA ILE D 45 39.76 -6.98 41.59
C ILE D 45 38.49 -7.79 41.80
N ASP D 46 38.43 -8.52 42.92
CA ASP D 46 37.25 -9.32 43.21
C ASP D 46 36.03 -8.44 43.37
N ASN D 47 36.18 -7.35 44.13
CA ASN D 47 35.07 -6.42 44.30
C ASN D 47 34.64 -5.81 42.95
N ASP D 48 35.61 -5.42 42.12
CA ASP D 48 35.30 -4.92 40.77
C ASP D 48 34.33 -5.85 40.03
N LEU D 49 34.67 -7.13 40.00
CA LEU D 49 33.88 -8.08 39.22
C LEU D 49 32.56 -8.42 39.91
N LYS D 50 32.51 -8.36 41.23
CA LYS D 50 31.21 -8.49 41.88
C LYS D 50 30.26 -7.35 41.47
N GLN D 51 30.78 -6.11 41.37
CA GLN D 51 29.93 -4.99 40.92
C GLN D 51 29.47 -5.21 39.49
N ILE D 52 30.39 -5.64 38.62
CA ILE D 52 30.03 -5.85 37.21
C ILE D 52 28.93 -6.90 37.12
N SER D 53 29.07 -7.98 37.88
CA SER D 53 28.08 -9.04 37.81
C SER D 53 26.72 -8.57 38.34
N GLU D 54 26.72 -7.77 39.40
CA GLU D 54 25.46 -7.29 39.95
C GLU D 54 24.79 -6.29 39.02
N LEU D 55 25.53 -5.66 38.11
CA LEU D 55 24.90 -4.85 37.09
C LEU D 55 24.10 -5.67 36.09
N GLY D 56 24.12 -7.00 36.17
CA GLY D 56 23.48 -7.83 35.17
C GLY D 56 24.32 -8.16 33.96
N MET D 57 25.64 -7.99 34.03
CA MET D 57 26.49 -8.41 32.92
C MET D 57 26.68 -9.93 32.95
N ASP D 58 26.99 -10.50 31.78
CA ASP D 58 27.31 -11.91 31.69
C ASP D 58 28.76 -12.22 31.28
N HIS D 59 29.57 -11.21 30.97
CA HIS D 59 30.94 -11.49 30.58
C HIS D 59 31.84 -10.28 30.74
N VAL D 60 33.14 -10.55 30.76
CA VAL D 60 34.18 -9.52 30.83
C VAL D 60 35.29 -9.87 29.84
N ARG D 61 35.90 -8.83 29.29
CA ARG D 61 37.09 -8.93 28.46
C ARG D 61 38.29 -8.47 29.28
N ILE D 62 39.37 -9.23 29.19
CA ILE D 62 40.52 -9.18 30.11
C ILE D 62 41.78 -8.89 29.30
N PHE D 63 42.63 -8.01 29.82
CA PHE D 63 43.78 -7.52 29.06
C PHE D 63 45.10 -7.65 29.84
N PRO D 64 45.79 -8.78 29.71
CA PRO D 64 47.15 -8.87 30.24
C PRO D 64 48.12 -8.03 29.42
N ILE D 65 49.34 -7.91 29.94
CA ILE D 65 50.39 -7.11 29.28
C ILE D 65 51.44 -8.05 28.70
N TRP D 66 51.65 -7.95 27.38
CA TRP D 66 52.57 -8.85 26.70
C TRP D 66 53.97 -8.83 27.29
N PRO D 67 54.66 -7.69 27.39
CA PRO D 67 56.04 -7.75 27.91
C PRO D 67 56.13 -8.20 29.37
N TYR D 68 55.02 -8.24 30.12
CA TYR D 68 55.06 -8.92 31.42
C TYR D 68 54.89 -10.43 31.26
N LEU D 69 54.15 -10.88 30.25
CA LEU D 69 54.04 -12.32 30.06
C LEU D 69 55.30 -12.91 29.39
N GLN D 70 55.92 -12.19 28.47
CA GLN D 70 57.02 -12.73 27.65
C GLN D 70 58.14 -11.71 27.51
N PRO D 71 58.88 -11.45 28.60
CA PRO D 71 59.90 -10.38 28.56
C PRO D 71 61.12 -10.71 27.73
N ASN D 72 61.46 -11.99 27.58
CA ASN D 72 62.46 -12.47 26.63
C ASN D 72 61.76 -13.43 25.66
N ARG D 73 62.30 -13.55 24.45
CA ARG D 73 61.57 -14.28 23.42
C ARG D 73 61.34 -15.74 23.80
N THR D 74 62.24 -16.33 24.58
CA THR D 74 62.17 -17.73 24.94
C THR D 74 62.06 -17.94 26.44
N TRP D 75 61.36 -17.03 27.13
CA TRP D 75 61.15 -17.16 28.58
C TRP D 75 59.79 -16.53 28.91
N ILE D 76 58.81 -17.36 29.30
CA ILE D 76 57.48 -16.90 29.67
C ILE D 76 57.38 -16.78 31.19
N ASN D 77 56.76 -15.69 31.65
CA ASN D 77 56.61 -15.40 33.07
C ASN D 77 55.47 -16.23 33.62
N LYS D 78 55.79 -17.28 34.38
CA LYS D 78 54.75 -18.21 34.83
C LYS D 78 53.88 -17.62 35.93
N LYS D 79 54.40 -16.72 36.75
CA LYS D 79 53.51 -16.09 37.71
C LYS D 79 52.51 -15.18 37.00
N GLY D 80 52.94 -14.55 35.90
CA GLY D 80 52.05 -13.66 35.17
C GLY D 80 50.90 -14.42 34.53
N VAL D 81 51.19 -15.61 33.99
CA VAL D 81 50.15 -16.44 33.43
C VAL D 81 49.17 -16.89 34.50
N ALA D 82 49.70 -17.29 35.67
CA ALA D 82 48.82 -17.67 36.77
C ALA D 82 48.02 -16.49 37.29
N ASP D 83 48.59 -15.28 37.27
CA ASP D 83 47.82 -14.06 37.55
C ASP D 83 46.58 -13.98 36.64
N VAL D 84 46.78 -14.15 35.33
CA VAL D 84 45.66 -14.03 34.40
C VAL D 84 44.63 -15.11 34.67
N ARG D 85 45.09 -16.33 34.93
CA ARG D 85 44.16 -17.41 35.24
C ARG D 85 43.35 -17.08 36.49
N ARG D 86 43.99 -16.48 37.49
CA ARG D 86 43.28 -16.14 38.71
C ARG D 86 42.20 -15.10 38.45
N MET D 87 42.50 -14.09 37.62
CA MET D 87 41.48 -13.10 37.31
C MET D 87 40.27 -13.77 36.67
N VAL D 88 40.53 -14.67 35.72
CA VAL D 88 39.45 -15.43 35.09
C VAL D 88 38.66 -16.22 36.13
N HIS D 89 39.37 -16.85 37.06
CA HIS D 89 38.70 -17.66 38.07
C HIS D 89 37.81 -16.81 38.97
N ILE D 90 38.30 -15.63 39.39
CA ILE D 90 37.49 -14.76 40.24
C ILE D 90 36.25 -14.33 39.47
N ALA D 91 36.42 -13.99 38.18
CA ALA D 91 35.28 -13.65 37.34
C ALA D 91 34.24 -14.75 37.37
N GLY D 92 34.66 -15.98 37.06
CA GLY D 92 33.74 -17.11 37.11
C GLY D 92 33.05 -17.22 38.44
N GLU D 93 33.80 -17.07 39.54
CA GLU D 93 33.20 -17.12 40.88
C GLU D 93 31.99 -16.19 40.99
N HIS D 94 31.99 -15.06 40.28
CA HIS D 94 30.84 -14.17 40.25
C HIS D 94 29.91 -14.42 39.06
N GLY D 95 29.97 -15.61 38.46
CA GLY D 95 29.02 -15.96 37.40
C GLY D 95 29.22 -15.25 36.08
N LEU D 96 30.41 -14.73 35.83
CA LEU D 96 30.78 -14.10 34.57
C LEU D 96 31.56 -15.07 33.68
N ASP D 97 31.27 -15.05 32.38
CA ASP D 97 32.18 -15.61 31.39
C ASP D 97 33.36 -14.66 31.17
N ALA D 98 34.51 -15.20 30.80
CA ALA D 98 35.72 -14.40 30.63
C ALA D 98 36.33 -14.61 29.25
N TYR D 99 36.65 -13.51 28.58
CA TYR D 99 37.32 -13.51 27.30
C TYR D 99 38.67 -12.81 27.46
N VAL D 100 39.74 -13.42 26.91
CA VAL D 100 41.11 -12.96 27.18
C VAL D 100 41.78 -12.52 25.88
N ASP D 101 42.33 -11.31 25.88
CA ASP D 101 43.19 -10.81 24.80
C ASP D 101 44.65 -11.01 25.19
N VAL D 102 45.51 -11.34 24.23
CA VAL D 102 46.89 -11.65 24.63
C VAL D 102 47.87 -10.53 24.31
N PHE D 103 47.98 -10.14 23.05
CA PHE D 103 49.08 -9.27 22.60
C PHE D 103 48.72 -7.80 22.81
N GLN D 104 48.85 -7.36 24.06
CA GLN D 104 48.89 -5.94 24.40
C GLN D 104 50.34 -5.66 24.72
N GLY D 105 51.04 -4.99 23.80
CA GLY D 105 50.40 -4.46 22.62
C GLY D 105 49.73 -3.13 22.90
N HIS D 106 48.69 -2.80 22.15
CA HIS D 106 48.13 -1.46 22.15
C HIS D 106 46.97 -1.35 23.12
N LEU D 107 47.02 -0.35 24.00
CA LEU D 107 45.92 -0.07 24.93
C LEU D 107 45.80 1.43 25.14
N SER D 108 44.69 2.01 24.68
CA SER D 108 44.31 3.38 25.02
C SER D 108 45.41 4.39 24.72
N SER D 109 46.07 4.21 23.59
CA SER D 109 47.11 5.07 22.99
C SER D 109 48.52 4.67 23.45
N PHE D 110 48.65 3.74 24.40
CA PHE D 110 49.95 3.25 24.83
C PHE D 110 50.27 1.93 24.15
N ASP D 111 51.54 1.76 23.76
CA ASP D 111 52.05 0.49 23.23
C ASP D 111 52.99 -0.13 24.26
N PHE D 112 52.73 -1.38 24.61
CA PHE D 112 53.58 -2.12 25.53
C PHE D 112 54.31 -3.18 24.71
N LEU D 113 55.60 -2.96 24.46
CA LEU D 113 56.23 -3.91 23.56
C LEU D 113 57.42 -4.60 24.21
N PRO D 114 57.61 -5.90 23.95
CA PRO D 114 58.78 -6.59 24.47
C PRO D 114 60.08 -5.97 23.95
N SER D 115 61.05 -5.84 24.85
CA SER D 115 62.36 -5.29 24.48
C SER D 115 63.06 -6.11 23.41
N TRP D 116 62.77 -7.40 23.28
CA TRP D 116 63.36 -8.15 22.19
C TRP D 116 62.69 -7.88 20.85
N LEU D 117 61.83 -6.86 20.76
CA LEU D 117 61.25 -6.46 19.49
C LEU D 117 61.45 -4.97 19.19
N VAL D 118 62.19 -4.23 20.02
CA VAL D 118 62.40 -2.79 19.80
C VAL D 118 63.90 -2.45 19.79
N THR D 119 64.16 -1.16 19.53
CA THR D 119 65.47 -0.54 19.33
C THR D 119 66.53 -1.48 18.75
N TRP D 120 67.53 -1.85 19.56
CA TRP D 120 68.60 -2.72 19.07
C TRP D 120 68.09 -4.08 18.63
N HIS D 121 66.89 -4.46 19.06
CA HIS D 121 66.30 -5.75 18.72
C HIS D 121 65.04 -5.59 17.88
N ALA D 122 64.96 -4.46 17.17
CA ALA D 122 63.79 -4.10 16.38
C ALA D 122 63.45 -5.19 15.37
N GLY D 123 62.18 -5.58 15.35
CA GLY D 123 61.72 -6.66 14.51
C GLY D 123 60.26 -6.51 14.15
N ASN D 124 59.77 -7.46 13.36
CA ASN D 124 58.42 -7.46 12.82
C ASN D 124 57.65 -8.63 13.43
N MET D 125 56.66 -8.32 14.27
CA MET D 125 55.90 -9.40 14.89
C MET D 125 55.06 -10.20 13.91
N PHE D 126 54.82 -9.66 12.71
CA PHE D 126 54.00 -10.36 11.72
C PHE D 126 54.81 -11.20 10.76
N THR D 127 56.03 -10.78 10.41
CA THR D 127 56.81 -11.43 9.34
C THR D 127 58.09 -12.11 9.79
N ASP D 128 58.60 -11.83 10.97
CA ASP D 128 59.84 -12.49 11.38
C ASP D 128 59.49 -13.82 12.02
N ALA D 129 60.03 -14.91 11.44
CA ALA D 129 59.60 -16.25 11.84
C ALA D 129 59.89 -16.51 13.31
N ASP D 130 61.03 -16.00 13.82
CA ASP D 130 61.36 -16.12 15.25
C ASP D 130 60.23 -15.57 16.12
N ALA D 131 59.76 -14.35 15.81
CA ALA D 131 58.72 -13.72 16.60
C ALA D 131 57.43 -14.53 16.55
N VAL D 132 57.01 -14.90 15.35
CA VAL D 132 55.78 -15.68 15.18
C VAL D 132 55.84 -16.98 15.96
N ALA D 133 57.03 -17.59 16.05
CA ALA D 133 57.18 -18.81 16.83
C ALA D 133 57.01 -18.54 18.32
N ALA D 134 57.58 -17.45 18.83
CA ALA D 134 57.37 -17.12 20.23
C ALA D 134 55.92 -16.71 20.50
N GLU D 135 55.27 -16.06 19.53
CA GLU D 135 53.87 -15.69 19.72
C GLU D 135 53.02 -16.95 19.86
N ARG D 136 53.22 -17.92 18.96
CA ARG D 136 52.50 -19.19 19.07
C ARG D 136 52.73 -19.85 20.42
N GLU D 137 53.99 -19.88 20.89
CA GLU D 137 54.26 -20.53 22.17
C GLU D 137 53.50 -19.87 23.31
N LEU D 138 53.45 -18.54 23.34
CA LEU D 138 52.73 -17.85 24.42
C LEU D 138 51.22 -18.10 24.35
N VAL D 139 50.65 -18.11 23.14
CA VAL D 139 49.22 -18.33 22.99
C VAL D 139 48.84 -19.74 23.43
N LYS D 140 49.60 -20.74 23.01
CA LYS D 140 49.35 -22.12 23.44
C LYS D 140 49.52 -22.26 24.95
N THR D 141 50.46 -21.53 25.54
CA THR D 141 50.58 -21.55 26.99
C THR D 141 49.35 -20.94 27.66
N MET D 142 48.97 -19.74 27.21
CA MET D 142 47.75 -19.12 27.71
C MET D 142 46.56 -20.06 27.55
N THR D 143 46.35 -20.58 26.34
CA THR D 143 45.17 -21.39 26.05
C THR D 143 45.11 -22.63 26.94
N ASP D 144 46.21 -23.38 27.02
CA ASP D 144 46.24 -24.59 27.84
C ASP D 144 45.89 -24.30 29.29
N GLU D 145 46.53 -23.30 29.89
CA GLU D 145 46.34 -23.04 31.30
C GLU D 145 44.97 -22.45 31.58
N LEU D 146 44.46 -21.61 30.67
CA LEU D 146 43.14 -21.01 30.86
C LEU D 146 42.02 -22.01 30.62
N SER D 147 42.19 -22.96 29.70
CA SER D 147 41.13 -23.91 29.46
C SER D 147 40.81 -24.74 30.69
N LYS D 148 41.72 -24.81 31.67
CA LYS D 148 41.38 -25.41 32.95
C LYS D 148 40.31 -24.65 33.71
N GLU D 149 40.02 -23.37 33.34
CA GLU D 149 38.94 -22.65 34.01
C GLU D 149 37.64 -22.73 33.20
N PRO D 150 36.51 -23.05 33.84
CA PRO D 150 35.25 -23.10 33.08
C PRO D 150 34.78 -21.73 32.63
N ALA D 151 35.13 -20.68 33.36
CA ALA D 151 34.71 -19.35 32.97
C ALA D 151 35.43 -18.85 31.71
N PHE D 152 36.53 -19.49 31.30
CA PHE D 152 37.28 -19.08 30.11
C PHE D 152 36.47 -19.46 28.87
N LYS D 153 36.01 -18.46 28.12
CA LYS D 153 35.11 -18.70 26.98
C LYS D 153 35.67 -18.23 25.64
N GLY D 154 36.88 -17.70 25.60
CA GLY D 154 37.42 -17.25 24.33
C GLY D 154 38.76 -16.55 24.46
N LEU D 155 39.53 -16.61 23.38
CA LEU D 155 40.86 -16.04 23.28
C LEU D 155 40.88 -15.12 22.06
N THR D 156 41.09 -13.83 22.28
CA THR D 156 41.32 -12.87 21.20
C THR D 156 42.83 -12.62 21.09
N LEU D 157 43.37 -12.77 19.88
CA LEU D 157 44.83 -12.74 19.71
C LEU D 157 45.46 -11.50 20.36
N GLY D 158 44.80 -10.36 20.22
CA GLY D 158 45.26 -9.13 20.86
C GLY D 158 44.33 -8.00 20.47
N ASN D 159 44.53 -6.87 21.10
CA ASN D 159 43.60 -5.75 20.95
C ASN D 159 44.03 -4.83 19.81
N GLU D 160 43.31 -4.88 18.70
CA GLU D 160 43.57 -4.00 17.57
C GLU D 160 45.02 -4.15 17.10
N VAL D 161 45.44 -5.41 16.98
CA VAL D 161 46.78 -5.78 16.54
C VAL D 161 47.12 -5.19 15.18
N ASN D 162 46.12 -4.77 14.40
CA ASN D 162 46.40 -4.18 13.10
C ASN D 162 47.01 -2.79 13.19
N GLN D 163 46.91 -2.12 14.34
CA GLN D 163 47.44 -0.77 14.44
C GLN D 163 48.95 -0.74 14.34
N LEU D 164 49.63 -1.85 14.64
CA LEU D 164 51.07 -1.91 14.51
C LEU D 164 51.55 -2.19 13.08
N SER D 165 50.65 -2.27 12.10
CA SER D 165 50.98 -2.83 10.80
C SER D 165 51.02 -1.81 9.66
N ASP D 166 50.69 -0.53 9.92
CA ASP D 166 50.62 0.43 8.83
C ASP D 166 50.72 1.85 9.39
N ARG D 167 50.77 2.81 8.47
CA ARG D 167 50.64 4.21 8.81
C ARG D 167 49.28 4.44 9.46
N PRO D 168 49.17 5.42 10.39
CA PRO D 168 50.21 6.36 10.82
C PRO D 168 51.08 5.92 12.00
N HIS D 169 51.32 4.61 12.17
CA HIS D 169 52.12 4.19 13.31
C HIS D 169 53.57 4.64 13.13
N PRO D 170 54.14 5.34 14.12
CA PRO D 170 55.49 5.90 13.94
C PRO D 170 56.59 4.85 13.89
N THR D 171 56.33 3.63 14.37
CA THR D 171 57.29 2.52 14.25
C THR D 171 56.55 1.32 13.66
N LYS D 172 56.01 1.50 12.46
CA LYS D 172 55.17 0.48 11.85
C LYS D 172 56.00 -0.77 11.51
N MET D 173 55.35 -1.93 11.61
CA MET D 173 55.91 -3.21 11.22
C MET D 173 55.13 -3.63 9.97
N SER D 174 55.69 -3.32 8.79
CA SER D 174 54.94 -3.44 7.53
C SER D 174 54.70 -4.90 7.15
N ALA D 175 53.59 -5.13 6.44
CA ALA D 175 53.32 -6.44 5.89
C ALA D 175 52.27 -6.28 4.79
N THR D 176 52.29 -7.20 3.84
CA THR D 176 51.25 -7.26 2.83
C THR D 176 50.02 -7.96 3.41
N ASP D 177 48.92 -7.91 2.65
CA ASP D 177 47.73 -8.61 3.08
C ASP D 177 47.93 -10.12 3.06
N ARG D 178 48.76 -10.64 2.15
CA ARG D 178 49.04 -12.08 2.13
C ARG D 178 49.90 -12.50 3.32
N GLN D 179 50.84 -11.65 3.76
CA GLN D 179 51.60 -11.97 4.97
C GLN D 179 50.71 -11.94 6.21
N ILE D 180 49.81 -10.98 6.29
CA ILE D 180 48.85 -10.97 7.40
C ILE D 180 47.97 -12.23 7.35
N ASP D 181 47.61 -12.67 6.14
CA ASP D 181 46.88 -13.94 5.97
C ASP D 181 47.59 -15.08 6.69
N ALA D 182 48.89 -15.26 6.39
CA ALA D 182 49.67 -16.33 7.01
C ALA D 182 49.87 -16.10 8.51
N TRP D 183 50.00 -14.85 8.93
CA TRP D 183 50.11 -14.57 10.36
C TRP D 183 48.87 -15.06 11.11
N LEU D 184 47.69 -14.69 10.63
CA LEU D 184 46.44 -15.19 11.22
C LEU D 184 46.38 -16.72 11.17
N ASP D 185 46.68 -17.31 10.01
CA ASP D 185 46.65 -18.77 9.89
C ASP D 185 47.67 -19.46 10.79
N ALA D 186 48.71 -18.78 11.22
CA ALA D 186 49.69 -19.39 12.12
C ALA D 186 49.28 -19.29 13.57
N LEU D 187 48.59 -18.23 13.98
CA LEU D 187 48.29 -18.01 15.37
C LEU D 187 46.94 -18.60 15.78
N LEU D 188 45.92 -18.44 14.94
CA LEU D 188 44.56 -18.79 15.35
C LEU D 188 44.36 -20.26 15.71
N PRO D 189 44.99 -21.24 15.06
CA PRO D 189 44.80 -22.62 15.51
C PRO D 189 45.31 -22.83 16.92
N THR D 190 46.38 -22.13 17.27
CA THR D 190 46.96 -22.26 18.60
C THR D 190 46.00 -21.79 19.70
N ALA D 191 45.08 -20.88 19.37
CA ALA D 191 44.10 -20.44 20.33
C ALA D 191 42.83 -21.27 20.32
N ALA D 192 42.60 -22.05 19.26
CA ALA D 192 41.43 -22.90 19.20
C ALA D 192 41.46 -23.97 20.28
N GLY D 193 40.29 -24.55 20.56
CA GLY D 193 40.16 -25.55 21.59
C GLY D 193 38.74 -25.74 22.07
N GLU D 194 38.42 -26.97 22.47
CA GLU D 194 37.13 -27.29 23.08
C GLU D 194 36.76 -26.27 24.15
N GLY D 195 35.60 -25.62 23.97
CA GLY D 195 35.01 -24.82 25.02
C GLY D 195 35.23 -23.33 24.99
N HIS D 196 35.82 -22.78 23.93
CA HIS D 196 36.08 -21.34 23.84
C HIS D 196 36.26 -20.96 22.38
N ASN D 197 36.14 -19.67 22.10
CA ASN D 197 36.29 -19.10 20.75
C ASN D 197 37.73 -18.69 20.49
N ALA D 198 38.10 -18.69 19.20
CA ALA D 198 39.37 -18.14 18.74
C ALA D 198 39.06 -16.91 17.89
N LEU D 199 39.65 -15.79 18.26
CA LEU D 199 39.28 -14.49 17.71
C LEU D 199 40.53 -13.63 17.56
N TYR D 200 40.40 -12.59 16.72
CA TYR D 200 41.33 -11.48 16.73
C TYR D 200 40.52 -10.19 16.61
N SER D 201 41.16 -9.05 16.89
CA SER D 201 40.44 -7.79 16.84
C SER D 201 41.30 -6.73 16.15
N VAL D 202 40.60 -5.77 15.52
CA VAL D 202 41.24 -4.71 14.73
C VAL D 202 40.56 -3.38 15.02
N ASN D 203 41.27 -2.29 14.76
CA ASN D 203 40.55 -1.02 14.70
C ASN D 203 39.93 -0.85 13.33
N ASP D 204 39.13 0.22 13.16
CA ASP D 204 38.28 0.36 11.98
C ASP D 204 39.03 0.76 10.72
N GLY D 205 40.35 0.98 10.80
CA GLY D 205 41.15 1.09 9.60
C GLY D 205 41.02 -0.08 8.66
N THR D 206 40.61 -1.24 9.19
CA THR D 206 40.46 -2.45 8.36
C THR D 206 39.45 -2.25 7.23
N TRP D 207 38.44 -1.39 7.44
CA TRP D 207 37.41 -1.13 6.46
C TRP D 207 37.50 0.24 5.81
N PHE D 208 38.25 1.18 6.40
CA PHE D 208 38.23 2.56 5.93
C PHE D 208 39.51 3.03 5.24
N ILE D 209 40.56 2.21 5.20
CA ILE D 209 41.88 2.65 4.77
C ILE D 209 42.32 1.77 3.61
N ASP D 210 42.40 2.36 2.42
CA ASP D 210 42.86 1.59 1.27
C ASP D 210 44.29 1.12 1.48
N GLY D 211 44.57 -0.09 0.98
CA GLY D 211 45.90 -0.66 1.08
C GLY D 211 46.27 -1.17 2.45
N HIS D 212 45.38 -1.10 3.41
CA HIS D 212 45.68 -1.57 4.77
C HIS D 212 45.75 -3.10 4.78
N PRO D 213 46.83 -3.70 5.31
CA PRO D 213 47.04 -5.15 5.10
C PRO D 213 46.12 -6.03 5.95
N PHE D 214 45.43 -5.49 6.94
CA PHE D 214 44.28 -6.14 7.55
C PHE D 214 43.02 -5.79 6.77
N THR D 215 42.29 -6.80 6.33
CA THR D 215 41.24 -6.61 5.34
C THR D 215 39.89 -7.07 5.86
N PRO D 216 38.80 -6.52 5.31
CA PRO D 216 37.45 -6.98 5.71
C PRO D 216 37.21 -8.47 5.53
N VAL D 217 37.76 -9.08 4.47
CA VAL D 217 37.52 -10.50 4.24
C VAL D 217 38.13 -11.33 5.36
N GLN D 218 39.36 -11.00 5.77
CA GLN D 218 39.96 -11.65 6.93
C GLN D 218 39.06 -11.54 8.16
N SER D 219 38.60 -10.32 8.46
CA SER D 219 37.82 -10.08 9.66
C SER D 219 36.53 -10.89 9.67
N ALA D 220 35.96 -11.15 8.49
CA ALA D 220 34.70 -11.86 8.42
C ALA D 220 34.87 -13.33 8.02
N THR D 221 36.10 -13.85 7.97
CA THR D 221 36.29 -15.28 7.68
C THR D 221 37.24 -15.98 8.65
N LYS D 222 38.21 -15.28 9.22
CA LYS D 222 39.21 -15.94 10.06
C LYS D 222 38.86 -15.76 11.53
N GLY D 223 39.08 -16.80 12.33
CA GLY D 223 38.55 -16.84 13.66
C GLY D 223 37.08 -17.23 13.65
N ASP D 224 36.43 -17.06 14.80
CA ASP D 224 35.10 -17.64 14.99
C ASP D 224 33.98 -16.64 14.79
N MET D 225 34.22 -15.36 15.02
CA MET D 225 33.21 -14.34 14.81
C MET D 225 33.87 -13.13 14.18
N THR D 226 33.03 -12.29 13.59
CA THR D 226 33.45 -11.02 13.01
C THR D 226 33.49 -9.98 14.12
N VAL D 227 34.68 -9.47 14.43
CA VAL D 227 34.90 -8.65 15.61
C VAL D 227 35.09 -7.19 15.21
N ILE D 228 34.34 -6.28 15.84
CA ILE D 228 34.38 -4.85 15.52
C ILE D 228 34.45 -4.01 16.79
N HIS D 229 35.09 -2.83 16.67
CA HIS D 229 35.13 -1.81 17.72
C HIS D 229 34.50 -0.52 17.17
N SER D 230 33.49 -0.02 17.85
CA SER D 230 32.70 1.11 17.35
C SER D 230 33.03 2.38 18.14
N TRP D 231 33.71 3.33 17.48
CA TRP D 231 34.16 4.55 18.14
C TRP D 231 33.80 5.76 17.29
N VAL D 232 32.83 6.56 17.78
CA VAL D 232 32.35 7.70 17.00
C VAL D 232 33.26 8.89 17.03
N PHE D 233 34.41 8.83 17.72
CA PHE D 233 35.36 9.93 17.58
C PHE D 233 36.18 9.84 16.29
N ASN D 234 35.90 8.86 15.42
CA ASN D 234 36.67 8.71 14.17
C ASN D 234 36.13 9.56 13.04
N GLY D 235 35.45 10.66 13.34
CA GLY D 235 34.77 11.43 12.32
C GLY D 235 33.25 11.32 12.35
N ILE D 236 32.70 10.15 12.74
CA ILE D 236 31.23 10.01 12.76
C ILE D 236 30.58 11.16 13.53
N ALA D 237 31.00 11.35 14.79
CA ALA D 237 30.34 12.37 15.61
C ALA D 237 30.67 13.78 15.12
N GLN D 238 31.92 14.03 14.74
CA GLN D 238 32.28 15.38 14.32
C GLN D 238 31.58 15.76 13.03
N GLY D 239 31.35 14.81 12.14
CA GLY D 239 30.88 15.11 10.80
C GLY D 239 29.38 15.10 10.66
N TYR D 240 28.72 14.08 11.20
CA TYR D 240 27.25 14.04 11.17
C TYR D 240 26.64 14.80 12.34
N GLY D 241 27.34 14.89 13.47
CA GLY D 241 26.81 15.62 14.62
C GLY D 241 26.69 14.65 15.79
N ALA D 242 27.14 15.11 16.96
CA ALA D 242 27.20 14.24 18.12
C ALA D 242 25.83 13.61 18.42
N THR D 243 24.80 14.44 18.49
CA THR D 243 23.45 13.99 18.82
C THR D 243 22.68 13.50 17.59
N SER D 244 23.31 13.51 16.42
CA SER D 244 22.59 13.16 15.20
C SER D 244 22.16 11.69 15.22
N GLU D 245 21.18 11.35 14.36
CA GLU D 245 20.76 9.95 14.29
C GLU D 245 21.82 9.10 13.59
N GLU D 246 22.51 9.67 12.59
CA GLU D 246 23.63 8.96 12.00
C GLU D 246 24.63 8.53 13.05
N CYS D 247 24.93 9.43 14.00
CA CYS D 247 25.94 9.12 15.00
C CYS D 247 25.51 7.93 15.83
N SER D 248 24.25 7.90 16.27
CA SER D 248 23.76 6.78 17.07
C SER D 248 23.48 5.53 16.25
N SER D 249 23.39 5.63 14.93
CA SER D 249 23.21 4.48 14.05
C SER D 249 24.53 3.79 13.68
N TYR D 250 25.66 4.34 14.14
CA TYR D 250 26.96 3.97 13.57
C TYR D 250 27.41 2.58 13.98
N ALA D 251 27.17 2.17 15.22
CA ALA D 251 27.50 0.80 15.60
C ALA D 251 26.74 -0.20 14.73
N LEU D 252 25.48 0.10 14.43
CA LEU D 252 24.71 -0.76 13.54
C LEU D 252 25.32 -0.79 12.14
N TYR D 253 25.77 0.36 11.64
CA TYR D 253 26.41 0.42 10.33
C TYR D 253 27.69 -0.41 10.31
N LEU D 254 28.54 -0.25 11.33
CA LEU D 254 29.76 -1.05 11.40
C LEU D 254 29.44 -2.54 11.43
N ALA D 255 28.38 -2.93 12.14
CA ALA D 255 27.99 -4.34 12.18
C ALA D 255 27.47 -4.82 10.84
N GLU D 256 26.68 -3.99 10.14
CA GLU D 256 26.20 -4.39 8.82
C GLU D 256 27.33 -4.41 7.81
N LEU D 257 28.22 -3.41 7.87
CA LEU D 257 29.38 -3.34 6.98
C LEU D 257 30.28 -4.56 7.15
N ALA D 258 30.67 -4.86 8.39
CA ALA D 258 31.68 -5.89 8.59
C ALA D 258 31.19 -7.28 8.19
N LYS D 259 29.90 -7.57 8.41
CA LYS D 259 29.40 -8.91 8.10
C LYS D 259 29.19 -9.13 6.61
N ALA D 260 29.15 -8.05 5.81
CA ALA D 260 28.86 -8.20 4.39
C ALA D 260 29.98 -8.90 3.63
N PHE D 261 31.20 -8.95 4.18
CA PHE D 261 32.34 -9.48 3.45
C PHE D 261 32.66 -10.94 3.77
N GLY D 262 31.80 -11.64 4.50
CA GLY D 262 31.97 -13.07 4.72
C GLY D 262 31.21 -13.91 3.69
N LYS D 263 31.73 -15.11 3.42
CA LYS D 263 30.97 -16.05 2.61
C LYS D 263 29.73 -16.53 3.33
N ASP D 264 29.81 -16.66 4.65
CA ASP D 264 28.71 -17.15 5.46
C ASP D 264 27.85 -15.97 5.92
N SER D 265 26.64 -15.88 5.36
CA SER D 265 25.72 -14.79 5.66
C SER D 265 25.26 -14.78 7.12
N GLU D 266 25.46 -15.88 7.85
CA GLU D 266 24.99 -16.02 9.22
C GLU D 266 26.11 -15.95 10.25
N ARG D 267 27.35 -15.69 9.82
CA ARG D 267 28.46 -15.58 10.75
C ARG D 267 28.19 -14.48 11.78
N PRO D 268 28.35 -14.76 13.08
CA PRO D 268 28.01 -13.76 14.10
C PRO D 268 28.99 -12.59 14.09
N VAL D 269 28.49 -11.47 14.61
CA VAL D 269 29.28 -10.25 14.79
C VAL D 269 29.34 -9.96 16.27
N TRP D 270 30.54 -9.69 16.78
CA TRP D 270 30.74 -9.29 18.17
C TRP D 270 31.02 -7.79 18.19
N LEU D 271 30.10 -7.02 18.76
CA LEU D 271 30.38 -5.62 19.05
C LEU D 271 31.26 -5.61 20.29
N GLN D 272 32.53 -5.94 20.08
CA GLN D 272 33.45 -6.22 21.17
C GLN D 272 33.87 -4.95 21.90
N GLU D 273 33.75 -3.80 21.26
CA GLU D 273 33.98 -2.53 21.91
C GLU D 273 32.95 -1.53 21.43
N VAL D 274 32.30 -0.86 22.38
CA VAL D 274 31.58 0.38 22.11
C VAL D 274 31.65 1.23 23.37
N GLY D 275 31.92 2.53 23.18
CA GLY D 275 32.02 3.46 24.29
C GLY D 275 31.34 4.78 23.96
N ALA D 276 31.27 5.66 24.95
CA ALA D 276 30.62 6.97 24.81
C ALA D 276 31.67 8.06 25.04
N PRO D 277 32.50 8.35 24.01
CA PRO D 277 33.69 9.19 24.22
C PRO D 277 33.37 10.66 24.48
N GLU D 278 33.68 11.13 25.66
CA GLU D 278 33.37 12.52 25.93
C GLU D 278 34.31 13.56 25.21
N ASN D 279 35.20 13.24 24.26
CA ASN D 279 35.83 14.30 23.46
C ASN D 279 34.95 14.74 22.30
N VAL D 280 33.89 13.97 22.00
CA VAL D 280 32.97 14.32 20.92
C VAL D 280 31.52 14.35 21.37
N LEU D 281 31.15 13.70 22.49
CA LEU D 281 29.81 13.81 23.07
C LEU D 281 29.89 14.63 24.37
N GLU D 282 28.84 15.37 24.67
CA GLU D 282 28.79 16.07 25.95
C GLU D 282 28.40 15.06 27.04
N THR D 283 28.93 15.29 28.25
CA THR D 283 28.75 14.35 29.36
C THR D 283 27.29 13.96 29.54
N ASP D 284 26.40 14.94 29.60
CA ASP D 284 24.99 14.67 29.90
C ASP D 284 24.31 13.81 28.85
N TYR D 285 24.89 13.68 27.67
CA TYR D 285 24.25 12.99 26.57
C TYR D 285 24.67 11.54 26.48
N THR D 286 25.62 11.11 27.29
CA THR D 286 26.15 9.77 27.08
C THR D 286 25.15 8.67 27.42
N PRO D 287 24.24 8.84 28.40
CA PRO D 287 23.28 7.76 28.64
C PRO D 287 22.33 7.57 27.49
N GLU D 288 21.87 8.66 26.88
CA GLU D 288 20.99 8.54 25.71
C GLU D 288 21.75 7.97 24.53
N PHE D 289 22.96 8.47 24.27
CA PHE D 289 23.82 7.90 23.24
C PHE D 289 23.94 6.40 23.42
N CYS D 290 24.19 5.96 24.67
CA CYS D 290 24.26 4.53 24.98
C CYS D 290 22.97 3.82 24.60
N ARG D 291 21.82 4.32 25.09
CA ARG D 291 20.55 3.65 24.82
C ARG D 291 20.24 3.58 23.32
N LYS D 292 20.39 4.72 22.62
CA LYS D 292 20.09 4.74 21.18
C LYS D 292 21.07 3.90 20.39
N THR D 293 22.37 3.97 20.72
CA THR D 293 23.36 3.20 19.98
C THR D 293 23.09 1.70 20.11
N VAL D 294 22.82 1.25 21.33
CA VAL D 294 22.60 -0.18 21.57
C VAL D 294 21.28 -0.63 20.97
N GLU D 295 20.22 0.16 21.13
CA GLU D 295 18.95 -0.19 20.52
C GLU D 295 19.10 -0.36 19.01
N ARG D 296 19.74 0.59 18.35
CA ARG D 296 19.88 0.48 16.90
C ARG D 296 20.77 -0.70 16.53
N ALA D 297 21.84 -0.94 17.31
CA ALA D 297 22.72 -2.07 17.02
C ALA D 297 21.98 -3.41 17.05
N MET D 298 21.00 -3.56 17.94
CA MET D 298 20.37 -4.87 17.96
C MET D 298 19.46 -5.14 16.78
N ASP D 299 19.27 -4.17 15.90
CA ASP D 299 18.53 -4.37 14.66
C ASP D 299 19.34 -5.12 13.61
N CYS D 300 20.58 -5.51 13.92
CA CYS D 300 21.35 -6.43 13.09
C CYS D 300 21.17 -7.85 13.65
N ARG D 301 20.38 -8.66 12.96
CA ARG D 301 20.12 -10.04 13.39
C ARG D 301 21.40 -10.86 13.59
N ASN D 302 22.54 -10.45 13.02
CA ASN D 302 23.79 -11.19 13.24
C ASN D 302 24.48 -10.81 14.55
N LEU D 303 23.99 -9.82 15.28
CA LEU D 303 24.67 -9.36 16.48
C LEU D 303 24.65 -10.43 17.55
N TRP D 304 25.83 -10.82 18.03
CA TRP D 304 25.98 -11.83 19.07
C TRP D 304 26.08 -11.22 20.45
N GLY D 305 26.75 -10.08 20.59
CA GLY D 305 26.97 -9.49 21.90
C GLY D 305 27.40 -8.05 21.83
N VAL D 306 27.23 -7.37 22.95
CA VAL D 306 27.63 -5.98 23.12
C VAL D 306 28.53 -5.90 24.34
N THR D 307 29.74 -5.37 24.16
CA THR D 307 30.71 -5.26 25.25
C THR D 307 31.13 -3.81 25.40
N TRP D 308 30.64 -3.16 26.45
CA TRP D 308 30.86 -1.72 26.60
C TRP D 308 32.29 -1.41 27.05
N TRP D 309 32.86 -0.33 26.51
CA TRP D 309 34.15 0.19 26.97
C TRP D 309 33.90 1.45 27.78
N CYS D 310 34.11 1.41 29.10
CA CYS D 310 34.70 0.28 29.85
C CYS D 310 34.08 0.15 31.25
N SER D 311 34.48 -0.87 32.01
CA SER D 311 33.90 -1.08 33.34
C SER D 311 34.19 0.11 34.27
N HIS D 312 35.46 0.46 34.44
CA HIS D 312 35.81 1.49 35.41
C HIS D 312 36.66 2.59 34.78
N ASP D 313 36.37 3.82 35.21
CA ASP D 313 37.18 5.00 34.96
C ASP D 313 38.66 4.75 35.17
N VAL D 314 39.49 5.41 34.35
CA VAL D 314 40.94 5.32 34.48
C VAL D 314 41.37 6.27 35.58
N PRO D 315 42.16 5.82 36.54
CA PRO D 315 42.47 6.66 37.71
C PRO D 315 43.03 8.01 37.29
N ALA D 316 42.44 9.08 37.83
CA ALA D 316 42.89 10.42 37.48
C ALA D 316 44.33 10.68 37.87
N SER D 317 44.95 9.81 38.67
CA SER D 317 46.36 9.99 39.02
C SER D 317 47.31 9.57 37.90
N MET D 318 46.82 8.98 36.81
CA MET D 318 47.66 8.57 35.69
C MET D 318 47.53 9.57 34.55
N GLU D 319 48.66 10.06 34.08
CA GLU D 319 48.65 11.11 33.07
C GLU D 319 49.07 10.58 31.71
N ASP D 320 49.03 11.47 30.72
CA ASP D 320 49.30 11.26 29.30
C ASP D 320 48.20 10.51 28.56
N PHE D 321 47.12 10.11 29.23
CA PHE D 321 45.94 9.66 28.50
C PHE D 321 45.28 10.87 27.85
N PRO D 322 44.80 10.75 26.61
CA PRO D 322 43.77 11.69 26.15
C PRO D 322 42.69 11.79 27.22
N PHE D 323 42.25 13.02 27.51
CA PHE D 323 41.50 13.28 28.75
C PHE D 323 40.24 12.43 28.85
N PHE D 324 39.51 12.25 27.74
CA PHE D 324 38.23 11.57 27.79
C PHE D 324 38.35 10.11 28.22
N GLU D 325 39.55 9.51 28.15
CA GLU D 325 39.68 8.10 28.54
C GLU D 325 39.43 7.90 30.03
N HIS D 326 39.65 8.93 30.85
CA HIS D 326 39.41 8.77 32.28
C HIS D 326 37.94 8.56 32.60
N SER D 327 37.02 8.99 31.73
CA SER D 327 35.61 8.94 32.09
C SER D 327 34.81 7.94 31.24
N LEU D 328 35.49 7.06 30.51
CA LEU D 328 34.81 6.02 29.74
C LEU D 328 34.17 4.94 30.59
N GLY D 329 34.29 4.97 31.91
CA GLY D 329 33.77 3.89 32.73
C GLY D 329 32.24 3.92 32.89
N LEU D 330 31.68 2.73 33.15
CA LEU D 330 30.33 2.64 33.70
C LEU D 330 30.32 2.91 35.20
N PHE D 331 31.45 2.68 35.88
CA PHE D 331 31.65 3.05 37.27
C PHE D 331 32.65 4.19 37.36
N ASP D 332 32.52 5.02 38.40
CA ASP D 332 33.38 6.19 38.50
C ASP D 332 34.63 5.91 39.33
N GLU D 333 35.41 6.97 39.57
CA GLU D 333 36.72 6.81 40.20
C GLU D 333 36.61 6.25 41.61
N GLN D 334 35.49 6.51 42.30
CA GLN D 334 35.20 5.88 43.59
C GLN D 334 34.58 4.50 43.46
N GLY D 335 34.39 3.98 42.25
CA GLY D 335 33.73 2.69 42.06
C GLY D 335 32.21 2.74 42.10
N GLN D 336 31.63 3.93 42.05
CA GLN D 336 30.18 4.05 42.14
C GLN D 336 29.58 4.01 40.75
N LEU D 337 28.40 3.41 40.66
CA LEU D 337 27.73 3.24 39.37
C LEU D 337 27.31 4.60 38.82
N LYS D 338 27.61 4.84 37.53
CA LYS D 338 27.25 6.07 36.82
C LYS D 338 25.92 5.90 36.10
N PRO D 339 25.28 7.02 35.75
CA PRO D 339 24.06 6.95 34.92
C PRO D 339 24.20 6.09 33.66
N ILE D 340 25.31 6.20 32.94
CA ILE D 340 25.46 5.35 31.77
C ILE D 340 25.51 3.88 32.18
N GLY D 341 26.05 3.59 33.35
CA GLY D 341 26.06 2.21 33.82
C GLY D 341 24.68 1.70 34.15
N ARG D 342 23.85 2.52 34.79
CA ARG D 342 22.45 2.14 35.03
C ARG D 342 21.72 1.90 33.73
N THR D 343 21.96 2.76 32.72
CA THR D 343 21.34 2.57 31.41
C THR D 343 21.75 1.25 30.77
N PHE D 344 23.06 1.00 30.69
CA PHE D 344 23.55 -0.22 30.06
C PHE D 344 23.04 -1.46 30.80
N GLY D 345 23.01 -1.42 32.12
CA GLY D 345 22.42 -2.52 32.86
C GLY D 345 20.93 -2.70 32.59
N GLU D 346 20.22 -1.60 32.34
CA GLU D 346 18.80 -1.71 32.00
C GLU D 346 18.62 -2.23 30.58
N LEU D 347 19.55 -1.90 29.68
CA LEU D 347 19.54 -2.49 28.35
C LEU D 347 19.72 -3.99 28.43
N ALA D 348 20.70 -4.44 29.22
CA ALA D 348 20.96 -5.88 29.31
C ALA D 348 19.74 -6.63 29.81
N ALA D 349 19.04 -6.08 30.81
CA ALA D 349 17.85 -6.74 31.33
C ALA D 349 16.66 -6.67 30.36
N GLN D 350 16.63 -5.69 29.46
CA GLN D 350 15.54 -5.55 28.51
C GLN D 350 15.73 -6.40 27.26
N TYR D 351 16.97 -6.62 26.83
CA TYR D 351 17.24 -7.21 25.53
C TYR D 351 17.96 -8.55 25.57
N ARG D 352 18.48 -8.99 26.72
CA ARG D 352 19.24 -10.23 26.72
C ARG D 352 18.39 -11.41 26.28
N SER D 353 17.07 -11.34 26.43
CA SER D 353 16.19 -12.40 25.99
C SER D 353 15.30 -11.97 24.82
N ALA D 354 15.72 -10.95 24.06
CA ALA D 354 14.91 -10.51 22.94
C ALA D 354 15.09 -11.44 21.74
N LEU D 355 14.04 -11.56 20.93
CA LEU D 355 14.15 -12.30 19.69
C LEU D 355 15.10 -11.54 18.75
N PRO D 356 15.74 -12.23 17.81
CA PRO D 356 16.66 -11.54 16.91
C PRO D 356 15.88 -10.69 15.91
N ALA D 357 16.54 -9.62 15.46
CA ALA D 357 15.93 -8.65 14.56
C ALA D 357 15.42 -9.31 13.28
N GLN D 358 14.37 -8.72 12.70
CA GLN D 358 13.81 -9.21 11.45
C GLN D 358 14.85 -9.08 10.32
N PRO D 359 14.81 -9.97 9.34
CA PRO D 359 15.68 -9.82 8.16
C PRO D 359 15.46 -8.49 7.47
N LYS D 360 16.38 -8.15 6.56
CA LYS D 360 16.33 -6.89 5.83
C LYS D 360 16.22 -7.15 4.33
N THR D 361 15.38 -6.35 3.66
CA THR D 361 15.08 -6.55 2.25
C THR D 361 15.65 -5.47 1.33
N VAL D 362 16.25 -4.42 1.89
CA VAL D 362 16.87 -3.34 1.12
C VAL D 362 18.38 -3.41 1.37
N ALA D 363 19.18 -3.36 0.29
CA ALA D 363 20.62 -3.57 0.39
C ALA D 363 21.41 -2.50 -0.34
N VAL D 364 22.51 -2.05 0.31
CA VAL D 364 23.55 -1.24 -0.32
C VAL D 364 24.63 -2.17 -0.84
N VAL D 365 25.08 -1.93 -2.07
CA VAL D 365 25.99 -2.85 -2.77
C VAL D 365 27.38 -2.23 -2.90
N ILE D 366 28.39 -2.94 -2.37
CA ILE D 366 29.78 -2.51 -2.43
C ILE D 366 30.53 -3.37 -3.43
N ASP D 367 31.21 -2.74 -4.38
CA ASP D 367 31.99 -3.45 -5.38
C ASP D 367 33.27 -4.02 -4.77
N VAL D 368 33.62 -5.24 -5.14
CA VAL D 368 34.75 -5.92 -4.53
C VAL D 368 35.62 -6.57 -5.60
N ASP D 369 36.92 -6.72 -5.28
CA ASP D 369 37.85 -7.42 -6.15
C ASP D 369 37.55 -8.93 -6.17
N GLU D 370 38.36 -9.67 -6.94
CA GLU D 370 38.15 -11.11 -7.06
C GLU D 370 38.22 -11.80 -5.72
N ALA D 371 39.01 -11.27 -4.78
CA ALA D 371 39.18 -11.91 -3.48
C ALA D 371 38.04 -11.61 -2.50
N GLY D 372 37.15 -10.68 -2.84
CA GLY D 372 36.05 -10.34 -1.98
C GLY D 372 36.24 -9.08 -1.14
N ASN D 373 37.38 -8.33 -1.33
CA ASN D 373 37.67 -7.11 -0.60
C ASN D 373 37.23 -5.87 -1.38
N PRO D 374 36.88 -4.80 -0.66
CA PRO D 374 36.31 -3.61 -1.31
C PRO D 374 37.28 -2.97 -2.30
N VAL D 375 36.76 -2.64 -3.49
CA VAL D 375 37.57 -1.90 -4.46
C VAL D 375 37.98 -0.54 -3.89
N ASN D 376 37.08 0.15 -3.19
CA ASN D 376 37.35 1.48 -2.65
C ASN D 376 36.99 1.48 -1.16
N ARG D 377 38.00 1.34 -0.30
CA ARG D 377 37.74 1.29 1.14
C ARG D 377 37.50 2.68 1.71
N SER D 378 38.10 3.72 1.13
CA SER D 378 37.92 5.06 1.67
CA SER D 378 37.91 5.04 1.71
C SER D 378 36.46 5.49 1.63
N ALA D 379 35.68 4.95 0.68
CA ALA D 379 34.27 5.31 0.54
C ALA D 379 33.39 4.79 1.67
N LEU D 380 33.87 3.80 2.43
CA LEU D 380 33.05 3.22 3.49
C LEU D 380 33.15 3.97 4.80
N GLY D 381 34.16 4.83 4.97
CA GLY D 381 34.35 5.50 6.23
C GLY D 381 33.39 6.67 6.43
N PRO D 382 33.49 7.30 7.61
CA PRO D 382 32.67 8.48 7.91
C PRO D 382 32.75 9.56 6.84
N GLY D 383 31.59 9.92 6.29
CA GLY D 383 31.57 10.90 5.22
C GLY D 383 31.90 10.39 3.85
N GLY D 384 32.11 9.07 3.68
CA GLY D 384 32.28 8.50 2.36
C GLY D 384 30.96 8.22 1.66
N SER D 385 31.03 8.06 0.33
CA SER D 385 29.82 7.91 -0.46
C SER D 385 28.99 6.70 0.00
N VAL D 386 29.65 5.59 0.34
CA VAL D 386 28.91 4.43 0.81
C VAL D 386 28.27 4.71 2.18
N CYS D 387 29.06 5.25 3.11
CA CYS D 387 28.52 5.54 4.42
C CYS D 387 27.37 6.53 4.34
N ASP D 388 27.53 7.59 3.55
CA ASP D 388 26.45 8.55 3.33
C ASP D 388 25.21 7.84 2.81
N LEU D 389 25.39 6.93 1.84
CA LEU D 389 24.25 6.24 1.26
C LEU D 389 23.55 5.37 2.30
N TRP D 390 24.31 4.56 3.04
CA TRP D 390 23.70 3.72 4.06
C TRP D 390 22.96 4.57 5.08
N MET D 391 23.56 5.69 5.48
CA MET D 391 22.93 6.52 6.50
C MET D 391 21.65 7.15 5.97
N LYS D 392 21.68 7.65 4.73
CA LYS D 392 20.49 8.26 4.15
C LYS D 392 19.33 7.28 4.16
N LEU D 393 19.59 6.02 3.79
CA LEU D 393 18.53 5.02 3.80
C LEU D 393 18.11 4.68 5.22
N GLN D 394 19.08 4.60 6.14
CA GLN D 394 18.76 4.25 7.52
C GLN D 394 17.93 5.33 8.19
N VAL D 395 18.28 6.59 7.98
CA VAL D 395 17.45 7.68 8.49
C VAL D 395 16.09 7.71 7.81
N ALA D 396 16.03 7.25 6.55
CA ALA D 396 14.76 7.22 5.82
C ALA D 396 13.83 6.12 6.29
N GLY D 397 14.27 5.23 7.16
CA GLY D 397 13.43 4.16 7.63
C GLY D 397 13.52 2.87 6.82
N GLN D 398 14.46 2.78 5.89
CA GLN D 398 14.50 1.66 4.96
C GLN D 398 15.14 0.40 5.55
N ARG D 399 15.74 0.47 6.74
CA ARG D 399 16.44 -0.64 7.34
C ARG D 399 17.45 -1.30 6.39
N PRO D 400 18.35 -0.53 5.77
CA PRO D 400 19.22 -1.12 4.74
C PRO D 400 20.26 -2.07 5.32
N THR D 401 20.47 -3.17 4.62
CA THR D 401 21.61 -4.03 4.87
C THR D 401 22.65 -3.77 3.79
N ILE D 402 23.74 -4.53 3.81
CA ILE D 402 24.89 -4.28 2.95
C ILE D 402 25.36 -5.62 2.36
N ILE D 403 25.61 -5.66 1.05
CA ILE D 403 26.14 -6.85 0.40
C ILE D 403 27.27 -6.43 -0.54
N THR D 404 28.03 -7.43 -0.99
CA THR D 404 29.08 -7.17 -1.96
C THR D 404 28.57 -7.36 -3.38
N SER D 405 29.36 -6.85 -4.34
CA SER D 405 29.00 -6.94 -5.75
C SER D 405 28.92 -8.39 -6.23
N GLN D 406 29.68 -9.29 -5.60
CA GLN D 406 29.59 -10.69 -6.00
C GLN D 406 28.22 -11.26 -5.68
N VAL D 407 27.63 -10.82 -4.56
CA VAL D 407 26.30 -11.27 -4.19
C VAL D 407 25.25 -10.62 -5.08
N ALA D 408 25.41 -9.32 -5.36
CA ALA D 408 24.44 -8.61 -6.17
C ALA D 408 24.37 -9.16 -7.60
N ALA D 409 25.43 -9.80 -8.08
CA ALA D 409 25.42 -10.34 -9.43
C ALA D 409 24.71 -11.69 -9.53
N ASN D 410 24.43 -12.35 -8.41
CA ASN D 410 23.96 -13.73 -8.38
C ASN D 410 22.51 -13.76 -7.89
N GLN D 411 21.59 -14.11 -8.79
CA GLN D 411 20.16 -13.96 -8.47
C GLN D 411 19.70 -14.97 -7.43
N GLU D 412 20.20 -16.21 -7.49
CA GLU D 412 19.82 -17.16 -6.45
C GLU D 412 20.46 -16.80 -5.11
N ALA D 413 21.66 -16.21 -5.13
CA ALA D 413 22.24 -15.71 -3.88
C ALA D 413 21.43 -14.55 -3.33
N LEU D 414 20.89 -13.70 -4.21
CA LEU D 414 20.01 -12.64 -3.73
C LEU D 414 18.71 -13.21 -3.18
N ALA D 415 18.11 -14.17 -3.87
CA ALA D 415 16.84 -14.72 -3.41
C ALA D 415 17.00 -15.54 -2.13
N GLN D 416 18.14 -16.21 -1.95
CA GLN D 416 18.39 -16.95 -0.72
C GLN D 416 18.47 -16.03 0.49
N ARG D 417 18.95 -14.80 0.31
CA ARG D 417 19.01 -13.81 1.38
C ARG D 417 17.73 -12.99 1.51
N GLY D 418 16.76 -13.18 0.60
CA GLY D 418 15.53 -12.41 0.60
C GLY D 418 15.64 -10.96 0.18
N ILE D 419 16.75 -10.54 -0.43
CA ILE D 419 16.92 -9.15 -0.84
C ILE D 419 15.96 -8.82 -1.99
N LEU D 420 15.41 -7.59 -1.96
CA LEU D 420 14.42 -7.16 -2.95
C LEU D 420 14.75 -5.85 -3.64
N GLU D 421 15.56 -4.99 -3.03
CA GLU D 421 15.80 -3.64 -3.53
C GLU D 421 17.29 -3.35 -3.36
N LEU D 422 17.98 -3.05 -4.46
CA LEU D 422 19.41 -2.79 -4.41
C LEU D 422 19.73 -1.33 -4.66
N HIS D 423 20.71 -0.82 -3.92
CA HIS D 423 21.20 0.54 -4.10
C HIS D 423 22.70 0.49 -4.26
N ALA D 424 23.19 0.99 -5.40
CA ALA D 424 24.61 0.98 -5.70
C ALA D 424 25.21 2.36 -5.48
N ASP D 425 26.50 2.38 -5.17
CA ASP D 425 27.25 3.63 -5.02
C ASP D 425 27.57 4.13 -6.42
N GLU D 426 26.77 5.04 -6.94
CA GLU D 426 26.95 5.39 -8.34
C GLU D 426 28.10 6.37 -8.54
N HIS D 427 28.16 7.42 -7.72
CA HIS D 427 29.21 8.43 -7.81
C HIS D 427 30.03 8.40 -6.52
N PRO D 428 31.09 7.60 -6.47
CA PRO D 428 31.80 7.41 -5.21
C PRO D 428 32.78 8.54 -4.92
N TYR D 429 33.00 8.75 -3.63
CA TYR D 429 33.96 9.73 -3.15
C TYR D 429 34.47 9.25 -1.80
N ALA D 430 35.67 9.72 -1.43
CA ALA D 430 36.36 9.23 -0.24
C ALA D 430 35.75 9.86 1.02
N ALA D 431 35.98 9.22 2.17
CA ALA D 431 35.39 9.66 3.43
C ALA D 431 35.84 11.08 3.78
N ARG D 432 34.90 12.01 3.83
CA ARG D 432 35.25 13.37 4.21
C ARG D 432 35.53 13.52 5.73
N TYR D 433 35.04 12.61 6.57
CA TYR D 433 35.09 12.88 8.00
C TYR D 433 36.18 12.10 8.74
N TYR D 434 36.74 11.07 8.12
CA TYR D 434 37.48 10.05 8.84
C TYR D 434 38.78 10.59 9.43
N THR D 435 39.11 10.10 10.63
CA THR D 435 40.44 10.27 11.21
C THR D 435 40.77 8.99 11.99
N ALA D 436 41.91 8.38 11.68
CA ALA D 436 42.27 7.09 12.25
C ALA D 436 43.07 7.20 13.56
N VAL D 437 42.95 8.32 14.27
CA VAL D 437 43.67 8.55 15.53
C VAL D 437 42.73 9.19 16.55
N SER D 438 42.77 8.69 17.79
CA SER D 438 41.78 9.00 18.84
C SER D 438 41.88 10.40 19.42
N ASP D 439 43.02 11.10 19.24
CA ASP D 439 43.23 12.41 19.84
C ASP D 439 44.05 13.22 18.86
N PRO D 440 43.80 14.53 18.71
CA PRO D 440 44.58 15.32 17.75
C PRO D 440 46.09 15.37 18.05
N SER D 441 46.51 15.04 19.28
CA SER D 441 47.92 15.09 19.67
C SER D 441 48.77 14.02 19.00
N PHE D 442 48.16 13.04 18.33
CA PHE D 442 48.90 12.00 17.58
C PHE D 442 48.66 12.08 16.07
C1 EDO E . 9.95 56.27 -27.83
O1 EDO E . 11.14 56.90 -27.32
C2 EDO E . 10.36 55.29 -28.92
O2 EDO E . 11.43 54.50 -28.39
C1 EDO F . 9.10 40.64 -25.77
O1 EDO F . 9.94 40.26 -26.85
C2 EDO F . 8.73 39.53 -24.80
O2 EDO F . 8.39 38.32 -25.48
C1 EDO G . 6.12 42.53 -25.63
O1 EDO G . 5.67 43.72 -26.29
C2 EDO G . 7.02 42.97 -24.48
O2 EDO G . 8.25 43.47 -25.00
C1 NAG H . 4.42 40.22 -31.18
C2 NAG H . 5.46 41.33 -31.10
C3 NAG H . 6.51 40.97 -30.06
C4 NAG H . 5.87 40.62 -28.73
C5 NAG H . 4.71 39.62 -28.89
C6 NAG H . 3.89 39.46 -27.64
C7 NAG H . 5.80 42.65 -33.15
C8 NAG H . 6.51 42.75 -34.46
N2 NAG H . 6.08 41.58 -32.40
O1 NAG H . 3.44 40.50 -32.13
O3 NAG H . 7.40 42.08 -29.89
O4 NAG H . 6.86 40.05 -27.88
O5 NAG H . 3.80 40.06 -29.91
O6 NAG H . 3.18 38.21 -27.64
O7 NAG H . 4.99 43.51 -32.78
S SO4 I . -9.74 57.15 -13.42
O1 SO4 I . -9.04 57.80 -14.53
O2 SO4 I . -10.20 55.82 -13.83
O3 SO4 I . -8.79 57.02 -12.32
O4 SO4 I . -10.89 57.94 -12.99
S SO4 J . -12.21 41.52 -8.33
O1 SO4 J . -10.78 41.26 -8.33
O2 SO4 J . -12.66 41.83 -9.69
O3 SO4 J . -12.90 40.33 -7.85
O4 SO4 J . -12.50 42.65 -7.46
S SO4 K . -23.78 25.98 -26.49
O1 SO4 K . -22.54 25.76 -27.25
O2 SO4 K . -24.77 26.59 -27.38
O3 SO4 K . -24.28 24.68 -26.03
O4 SO4 K . -23.51 26.86 -25.36
C1 NAG L . -30.71 10.09 12.36
C2 NAG L . -31.13 11.52 12.72
C3 NAG L . -32.17 12.02 11.72
C4 NAG L . -31.64 11.90 10.29
C5 NAG L . -31.18 10.47 10.03
C6 NAG L . -30.55 10.27 8.68
C7 NAG L . -30.91 12.06 15.12
C8 NAG L . -31.60 12.07 16.45
N2 NAG L . -31.64 11.60 14.08
O1 NAG L . -29.74 9.62 13.23
O3 NAG L . -32.51 13.36 12.01
O4 NAG L . -32.67 12.25 9.36
O5 NAG L . -30.21 10.05 11.00
O6 NAG L . -30.29 8.89 8.47
O7 NAG L . -29.75 12.44 14.98
C1 EDO M . -31.09 15.32 7.08
O1 EDO M . -31.82 16.25 7.89
C2 EDO M . -30.18 14.44 7.95
O2 EDO M . -29.76 15.18 9.09
C1 EDO N . -34.68 14.29 7.76
O1 EDO N . -34.72 13.64 9.05
C2 EDO N . -34.06 13.40 6.70
O2 EDO N . -34.71 12.12 6.67
C1 EDO O . -51.83 22.48 7.46
O1 EDO O . -51.45 23.35 6.34
C2 EDO O . -52.51 23.11 8.72
O2 EDO O . -53.93 23.29 8.53
S SO4 P . -54.36 29.32 3.11
O1 SO4 P . -53.62 30.42 2.50
O2 SO4 P . -55.30 28.76 2.13
O3 SO4 P . -53.45 28.25 3.53
O4 SO4 P . -55.08 29.82 4.27
S SO4 Q . -24.60 27.84 2.52
O1 SO4 Q . -25.67 26.93 2.14
O2 SO4 Q . -24.56 28.96 1.58
O3 SO4 Q . -23.32 27.14 2.49
O4 SO4 Q . -24.84 28.34 3.87
C1 EDO R . -13.68 -29.24 31.54
O1 EDO R . -13.30 -28.12 30.75
C2 EDO R . -15.05 -29.74 31.09
O2 EDO R . -15.15 -31.12 31.43
C1 EDO S . 8.66 -31.46 23.95
O1 EDO S . 9.27 -31.98 22.76
C2 EDO S . 7.17 -31.41 23.70
O2 EDO S . 6.93 -30.91 22.39
C1 EDO T . -13.92 -46.99 24.74
O1 EDO T . -13.06 -48.00 25.27
C2 EDO T . -14.29 -47.43 23.33
O2 EDO T . -13.29 -46.96 22.42
C1 NAG U . -9.08 -46.20 -2.00
C2 NAG U . -8.76 -47.30 -0.99
C3 NAG U . -8.52 -46.72 0.41
C4 NAG U . -7.60 -45.49 0.38
C5 NAG U . -7.96 -44.54 -0.76
C6 NAG U . -6.90 -43.47 -0.97
C7 NAG U . -9.66 -49.60 -1.03
C8 NAG U . -10.89 -50.45 -0.93
N2 NAG U . -9.84 -48.28 -0.93
O1 NAG U . -9.15 -46.75 -3.28
O3 NAG U . -7.91 -47.70 1.24
O4 NAG U . -7.74 -44.83 1.63
O5 NAG U . -8.06 -45.25 -2.00
O6 NAG U . -7.41 -42.38 -1.71
O7 NAG U . -8.55 -50.08 -1.21
C1 EDO V . -4.06 -45.25 1.80
O1 EDO V . -4.00 -46.60 1.35
C2 EDO V . -3.34 -45.14 3.14
O2 EDO V . -3.85 -46.15 4.01
C1 EDO W . -6.17 -43.09 4.06
O1 EDO W . -7.32 -42.23 3.92
C2 EDO W . -6.52 -44.30 4.92
O2 EDO W . -7.61 -45.06 4.34
S SO4 X . 14.24 -31.63 -8.99
O1 SO4 X . 14.22 -30.84 -10.22
O2 SO4 X . 12.87 -31.97 -8.61
O3 SO4 X . 15.00 -32.85 -9.22
O4 SO4 X . 14.84 -30.84 -7.91
S SO4 Y . 10.21 -49.54 7.06
O1 SO4 Y . 10.56 -49.73 5.65
O2 SO4 Y . 9.06 -48.65 7.19
O3 SO4 Y . 9.90 -50.84 7.63
O4 SO4 Y . 11.35 -48.92 7.78
S SO4 Z . -4.13 -27.09 -26.91
O1 SO4 Z . -4.38 -28.16 -27.88
O2 SO4 Z . -4.66 -25.82 -27.41
O3 SO4 Z . -2.69 -26.99 -26.66
O4 SO4 Z . -4.82 -27.40 -25.67
C1 EDO AA . 2.31 -56.62 23.01
O1 EDO AA . 1.45 -55.88 22.12
C2 EDO AA . 3.30 -57.48 22.22
O2 EDO AA . 3.45 -58.75 22.88
C1 EDO BA . 0.92 -54.32 18.98
O1 EDO BA . 1.50 -53.17 18.30
C2 EDO BA . 1.91 -55.49 19.15
O2 EDO BA . 2.40 -55.99 17.89
C1 EDO CA . 50.43 -10.40 34.31
O1 EDO CA . 51.85 -10.55 34.44
C2 EDO CA . 50.08 -10.32 32.83
O2 EDO CA . 49.94 -8.95 32.41
C1 EDO DA . 14.39 7.02 20.48
O1 EDO DA . 14.87 7.58 19.24
C2 EDO DA . 14.43 5.50 20.37
O2 EDO DA . 15.76 5.03 20.09
C1 NAG EA . 43.23 4.29 17.82
C2 NAG EA . 43.68 4.71 19.22
C3 NAG EA . 43.25 3.67 20.26
C4 NAG EA . 41.78 3.32 20.11
C5 NAG EA . 41.36 3.07 18.66
C6 NAG EA . 39.85 3.01 18.49
C7 NAG EA . 45.76 6.03 18.90
C8 NAG EA . 47.23 6.05 19.10
N2 NAG EA . 45.13 4.91 19.29
O1 NAG EA . 43.59 5.26 16.88
O3 NAG EA . 43.53 4.20 21.55
O4 NAG EA . 41.52 2.12 20.85
O5 NAG EA . 41.81 4.12 17.80
O6 NAG EA . 39.44 1.84 17.80
O7 NAG EA . 45.16 6.98 18.41
C1 EDO FA . 39.45 3.34 24.00
O1 EDO FA . 40.55 3.23 24.91
C2 EDO FA . 39.81 4.36 22.95
O2 EDO FA . 39.56 5.64 23.54
C1 EDO GA . 40.48 0.26 23.12
O1 EDO GA . 40.65 -0.88 22.29
C2 EDO GA . 41.75 0.51 23.96
O2 EDO GA . 42.83 0.79 23.06
C1 EDO HA . 53.98 -10.22 38.08
O1 EDO HA . 54.73 -11.34 37.60
C2 EDO HA . 53.78 -9.29 36.89
O2 EDO HA . 53.65 -10.15 35.75
C1 EDO IA . 49.22 -16.34 40.61
O1 EDO IA . 50.28 -16.24 41.56
C2 EDO IA . 47.97 -15.69 41.18
O2 EDO IA . 47.76 -16.20 42.50
C1 EDO JA . 46.42 5.44 42.48
O1 EDO JA . 45.38 6.43 42.39
C2 EDO JA . 45.89 4.00 42.32
O2 EDO JA . 44.89 3.81 41.28
C1 EDO KA . 47.88 5.21 47.13
O1 EDO KA . 47.67 6.52 47.69
C2 EDO KA . 46.81 4.91 46.06
O2 EDO KA . 47.30 3.92 45.14
S SO4 LA . 32.98 10.39 35.90
O1 SO4 LA . 32.46 11.44 35.01
O2 SO4 LA . 33.34 9.25 35.08
O3 SO4 LA . 31.96 10.04 36.90
O4 SO4 LA . 34.17 10.89 36.59
S SO4 MA . 20.98 4.64 -5.56
O1 SO4 MA . 21.70 5.84 -5.97
O2 SO4 MA . 20.32 4.04 -6.71
O3 SO4 MA . 21.92 3.68 -4.99
O4 SO4 MA . 20.00 5.03 -4.54
#